data_8TRV
#
_entry.id   8TRV
#
_cell.length_a   73.933
_cell.length_b   110.558
_cell.length_c   263.443
_cell.angle_alpha   90.000
_cell.angle_beta   90.000
_cell.angle_gamma   90.000
#
_symmetry.space_group_name_H-M   'P 21 2 21'
#
loop_
_entity.id
_entity.type
_entity.pdbx_description
1 polymer 'Ephrin type-A receptor 2'
2 polymer 'S1C variant of Fab_C1 heavy chain'
3 polymer 'S1C variant of Fab_C1 light chain'
4 non-polymer 'IODIDE ION'
5 non-polymer 'CHLORIDE ION'
6 non-polymer 'SODIUM ION'
7 non-polymer 1,2-ETHANEDIOL
#
loop_
_entity_poly.entity_id
_entity_poly.type
_entity_poly.pdbx_seq_one_letter_code
_entity_poly.pdbx_strand_id
1 'polypeptide(L)'
;AAQGKEVVLLDFAAAGGELGWLTHPYGKGWDLMQNIMNDMPIYMYSVCNVMSGDQDNWLRTNWVYRGEAERIFIELKFTV
RDCNSFPGGASSCKETFNLYYAESDLDYGTNFQKRLFTKIDTIAPDEITVSSDFEARHVKLNVEERSVGPLTRKGFYLAF
QDIGACVALLSVRVYYKKCPELLQGLAHFPETIAGSDAPSLATVAGTCVDHAVVPPGGEEPRMHCAVDGEWLVPIGQCLC
QAGYEKVEDACQACSPGFFKFEASESPCLECPEHTLPSPEGATSCECEEGFFRAPQDPASMPCTLVPR
;
A,B
2 'polypeptide(L)'
;EVQLVESGGGLVQPGGSLRLSCAASGFTIYYSSMHWVRQAPGKGLEWVASISSYYGYTYYADSVKGRFTISADTSKNTAY
LQMNSLRAEDTAVYYCARYYAMDYWGQGTLVTVSSASTKGPSVFPLAPSSKSTSGGTAALGCLVKDYFPEPVTVSWNSGA
LTSGVHTFPAVLQSSGLYSLSSVVTVPSSSLGTQTYICNVNHKPSNTKVDKKVEPKSCDKTHT
;
C,D
3 'polypeptide(L)'
;DIQMTQSPSSLSASVGDRVTITCRASQSVSSAVAWYQQKPGKAPKLLIYSASSLYSGVPSRFSGSRSGTDFTLTISSLQP
EDFATYYCQQYYGYGGYPITFGQGTKVEIKRTVAAPSVFIFPPSDEQLKSGTASVVCLLNNFYPREAKVSWYVDNALQSG
NSQESVTEQDSKDSTYSLSSTLTLSKADYEKHKVYACEVTQGTTSVTKSFNRGEC
;
G,E
#
loop_
_chem_comp.id
_chem_comp.type
_chem_comp.name
_chem_comp.formula
CL non-polymer 'CHLORIDE ION' 'Cl -1'
EDO non-polymer 1,2-ETHANEDIOL 'C2 H6 O2'
IOD non-polymer 'IODIDE ION' 'I -1'
NA non-polymer 'SODIUM ION' 'Na 1'
#
# COMPACT_ATOMS: atom_id res chain seq x y z
N LYS A 5 -3.93 32.99 33.76
CA LYS A 5 -2.58 33.42 33.44
C LYS A 5 -2.12 34.47 34.43
N GLU A 6 -0.81 34.52 34.67
CA GLU A 6 -0.17 35.47 35.56
C GLU A 6 0.72 36.37 34.71
N VAL A 7 0.74 37.67 35.02
CA VAL A 7 1.62 38.63 34.33
C VAL A 7 2.50 39.31 35.38
N VAL A 8 3.81 39.13 35.27
CA VAL A 8 4.74 39.63 36.28
C VAL A 8 5.11 41.07 35.94
N LEU A 9 5.08 41.94 36.94
CA LEU A 9 5.52 43.32 36.79
C LEU A 9 6.85 43.61 37.47
N LEU A 10 7.33 42.69 38.30
CA LEU A 10 8.60 42.88 38.98
C LEU A 10 9.05 41.53 39.50
N ASP A 11 10.29 41.19 39.24
CA ASP A 11 10.84 39.96 39.80
C ASP A 11 12.28 40.28 40.19
N PHE A 12 12.53 40.37 41.50
CA PHE A 12 13.87 40.68 41.96
C PHE A 12 14.82 39.54 41.65
N ALA A 13 14.32 38.30 41.73
CA ALA A 13 15.16 37.14 41.46
C ALA A 13 15.71 37.16 40.03
N ALA A 14 14.85 37.52 39.06
CA ALA A 14 15.28 37.56 37.66
C ALA A 14 16.35 38.62 37.40
N ALA A 15 16.20 39.80 38.00
CA ALA A 15 17.21 40.84 37.84
C ALA A 15 18.54 40.43 38.47
N GLY A 16 18.47 39.70 39.58
CA GLY A 16 19.66 39.24 40.26
C GLY A 16 20.51 40.35 40.83
N GLY A 17 19.89 41.25 41.61
CA GLY A 17 20.64 42.34 42.21
C GLY A 17 21.06 43.43 41.25
N GLU A 18 20.57 43.39 40.00
CA GLU A 18 20.79 44.51 39.08
C GLU A 18 19.92 45.70 39.44
N LEU A 19 18.73 45.43 39.98
CA LEU A 19 17.81 46.47 40.37
C LEU A 19 18.42 47.28 41.50
N GLY A 20 18.76 48.53 41.21
CA GLY A 20 19.29 49.40 42.24
C GLY A 20 18.20 50.07 43.04
N TRP A 21 17.52 49.29 43.89
CA TRP A 21 16.42 49.85 44.63
C TRP A 21 16.97 50.89 45.62
N LEU A 22 16.25 52.00 45.75
CA LEU A 22 16.63 53.10 46.64
C LEU A 22 16.32 52.80 48.11
N THR A 23 17.25 53.14 49.00
CA THR A 23 17.10 52.90 50.43
C THR A 23 17.19 54.23 51.16
N HIS A 24 16.20 54.52 52.06
CA HIS A 24 16.17 55.76 52.84
C HIS A 24 17.28 55.88 53.87
N PRO A 25 17.62 54.81 54.62
CA PRO A 25 18.87 54.85 55.38
C PRO A 25 20.02 54.72 54.39
N TYR A 26 20.43 55.84 53.78
CA TYR A 26 21.45 55.74 52.74
C TYR A 26 22.71 55.12 53.33
N GLY A 27 22.97 53.87 52.96
CA GLY A 27 24.07 53.09 53.49
C GLY A 27 23.91 52.61 54.92
N LYS A 28 24.54 51.47 55.23
CA LYS A 28 24.62 50.89 56.57
C LYS A 28 23.26 50.53 57.18
N GLY A 29 22.19 50.76 56.42
CA GLY A 29 20.83 50.43 56.85
C GLY A 29 20.33 49.35 55.92
N TRP A 30 19.25 49.62 55.21
CA TRP A 30 18.88 48.70 54.13
C TRP A 30 19.99 48.72 53.10
N ASP A 31 20.58 47.56 52.85
CA ASP A 31 21.63 47.50 51.86
C ASP A 31 21.58 46.17 51.13
N LEU A 32 22.03 46.19 49.89
CA LEU A 32 22.08 45.00 49.05
C LEU A 32 23.37 44.24 49.32
N MET A 33 23.25 42.92 49.42
CA MET A 33 24.44 42.12 49.62
C MET A 33 24.38 40.88 48.74
N GLN A 34 25.55 40.39 48.38
CA GLN A 34 25.73 39.17 47.63
C GLN A 34 26.20 38.06 48.54
N ASN A 35 25.55 36.91 48.43
CA ASN A 35 25.91 35.78 49.29
C ASN A 35 25.66 34.51 48.48
N ILE A 36 26.67 34.08 47.72
CA ILE A 36 26.54 32.86 46.93
C ILE A 36 26.60 31.71 47.92
N MET A 37 25.45 31.20 48.32
CA MET A 37 25.36 30.22 49.41
C MET A 37 24.93 28.84 48.93
N ASN A 38 25.00 28.58 47.62
CA ASN A 38 24.33 27.41 47.05
C ASN A 38 25.12 26.72 45.94
N PRO A 41 24.91 31.38 42.54
CA PRO A 41 24.79 32.60 43.35
C PRO A 41 23.33 33.13 43.51
N ILE A 42 23.00 33.46 44.75
CA ILE A 42 21.68 33.96 45.15
C ILE A 42 21.85 35.32 45.82
N TYR A 43 21.19 36.34 45.29
CA TYR A 43 21.30 37.69 45.84
C TYR A 43 20.18 37.93 46.87
N MET A 44 20.43 38.87 47.79
CA MET A 44 19.45 39.18 48.82
C MET A 44 19.77 40.51 49.47
N TYR A 45 18.71 41.27 49.77
CA TYR A 45 18.83 42.51 50.55
C TYR A 45 18.72 42.20 52.04
N SER A 46 19.74 42.57 52.84
CA SER A 46 19.70 42.27 54.28
C SER A 46 20.11 43.48 55.10
N CYS A 48 20.21 44.27 59.32
CA CYS A 48 20.60 43.60 60.55
C CYS A 48 21.02 44.59 61.66
N ASN A 49 20.22 45.65 61.87
CA ASN A 49 20.51 46.68 62.88
C ASN A 49 19.43 46.64 63.96
N VAL A 50 19.67 45.85 65.01
CA VAL A 50 18.71 45.76 66.11
C VAL A 50 19.02 46.73 67.24
N MET A 51 20.31 47.04 67.49
CA MET A 51 20.75 47.87 68.60
C MET A 51 20.24 49.31 68.51
N SER A 52 19.68 49.72 67.38
CA SER A 52 19.08 51.03 67.21
C SER A 52 17.60 50.94 67.56
N GLY A 53 17.23 51.53 68.71
CA GLY A 53 15.92 51.39 69.31
C GLY A 53 14.75 51.85 68.47
N ASP A 54 14.69 53.14 68.16
CA ASP A 54 13.63 53.71 67.33
C ASP A 54 14.26 53.99 65.97
N GLN A 55 14.19 52.99 65.07
CA GLN A 55 14.81 53.06 63.77
C GLN A 55 13.73 53.13 62.68
N ASP A 56 14.08 53.77 61.57
CA ASP A 56 13.17 54.05 60.45
C ASP A 56 13.78 53.60 59.13
N ASN A 57 14.19 52.33 59.05
CA ASN A 57 14.82 51.79 57.86
C ASN A 57 13.78 51.41 56.80
N TRP A 58 13.90 52.03 55.62
CA TRP A 58 12.97 51.87 54.51
C TRP A 58 13.74 51.40 53.27
N LEU A 59 13.07 50.67 52.39
CA LEU A 59 13.63 50.17 51.12
C LEU A 59 12.57 50.26 50.04
N ARG A 60 12.73 51.19 49.10
CA ARG A 60 11.79 51.36 48.00
C ARG A 60 12.24 50.58 46.77
N THR A 61 11.26 50.10 45.98
CA THR A 61 11.57 49.39 44.75
C THR A 61 11.52 50.37 43.58
N ASN A 62 11.70 49.85 42.38
CA ASN A 62 11.68 50.75 41.26
C ASN A 62 10.24 51.07 40.89
N TRP A 63 10.07 52.09 40.07
CA TRP A 63 8.72 52.49 39.68
C TRP A 63 8.14 51.49 38.69
N VAL A 64 7.49 50.46 39.22
CA VAL A 64 6.87 49.48 38.37
C VAL A 64 5.63 50.09 37.72
N TYR A 65 5.58 50.05 36.39
CA TYR A 65 4.49 50.63 35.63
C TYR A 65 3.22 49.79 35.76
N ARG A 66 2.14 50.44 36.19
CA ARG A 66 0.90 49.70 36.45
C ARG A 66 0.33 49.07 35.19
N GLY A 67 0.40 49.77 34.06
CA GLY A 67 -0.17 49.20 32.84
C GLY A 67 -1.67 49.02 32.94
N GLU A 68 -2.11 47.79 32.71
CA GLU A 68 -3.53 47.47 32.71
C GLU A 68 -4.00 46.76 33.99
N ALA A 69 -3.11 46.58 34.96
CA ALA A 69 -3.44 45.76 36.12
C ALA A 69 -4.47 46.46 37.01
N GLU A 70 -5.23 45.64 37.73
CA GLU A 70 -6.20 46.19 38.66
C GLU A 70 -5.92 45.77 40.09
N ARG A 71 -5.56 44.51 40.31
CA ARG A 71 -5.13 44.02 41.62
C ARG A 71 -3.84 43.25 41.45
N ILE A 72 -2.83 43.62 42.23
CA ILE A 72 -1.50 43.03 42.13
C ILE A 72 -1.22 42.12 43.31
N PHE A 73 -0.31 41.17 43.08
CA PHE A 73 0.06 40.17 44.08
C PHE A 73 1.56 40.22 44.33
N ILE A 74 1.95 40.18 45.61
CA ILE A 74 3.36 40.25 46.01
C ILE A 74 3.77 38.92 46.63
N GLU A 75 4.78 38.27 46.03
CA GLU A 75 5.30 37.00 46.51
C GLU A 75 6.70 37.22 47.12
N LEU A 76 6.86 36.82 48.38
CA LEU A 76 8.08 37.09 49.14
C LEU A 76 8.74 35.79 49.53
N LYS A 77 10.07 35.70 49.32
CA LYS A 77 10.92 34.62 49.80
C LYS A 77 11.99 35.25 50.67
N PHE A 78 12.11 34.79 51.91
CA PHE A 78 12.97 35.52 52.85
C PHE A 78 13.43 34.60 53.97
N THR A 79 14.45 35.06 54.70
CA THR A 79 15.03 34.40 55.87
C THR A 79 15.07 35.43 57.01
N VAL A 80 15.09 34.94 58.25
CA VAL A 80 14.94 35.78 59.44
C VAL A 80 15.86 35.31 60.56
N ARG A 81 16.02 36.19 61.57
CA ARG A 81 16.83 35.95 62.76
C ARG A 81 15.96 35.78 64.01
N ASP A 82 16.59 35.26 65.08
CA ASP A 82 15.87 34.92 66.31
C ASP A 82 15.62 36.09 67.26
N CYS A 83 16.47 37.11 67.23
CA CYS A 83 16.37 38.31 68.06
C CYS A 83 16.68 38.04 69.53
N ASN A 84 16.79 36.77 69.91
CA ASN A 84 17.22 36.40 71.24
C ASN A 84 18.46 35.53 71.24
N SER A 85 18.85 34.98 70.09
CA SER A 85 20.12 34.27 69.98
C SER A 85 21.30 35.20 70.23
N PHE A 86 21.26 36.43 69.70
CA PHE A 86 22.29 37.41 70.02
C PHE A 86 21.76 38.41 71.03
N PRO A 87 22.24 38.38 72.28
CA PRO A 87 21.72 39.31 73.29
C PRO A 87 22.37 40.69 73.19
N CYS A 93 14.80 44.67 69.94
CA CYS A 93 14.86 43.65 68.90
C CYS A 93 13.46 43.07 68.61
N LYS A 94 13.08 43.05 67.32
CA LYS A 94 11.79 42.51 66.86
C LYS A 94 11.97 41.76 65.54
N GLU A 95 10.88 41.17 65.04
CA GLU A 95 10.88 40.38 63.81
C GLU A 95 9.74 40.72 62.84
N THR A 96 8.74 41.49 63.27
CA THR A 96 7.53 41.77 62.50
C THR A 96 7.81 42.81 61.43
N PHE A 97 8.39 42.35 60.33
CA PHE A 97 8.68 43.21 59.20
C PHE A 97 7.39 43.73 58.56
N ASN A 98 7.44 44.97 58.05
CA ASN A 98 6.25 45.66 57.55
C ASN A 98 6.39 45.93 56.05
N LEU A 99 5.32 45.66 55.29
CA LEU A 99 5.25 45.92 53.86
C LEU A 99 4.38 47.15 53.58
N TYR A 100 4.79 47.97 52.61
CA TYR A 100 4.07 49.19 52.25
C TYR A 100 3.94 49.29 50.73
N TYR A 101 3.26 50.35 50.27
CA TYR A 101 3.07 50.58 48.84
C TYR A 101 2.63 52.02 48.60
N ALA A 102 2.98 52.55 47.43
CA ALA A 102 2.59 53.90 47.02
C ALA A 102 1.88 53.87 45.67
N GLU A 103 0.71 54.53 45.59
CA GLU A 103 -0.04 54.65 44.33
C GLU A 103 0.17 56.05 43.73
N SER A 104 1.28 56.21 43.00
CA SER A 104 1.66 57.48 42.41
C SER A 104 1.35 57.51 40.91
N ASP A 105 1.69 58.62 40.27
CA ASP A 105 1.39 58.79 38.86
C ASP A 105 2.64 59.11 38.02
N LEU A 106 3.75 59.51 38.63
CA LEU A 106 5.00 59.81 37.94
C LEU A 106 6.17 59.21 38.71
N ASP A 107 7.24 58.86 37.99
CA ASP A 107 8.47 58.31 38.58
C ASP A 107 9.29 59.45 39.20
N TYR A 108 9.13 59.67 40.52
CA TYR A 108 9.91 60.73 41.17
C TYR A 108 11.39 60.36 41.28
N GLY A 109 11.71 59.16 41.79
CA GLY A 109 13.07 58.62 41.77
C GLY A 109 13.97 58.61 42.99
N THR A 110 14.13 59.76 43.65
CA THR A 110 14.92 59.86 44.87
C THR A 110 14.09 60.60 45.91
N ASN A 111 12.87 60.10 46.12
CA ASN A 111 11.82 60.81 46.87
C ASN A 111 11.16 59.90 47.93
N PHE A 112 11.97 59.34 48.83
CA PHE A 112 11.46 58.49 49.89
C PHE A 112 10.64 59.29 50.90
N GLN A 113 9.43 59.67 50.48
CA GLN A 113 8.42 60.32 51.33
C GLN A 113 7.59 59.25 52.04
N LYS A 114 8.04 58.88 53.25
CA LYS A 114 7.37 57.85 54.04
C LYS A 114 5.96 58.25 54.48
N ARG A 115 5.63 59.54 54.40
CA ARG A 115 4.35 60.04 54.88
C ARG A 115 3.18 59.40 54.15
N LEU A 116 3.36 58.99 52.88
CA LEU A 116 2.27 58.43 52.08
C LEU A 116 2.63 57.04 51.56
N PHE A 117 2.41 56.00 52.41
CA PHE A 117 2.71 54.65 51.99
C PHE A 117 1.80 53.53 52.51
N THR A 118 0.72 53.82 53.25
CA THR A 118 -0.40 52.89 53.45
C THR A 118 0.01 51.44 53.73
N LYS A 119 0.62 51.18 54.89
CA LYS A 119 1.14 49.85 55.24
C LYS A 119 0.21 48.70 54.90
N ILE A 120 0.77 47.69 54.17
CA ILE A 120 0.12 46.39 53.97
C ILE A 120 0.35 45.55 55.22
N ASP A 121 -0.43 44.47 55.38
CA ASP A 121 -0.34 43.61 56.57
C ASP A 121 1.12 43.28 56.88
N THR A 122 1.46 43.28 58.18
CA THR A 122 2.82 43.10 58.71
C THR A 122 3.32 41.69 58.42
N ILE A 123 4.17 41.54 57.41
CA ILE A 123 4.61 40.22 56.98
C ILE A 123 5.39 39.55 58.11
N ALA A 124 5.15 38.27 58.29
CA ALA A 124 5.86 37.51 59.28
C ALA A 124 6.35 36.20 58.70
N PRO A 125 7.47 35.69 59.19
CA PRO A 125 7.95 34.38 58.75
C PRO A 125 7.18 33.24 59.42
N ASP A 126 7.43 32.05 58.90
CA ASP A 126 6.98 30.80 59.48
C ASP A 126 8.17 29.85 59.43
N GLU A 127 7.92 28.56 59.62
CA GLU A 127 8.98 27.55 59.52
C GLU A 127 10.13 27.79 60.49
N ILE A 128 11.30 28.20 59.99
CA ILE A 128 12.52 28.27 60.79
C ILE A 128 13.10 29.69 60.75
N THR A 129 13.56 30.16 61.91
CA THR A 129 14.24 31.43 62.09
C THR A 129 15.74 31.21 61.90
N VAL A 130 16.57 32.16 62.36
CA VAL A 130 18.02 32.16 62.14
C VAL A 130 18.65 30.77 62.21
N SER A 131 18.16 29.91 63.12
CA SER A 131 18.67 28.55 63.27
C SER A 131 20.19 28.52 63.41
N SER A 132 20.84 27.97 62.39
CA SER A 132 22.27 28.14 62.14
C SER A 132 22.44 28.61 60.70
N ASP A 133 23.23 29.66 60.50
CA ASP A 133 23.28 30.34 59.20
C ASP A 133 23.72 29.44 58.05
N PHE A 134 24.95 28.94 58.10
CA PHE A 134 25.50 28.08 57.06
C PHE A 134 26.22 26.85 57.58
N GLU A 135 26.59 26.80 58.87
CA GLU A 135 27.43 25.73 59.42
C GLU A 135 26.62 24.49 59.77
N ALA A 136 25.62 24.64 60.65
CA ALA A 136 24.87 23.45 61.11
C ALA A 136 23.42 23.52 60.63
N ARG A 137 23.18 24.16 59.48
CA ARG A 137 21.80 24.18 58.93
C ARG A 137 22.02 24.82 57.55
N HIS A 138 21.25 24.36 56.55
CA HIS A 138 21.28 25.01 55.20
C HIS A 138 19.77 25.19 54.86
N LYS A 140 16.13 26.55 54.66
CA LYS A 140 14.77 26.62 54.07
C LYS A 140 14.21 28.03 54.28
N LEU A 141 13.43 28.55 53.32
CA LEU A 141 12.96 29.95 53.42
C LEU A 141 11.45 30.02 53.63
N ASN A 142 10.90 31.23 53.56
CA ASN A 142 9.48 31.45 53.72
C ASN A 142 8.90 32.09 52.45
N VAL A 143 7.89 31.44 51.86
CA VAL A 143 7.18 31.95 50.68
C VAL A 143 5.83 32.48 51.15
N GLU A 144 5.73 33.78 51.43
CA GLU A 144 4.46 34.36 51.83
C GLU A 144 3.98 35.44 50.86
N GLU A 145 2.69 35.37 50.54
CA GLU A 145 2.13 36.22 49.50
C GLU A 145 0.95 37.02 50.03
N ARG A 146 0.89 38.28 49.62
CA ARG A 146 -0.17 39.20 49.95
C ARG A 146 -0.55 39.96 48.69
N SER A 147 -1.58 40.80 48.80
CA SER A 147 -2.06 41.51 47.62
C SER A 147 -2.80 42.78 48.03
N VAL A 148 -2.82 43.73 47.09
CA VAL A 148 -3.41 45.04 47.31
C VAL A 148 -4.26 45.42 46.11
N GLY A 149 -5.21 46.32 46.34
CA GLY A 149 -6.02 46.86 45.27
C GLY A 149 -7.37 47.35 45.75
N PRO A 150 -8.18 47.90 44.81
CA PRO A 150 -7.91 48.27 43.40
C PRO A 150 -7.00 49.48 43.16
N LEU A 151 -6.09 49.38 42.20
CA LEU A 151 -5.12 50.43 41.86
C LEU A 151 -5.64 51.25 40.69
N THR A 152 -5.64 52.58 40.83
CA THR A 152 -6.24 53.45 39.83
C THR A 152 -5.29 54.49 39.24
N ARG A 153 -4.05 54.58 39.70
CA ARG A 153 -3.11 55.58 39.21
C ARG A 153 -2.19 54.91 38.19
N LYS A 154 -1.65 55.72 37.27
CA LYS A 154 -0.85 55.14 36.19
C LYS A 154 0.39 54.41 36.70
N GLY A 155 0.97 54.86 37.82
CA GLY A 155 2.10 54.21 38.42
C GLY A 155 1.79 53.64 39.80
N PHE A 156 2.77 52.94 40.36
CA PHE A 156 2.66 52.38 41.70
C PHE A 156 4.05 51.89 42.14
N TYR A 157 4.34 52.05 43.43
CA TYR A 157 5.61 51.69 44.04
C TYR A 157 5.35 50.70 45.18
N LEU A 158 6.37 49.97 45.56
CA LEU A 158 6.27 49.11 46.72
C LEU A 158 7.50 49.29 47.58
N ALA A 159 7.30 49.17 48.91
CA ALA A 159 8.34 49.49 49.89
C ALA A 159 8.40 48.44 50.97
N PHE A 160 9.48 48.48 51.75
CA PHE A 160 9.68 47.59 52.89
C PHE A 160 10.28 48.39 54.04
N GLN A 161 9.69 48.29 55.23
CA GLN A 161 10.12 49.05 56.39
C GLN A 161 10.72 48.16 57.46
N ASP A 162 11.80 48.64 58.08
CA ASP A 162 12.54 47.92 59.11
C ASP A 162 12.60 48.79 60.37
N ILE A 163 12.12 48.25 61.49
CA ILE A 163 12.24 48.94 62.77
C ILE A 163 13.28 48.26 63.66
N GLY A 164 14.24 47.55 63.06
CA GLY A 164 15.16 46.77 63.85
C GLY A 164 15.08 45.26 63.77
N ALA A 165 15.09 44.68 62.57
CA ALA A 165 15.13 43.23 62.42
C ALA A 165 16.29 42.82 61.51
N CYS A 166 16.87 41.64 61.79
CA CYS A 166 17.93 41.03 60.97
C CYS A 166 17.32 40.09 59.95
N VAL A 167 16.89 40.67 58.84
CA VAL A 167 16.25 39.91 57.77
C VAL A 167 17.09 40.01 56.51
N ALA A 168 16.96 38.99 55.65
CA ALA A 168 17.57 38.96 54.33
C ALA A 168 16.52 38.43 53.36
N LEU A 169 16.11 39.25 52.39
CA LEU A 169 14.99 38.97 51.49
C LEU A 169 15.50 38.52 50.14
N LEU A 170 14.95 37.42 49.63
CA LEU A 170 15.54 36.74 48.49
C LEU A 170 14.77 36.97 47.19
N SER A 171 13.46 36.67 47.13
CA SER A 171 12.69 36.76 45.89
C SER A 171 11.49 37.67 46.11
N VAL A 172 11.44 38.77 45.36
CA VAL A 172 10.27 39.64 45.36
C VAL A 172 9.68 39.60 43.95
N ARG A 173 8.48 39.02 43.84
CA ARG A 173 7.75 38.93 42.58
C ARG A 173 6.43 39.66 42.70
N VAL A 174 6.14 40.56 41.78
CA VAL A 174 4.89 41.29 41.76
C VAL A 174 4.21 41.00 40.42
N TYR A 175 3.02 40.43 40.47
CA TYR A 175 2.32 39.96 39.28
C TYR A 175 0.84 40.23 39.41
N TYR A 176 0.14 40.29 38.26
CA TYR A 176 -1.31 40.41 38.27
C TYR A 176 -1.94 39.28 37.46
N LYS A 177 -3.26 39.09 37.65
CA LYS A 177 -3.98 37.94 37.12
C LYS A 177 -4.82 38.35 35.91
N LYS A 178 -4.89 37.47 34.91
CA LYS A 178 -5.71 37.69 33.72
C LYS A 178 -6.36 36.38 33.32
N CYS A 179 -7.52 36.48 32.66
CA CYS A 179 -8.17 35.29 32.14
C CYS A 179 -7.52 34.95 30.81
N PRO A 180 -7.07 33.72 30.63
CA PRO A 180 -6.34 33.40 29.40
C PRO A 180 -7.29 33.34 28.23
N GLU A 181 -6.72 33.39 27.04
CA GLU A 181 -7.49 33.09 25.85
C GLU A 181 -8.00 31.66 25.87
N LEU A 182 -9.19 31.43 25.34
CA LEU A 182 -9.57 30.03 25.14
C LEU A 182 -10.59 29.90 24.03
N LEU A 183 -10.71 28.68 23.51
CA LEU A 183 -11.62 28.35 22.45
C LEU A 183 -12.63 27.42 23.11
N GLN A 184 -13.81 27.94 23.42
CA GLN A 184 -14.88 27.13 23.98
C GLN A 184 -16.12 27.22 23.10
N GLY A 185 -16.72 26.05 22.85
CA GLY A 185 -17.99 25.98 22.16
C GLY A 185 -17.96 26.59 20.79
N LEU A 186 -16.88 26.34 20.05
CA LEU A 186 -16.67 26.85 18.69
C LEU A 186 -16.65 28.38 18.67
N ALA A 187 -16.22 29.00 19.77
CA ALA A 187 -16.12 30.45 19.80
C ALA A 187 -14.84 30.85 20.51
N HIS A 188 -14.29 31.99 20.10
CA HIS A 188 -13.01 32.47 20.59
C HIS A 188 -13.21 33.63 21.56
N PHE A 189 -12.72 33.46 22.78
CA PHE A 189 -12.78 34.49 23.81
C PHE A 189 -11.38 35.04 24.03
N PRO A 190 -11.17 36.34 23.89
CA PRO A 190 -9.83 36.90 24.04
C PRO A 190 -9.43 37.07 25.49
N GLU A 191 -8.13 37.33 25.66
CA GLU A 191 -7.52 37.56 26.97
C GLU A 191 -8.03 38.86 27.57
N THR A 192 -8.64 38.76 28.75
CA THR A 192 -9.27 39.89 29.42
C THR A 192 -8.67 40.07 30.82
N ILE A 193 -8.43 41.32 31.19
CA ILE A 193 -7.85 41.61 32.50
C ILE A 193 -8.79 41.19 33.59
N ALA A 194 -8.27 40.50 34.59
CA ALA A 194 -9.13 40.15 35.71
C ALA A 194 -9.49 41.39 36.51
N GLY A 195 -10.53 41.27 37.33
CA GLY A 195 -10.97 42.37 38.16
C GLY A 195 -10.20 42.43 39.46
N SER A 196 -10.70 43.28 40.34
CA SER A 196 -10.03 43.51 41.60
C SER A 196 -10.79 42.96 42.80
N ASP A 197 -12.07 43.23 42.91
CA ASP A 197 -12.85 42.86 44.08
C ASP A 197 -13.82 41.72 43.81
N ALA A 198 -14.07 40.93 44.87
CA ALA A 198 -14.78 39.64 44.78
C ALA A 198 -16.10 39.65 44.01
N PRO A 199 -17.01 40.62 44.17
CA PRO A 199 -18.26 40.57 43.39
C PRO A 199 -18.09 40.70 41.87
N SER A 200 -17.01 41.35 41.39
CA SER A 200 -16.91 41.77 40.00
C SER A 200 -16.72 40.59 39.05
N LEU A 201 -17.56 40.53 38.03
CA LEU A 201 -17.45 39.59 36.92
C LEU A 201 -17.33 40.40 35.64
N ALA A 202 -16.43 40.00 34.77
CA ALA A 202 -16.22 40.73 33.51
C ALA A 202 -16.86 39.88 32.41
N THR A 203 -18.07 40.25 32.01
CA THR A 203 -18.73 39.51 30.94
C THR A 203 -18.09 39.83 29.59
N VAL A 204 -17.67 38.79 28.86
CA VAL A 204 -16.90 38.92 27.60
C VAL A 204 -17.59 38.15 26.48
N ALA A 205 -17.79 38.81 25.33
CA ALA A 205 -18.47 38.18 24.20
C ALA A 205 -17.43 37.51 23.31
N GLY A 206 -17.79 36.33 22.80
CA GLY A 206 -16.87 35.56 21.99
C GLY A 206 -17.10 35.75 20.52
N THR A 207 -16.06 35.51 19.75
CA THR A 207 -16.12 35.58 18.30
C THR A 207 -16.13 34.15 17.76
N CYS A 208 -17.11 33.87 16.89
CA CYS A 208 -17.24 32.52 16.30
C CYS A 208 -15.95 32.20 15.53
N VAL A 209 -15.41 31.00 15.68
CA VAL A 209 -14.24 30.56 14.91
C VAL A 209 -14.65 30.47 13.45
N ASP A 210 -13.67 30.33 12.56
CA ASP A 210 -13.98 30.27 11.14
C ASP A 210 -14.95 29.14 10.84
N HIS A 211 -15.92 29.41 9.97
CA HIS A 211 -16.97 28.50 9.54
C HIS A 211 -17.96 28.17 10.66
N ALA A 212 -17.89 28.88 11.77
CA ALA A 212 -18.89 28.76 12.80
C ALA A 212 -19.88 29.93 12.70
N VAL A 213 -21.13 29.64 13.00
CA VAL A 213 -22.18 30.65 12.95
C VAL A 213 -23.06 30.45 14.18
N VAL A 214 -23.57 31.55 14.73
CA VAL A 214 -24.48 31.47 15.88
C VAL A 214 -25.84 30.92 15.43
N PRO A 215 -26.43 29.97 16.16
CA PRO A 215 -27.77 29.46 15.78
C PRO A 215 -28.79 30.57 15.76
N PRO A 216 -29.75 30.50 14.83
CA PRO A 216 -30.84 31.50 14.79
C PRO A 216 -31.54 31.74 16.13
N GLY A 217 -32.10 30.70 16.75
CA GLY A 217 -32.72 30.91 18.06
C GLY A 217 -31.88 30.60 19.29
N GLY A 218 -30.73 31.26 19.42
CA GLY A 218 -29.83 30.99 20.51
C GLY A 218 -28.99 32.20 20.82
N GLU A 219 -28.54 32.28 22.07
CA GLU A 219 -27.75 33.43 22.53
C GLU A 219 -26.37 33.43 21.91
N GLU A 220 -25.79 34.62 21.78
CA GLU A 220 -24.42 34.73 21.31
C GLU A 220 -23.49 34.19 22.40
N PRO A 221 -22.34 33.66 22.02
CA PRO A 221 -21.44 33.06 23.02
C PRO A 221 -20.96 34.08 24.04
N ARG A 222 -21.11 33.74 25.31
CA ARG A 222 -20.72 34.59 26.43
C ARG A 222 -19.88 33.81 27.41
N MET A 223 -18.84 34.46 27.92
CA MET A 223 -17.99 33.90 28.98
C MET A 223 -17.77 34.99 30.02
N HIS A 224 -17.62 34.58 31.27
CA HIS A 224 -17.45 35.52 32.37
C HIS A 224 -16.09 35.31 33.00
N CYS A 225 -15.35 36.39 33.17
CA CYS A 225 -13.99 36.38 33.70
C CYS A 225 -13.95 36.92 35.11
N ALA A 226 -13.46 36.12 36.05
CA ALA A 226 -13.51 36.47 37.46
C ALA A 226 -12.19 37.05 37.98
N VAL A 227 -12.24 37.57 39.21
CA VAL A 227 -11.08 38.22 39.81
C VAL A 227 -9.92 37.26 40.05
N ASP A 228 -10.18 35.97 40.15
CA ASP A 228 -9.13 34.99 40.31
C ASP A 228 -8.54 34.56 38.98
N GLY A 229 -8.83 35.28 37.90
CA GLY A 229 -8.32 34.95 36.58
C GLY A 229 -8.84 33.65 36.00
N GLU A 230 -10.15 33.40 36.13
CA GLU A 230 -10.75 32.16 35.66
C GLU A 230 -12.04 32.42 34.90
N TRP A 231 -12.26 31.64 33.85
CA TRP A 231 -13.52 31.68 33.11
C TRP A 231 -14.60 30.85 33.78
N LEU A 232 -15.84 31.37 33.78
CA LEU A 232 -16.98 30.75 34.45
C LEU A 232 -18.24 30.84 33.59
N VAL A 233 -19.13 29.85 33.76
CA VAL A 233 -20.47 29.82 33.14
C VAL A 233 -20.48 30.30 31.70
N PRO A 234 -20.08 29.47 30.74
CA PRO A 234 -20.24 29.82 29.34
C PRO A 234 -21.73 29.79 28.99
N ILE A 235 -22.18 30.81 28.26
CA ILE A 235 -23.57 30.93 27.83
C ILE A 235 -23.62 30.95 26.31
N GLY A 236 -24.48 30.11 25.73
CA GLY A 236 -24.58 30.07 24.29
C GLY A 236 -23.41 29.30 23.74
N GLN A 237 -23.39 29.14 22.42
CA GLN A 237 -22.33 28.39 21.74
C GLN A 237 -22.43 28.63 20.24
N CYS A 238 -21.29 28.71 19.58
CA CYS A 238 -21.35 28.77 18.10
C CYS A 238 -21.48 27.32 17.62
N LEU A 239 -21.88 27.10 16.37
CA LEU A 239 -22.05 25.79 15.77
C LEU A 239 -21.31 25.71 14.44
N CYS A 240 -20.70 24.54 14.19
CA CYS A 240 -20.15 24.24 12.88
C CYS A 240 -21.27 24.19 11.86
N GLN A 241 -21.08 24.85 10.73
CA GLN A 241 -22.18 24.99 9.80
C GLN A 241 -22.32 23.71 8.97
N ALA A 242 -23.21 23.76 7.96
CA ALA A 242 -23.37 22.63 7.06
C ALA A 242 -22.10 22.42 6.24
N GLY A 243 -21.73 21.14 6.06
CA GLY A 243 -20.48 20.77 5.44
C GLY A 243 -19.27 20.70 6.36
N TYR A 244 -19.43 20.98 7.66
CA TYR A 244 -18.32 20.98 8.61
C TYR A 244 -18.68 20.28 9.91
N GLU A 245 -17.66 19.76 10.61
CA GLU A 245 -17.88 19.07 11.87
C GLU A 245 -16.91 19.60 12.92
N LYS A 246 -17.27 19.37 14.19
CA LYS A 246 -16.43 19.84 15.28
C LYS A 246 -15.18 18.96 15.34
N VAL A 247 -14.02 19.59 15.31
CA VAL A 247 -12.74 18.90 15.54
C VAL A 247 -11.93 19.71 16.52
N GLU A 248 -11.54 19.07 17.63
CA GLU A 248 -10.90 19.75 18.76
C GLU A 248 -11.76 20.93 19.17
N ASP A 249 -11.32 22.14 18.88
CA ASP A 249 -12.15 23.33 19.11
C ASP A 249 -12.08 24.23 17.89
N ALA A 250 -12.18 23.63 16.70
CA ALA A 250 -12.26 24.38 15.46
C ALA A 250 -13.14 23.61 14.49
N CYS A 251 -13.63 24.31 13.46
CA CYS A 251 -14.50 23.69 12.48
C CYS A 251 -13.64 23.16 11.35
N GLN A 252 -13.90 21.91 10.97
CA GLN A 252 -13.14 21.18 9.97
C GLN A 252 -14.09 20.62 8.95
N ALA A 253 -13.71 20.71 7.68
CA ALA A 253 -14.58 20.30 6.58
C ALA A 253 -14.87 18.81 6.69
N CYS A 254 -16.04 18.40 6.21
CA CYS A 254 -16.37 16.98 6.26
C CYS A 254 -15.36 16.20 5.44
N SER A 255 -14.91 15.04 5.96
CA SER A 255 -14.01 14.23 5.15
C SER A 255 -14.73 13.69 3.91
N PRO A 256 -14.00 13.37 2.85
CA PRO A 256 -14.63 12.82 1.65
C PRO A 256 -15.39 11.54 1.92
N GLY A 257 -16.54 11.41 1.30
CA GLY A 257 -17.43 10.34 1.66
C GLY A 257 -18.31 10.65 2.83
N PHE A 258 -18.34 11.89 3.29
CA PHE A 258 -19.20 12.30 4.39
C PHE A 258 -19.90 13.61 4.00
N PHE A 259 -21.04 13.86 4.63
CA PHE A 259 -21.84 15.06 4.42
C PHE A 259 -22.37 15.56 5.76
N LYS A 260 -22.78 16.82 5.77
CA LYS A 260 -23.43 17.43 6.93
C LYS A 260 -24.61 18.25 6.41
N PHE A 261 -25.82 17.75 6.63
CA PHE A 261 -26.97 18.32 5.93
C PHE A 261 -27.27 19.72 6.42
N GLU A 262 -27.46 19.88 7.72
CA GLU A 262 -27.86 21.13 8.36
C GLU A 262 -26.70 21.62 9.20
N ALA A 263 -26.74 22.90 9.56
CA ALA A 263 -25.72 23.47 10.46
C ALA A 263 -26.14 23.11 11.88
N SER A 264 -25.48 22.14 12.50
CA SER A 264 -25.96 21.61 13.78
C SER A 264 -24.79 21.18 14.65
N GLU A 265 -25.11 20.53 15.75
CA GLU A 265 -24.06 19.99 16.60
C GLU A 265 -23.62 18.61 16.17
N SER A 266 -24.32 18.00 15.23
CA SER A 266 -24.00 16.64 14.85
C SER A 266 -22.65 16.60 14.13
N PRO A 267 -21.98 15.46 14.17
CA PRO A 267 -20.80 15.30 13.34
C PRO A 267 -21.24 15.08 11.91
N CYS A 268 -20.28 15.03 11.02
CA CYS A 268 -20.59 14.69 9.64
C CYS A 268 -21.21 13.31 9.61
N LEU A 269 -22.25 13.16 8.80
CA LEU A 269 -22.91 11.88 8.68
C LEU A 269 -22.27 11.10 7.53
N GLU A 270 -22.28 9.77 7.62
CA GLU A 270 -21.81 8.95 6.50
C GLU A 270 -22.81 9.01 5.36
N CYS A 271 -22.30 8.90 4.13
CA CYS A 271 -23.19 8.92 2.96
C CYS A 271 -24.17 7.76 3.04
N PRO A 272 -25.42 7.95 2.56
CA PRO A 272 -26.45 6.90 2.68
C PRO A 272 -26.40 5.84 1.58
N GLU A 273 -27.39 4.95 1.53
CA GLU A 273 -27.39 3.89 0.53
C GLU A 273 -27.49 4.46 -0.88
N HIS A 274 -26.83 3.77 -1.83
CA HIS A 274 -26.88 4.08 -3.26
C HIS A 274 -26.50 5.53 -3.58
N THR A 275 -25.34 5.96 -3.06
CA THR A 275 -24.85 7.30 -3.39
C THR A 275 -23.33 7.25 -3.60
N LEU A 276 -22.85 8.09 -4.52
CA LEU A 276 -21.43 8.07 -4.81
C LEU A 276 -20.66 8.88 -3.77
N PRO A 277 -19.42 8.49 -3.49
CA PRO A 277 -18.60 9.21 -2.50
C PRO A 277 -18.50 10.70 -2.79
N SER A 278 -18.76 11.48 -1.76
CA SER A 278 -18.82 12.93 -1.83
C SER A 278 -17.44 13.53 -1.75
N PRO A 279 -17.26 14.74 -2.25
CA PRO A 279 -15.97 15.43 -2.13
C PRO A 279 -15.80 16.00 -0.73
N GLU A 280 -14.62 16.59 -0.48
CA GLU A 280 -14.32 17.20 0.80
C GLU A 280 -15.31 18.31 1.12
N GLY A 281 -15.76 18.33 2.38
CA GLY A 281 -16.67 19.37 2.88
C GLY A 281 -18.03 19.35 2.21
N ALA A 282 -18.54 18.16 1.90
CA ALA A 282 -19.79 18.03 1.15
C ALA A 282 -21.00 18.41 2.01
N THR A 283 -22.00 19.00 1.34
CA THR A 283 -23.32 19.25 1.92
C THR A 283 -24.31 18.11 1.69
N SER A 284 -24.11 17.31 0.64
CA SER A 284 -24.98 16.19 0.35
C SER A 284 -24.25 15.22 -0.57
N CYS A 285 -24.66 13.95 -0.52
CA CYS A 285 -24.08 12.90 -1.36
C CYS A 285 -24.96 12.65 -2.58
N GLU A 286 -24.31 12.70 -3.75
CA GLU A 286 -25.02 12.60 -5.01
C GLU A 286 -25.57 11.19 -5.23
N CYS A 287 -26.76 11.12 -5.84
CA CYS A 287 -27.43 9.87 -6.17
C CYS A 287 -26.60 9.07 -7.19
N GLU A 288 -26.96 7.80 -7.35
CA GLU A 288 -26.11 6.89 -8.09
C GLU A 288 -26.38 7.08 -9.59
N GLU A 289 -25.71 6.27 -10.42
CA GLU A 289 -25.93 6.32 -11.87
C GLU A 289 -27.28 5.74 -12.24
N GLY A 290 -28.35 6.46 -11.93
CA GLY A 290 -29.70 5.96 -12.11
C GLY A 290 -30.62 6.13 -10.91
N PHE A 291 -30.13 5.86 -9.70
CA PHE A 291 -30.92 6.08 -8.49
C PHE A 291 -31.29 7.56 -8.31
N PHE A 292 -32.53 7.82 -7.88
CA PHE A 292 -33.01 9.18 -7.69
C PHE A 292 -33.51 9.34 -6.26
N ARG A 293 -33.63 10.59 -5.83
CA ARG A 293 -34.15 10.87 -4.51
C ARG A 293 -35.35 11.77 -4.64
N ALA A 294 -36.39 11.47 -3.86
CA ALA A 294 -37.64 12.22 -3.96
C ALA A 294 -37.39 13.70 -3.71
N PRO A 295 -38.01 14.59 -4.49
CA PRO A 295 -37.71 16.03 -4.34
C PRO A 295 -37.93 16.53 -2.93
N GLN A 296 -38.96 16.04 -2.25
CA GLN A 296 -39.28 16.48 -0.90
C GLN A 296 -38.33 15.88 0.15
N ASP A 297 -37.69 14.76 -0.16
CA ASP A 297 -36.88 14.08 0.84
C ASP A 297 -35.61 14.88 1.14
N PRO A 298 -35.16 14.88 2.38
CA PRO A 298 -33.94 15.61 2.73
C PRO A 298 -32.72 14.88 2.19
N ALA A 299 -31.58 15.57 2.20
CA ALA A 299 -30.36 14.94 1.71
C ALA A 299 -29.76 13.97 2.71
N SER A 300 -30.48 13.70 3.79
CA SER A 300 -30.08 12.72 4.78
C SER A 300 -30.64 11.37 4.41
N MET A 301 -31.64 11.37 3.56
CA MET A 301 -32.33 10.20 3.09
C MET A 301 -31.48 9.49 2.07
N PRO A 302 -31.56 8.17 2.00
CA PRO A 302 -30.87 7.40 0.96
C PRO A 302 -31.52 7.59 -0.41
N CYS A 303 -30.88 7.05 -1.45
CA CYS A 303 -31.46 7.15 -2.76
C CYS A 303 -32.32 5.90 -3.04
N THR A 304 -33.21 6.03 -4.03
CA THR A 304 -34.14 5.02 -4.48
C THR A 304 -34.02 4.93 -6.00
N LEU A 305 -34.32 3.76 -6.56
CA LEU A 305 -34.24 3.59 -8.00
C LEU A 305 -35.48 4.20 -8.68
N VAL A 306 -35.44 4.25 -10.02
CA VAL A 306 -36.49 4.95 -10.77
C VAL A 306 -37.27 3.95 -11.63
N PRO A 307 -38.30 3.28 -11.08
CA PRO A 307 -39.07 2.29 -11.85
C PRO A 307 -39.77 2.89 -13.06
N GLU B 1 -9.30 8.38 23.31
CA GLU B 1 -9.87 8.52 21.98
C GLU B 1 -10.94 7.46 21.68
N VAL B 2 -11.14 7.20 20.38
CA VAL B 2 -12.07 6.17 19.97
C VAL B 2 -11.46 4.81 20.25
N GLN B 3 -12.29 3.87 20.72
CA GLN B 3 -11.82 2.52 21.05
C GLN B 3 -12.98 1.52 20.92
N LEU B 4 -12.70 0.34 20.35
CA LEU B 4 -13.70 -0.73 20.22
C LEU B 4 -13.19 -2.02 20.85
N VAL B 5 -14.04 -2.65 21.66
CA VAL B 5 -13.70 -3.85 22.43
C VAL B 5 -14.67 -4.96 22.08
N GLU B 6 -14.16 -6.15 21.87
CA GLU B 6 -14.99 -7.27 21.43
C GLU B 6 -15.01 -8.35 22.50
N SER B 7 -16.05 -9.18 22.46
CA SER B 7 -16.18 -10.30 23.38
C SER B 7 -17.19 -11.29 22.80
N GLY B 8 -17.16 -12.51 23.31
CA GLY B 8 -18.18 -13.49 23.00
C GLY B 8 -17.72 -14.78 22.31
N GLY B 9 -16.48 -14.87 21.78
CA GLY B 9 -16.04 -16.03 21.03
C GLY B 9 -15.70 -17.30 21.84
N GLY B 10 -15.61 -18.40 21.11
CA GLY B 10 -15.27 -19.70 21.68
C GLY B 10 -15.76 -20.86 20.83
N LEU B 11 -15.64 -22.07 21.39
CA LEU B 11 -16.09 -23.28 20.72
C LEU B 11 -17.61 -23.37 20.64
N VAL B 12 -18.07 -24.06 19.62
CA VAL B 12 -19.48 -24.40 19.51
C VAL B 12 -19.61 -25.61 18.61
N GLN B 13 -20.39 -26.59 19.04
CA GLN B 13 -20.53 -27.78 18.23
C GLN B 13 -21.24 -27.43 16.93
N PRO B 14 -20.98 -28.18 15.86
CA PRO B 14 -21.60 -27.85 14.57
C PRO B 14 -23.11 -27.81 14.69
N GLY B 15 -23.70 -26.78 14.06
CA GLY B 15 -25.11 -26.52 14.20
C GLY B 15 -25.50 -25.74 15.43
N GLY B 16 -24.56 -25.26 16.24
CA GLY B 16 -24.87 -24.55 17.46
C GLY B 16 -25.09 -23.08 17.22
N SER B 17 -25.21 -22.35 18.32
CA SER B 17 -25.49 -20.92 18.28
C SER B 17 -24.54 -20.21 19.22
N LEU B 18 -24.26 -18.94 18.93
CA LEU B 18 -23.35 -18.13 19.72
C LEU B 18 -23.59 -16.66 19.43
N ARG B 19 -23.38 -15.80 20.43
CA ARG B 19 -23.61 -14.36 20.25
C ARG B 19 -22.38 -13.54 20.57
N LEU B 20 -22.09 -12.58 19.71
CA LEU B 20 -20.91 -11.73 19.82
C LEU B 20 -21.26 -10.28 20.07
N SER B 21 -20.39 -9.61 20.83
CA SER B 21 -20.63 -8.29 21.40
C SER B 21 -19.51 -7.34 21.02
N CYS B 22 -19.84 -6.11 20.64
CA CYS B 22 -18.86 -5.11 20.24
C CYS B 22 -19.05 -3.82 21.05
N ALA B 23 -18.29 -3.67 22.13
CA ALA B 23 -18.46 -2.55 23.06
C ALA B 23 -17.69 -1.33 22.58
N ALA B 24 -18.38 -0.23 22.35
CA ALA B 24 -17.74 0.96 21.80
C ALA B 24 -17.61 2.06 22.85
N SER B 25 -16.63 2.94 22.65
CA SER B 25 -16.47 4.11 23.51
C SER B 25 -15.70 5.18 22.76
N GLY B 26 -16.07 6.43 22.97
CA GLY B 26 -15.48 7.54 22.28
C GLY B 26 -16.31 8.15 21.17
N PHE B 27 -17.45 7.55 20.82
CA PHE B 27 -18.33 8.08 19.78
C PHE B 27 -19.72 7.48 19.93
N THR B 28 -20.73 8.21 19.45
CA THR B 28 -22.09 7.70 19.41
C THR B 28 -22.29 6.72 18.26
N ILE B 29 -22.74 5.51 18.58
CA ILE B 29 -22.90 4.44 17.59
C ILE B 29 -24.15 4.68 16.70
N TYR B 30 -25.08 5.53 17.15
CA TYR B 30 -26.22 5.86 16.31
C TYR B 30 -25.76 6.62 15.08
N TYR B 31 -24.79 7.52 15.26
CA TYR B 31 -24.30 8.35 14.17
C TYR B 31 -23.37 7.58 13.23
N SER B 32 -23.01 6.33 13.54
CA SER B 32 -22.06 5.61 12.69
C SER B 32 -22.58 4.21 12.35
N SER B 33 -22.26 3.75 11.15
CA SER B 33 -22.64 2.41 10.73
C SER B 33 -21.62 1.42 11.25
N MET B 34 -22.08 0.29 11.81
CA MET B 34 -21.16 -0.69 12.36
C MET B 34 -21.21 -1.98 11.55
N HIS B 35 -20.04 -2.59 11.32
CA HIS B 35 -19.93 -3.77 10.47
C HIS B 35 -19.10 -4.85 11.14
N TRP B 36 -19.41 -6.10 10.80
CA TRP B 36 -18.69 -7.29 11.26
C TRP B 36 -17.92 -7.91 10.11
N VAL B 37 -16.63 -8.18 10.32
CA VAL B 37 -15.77 -8.75 9.30
C VAL B 37 -14.98 -9.89 9.93
N ARG B 38 -14.94 -11.04 9.25
CA ARG B 38 -14.25 -12.22 9.73
C ARG B 38 -13.06 -12.49 8.84
N GLN B 39 -12.04 -13.14 9.42
CA GLN B 39 -10.78 -13.48 8.77
C GLN B 39 -10.51 -14.95 9.08
N ALA B 40 -10.79 -15.84 8.14
CA ALA B 40 -10.54 -17.25 8.40
C ALA B 40 -9.05 -17.47 8.67
N PRO B 41 -8.69 -18.47 9.49
CA PRO B 41 -7.26 -18.66 9.83
C PRO B 41 -6.32 -18.76 8.64
N GLY B 42 -5.45 -17.77 8.51
CA GLY B 42 -4.51 -17.73 7.41
C GLY B 42 -5.07 -17.22 6.10
N LYS B 43 -6.33 -16.83 6.05
CA LYS B 43 -6.93 -16.40 4.80
C LYS B 43 -7.23 -14.89 4.88
N GLY B 44 -7.82 -14.32 3.84
CA GLY B 44 -8.05 -12.88 3.80
C GLY B 44 -9.30 -12.46 4.57
N LEU B 45 -9.71 -11.21 4.33
CA LEU B 45 -10.86 -10.63 4.99
C LEU B 45 -12.12 -10.91 4.19
N GLU B 46 -13.22 -11.11 4.90
CA GLU B 46 -14.53 -11.40 4.31
C GLU B 46 -15.55 -10.59 5.09
N TRP B 47 -16.39 -9.83 4.41
CA TRP B 47 -17.41 -9.04 5.07
C TRP B 47 -18.60 -9.90 5.50
N VAL B 48 -19.07 -9.69 6.72
CA VAL B 48 -20.18 -10.48 7.26
C VAL B 48 -21.49 -9.66 7.33
N ALA B 49 -21.48 -8.55 8.07
CA ALA B 49 -22.74 -7.85 8.24
C ALA B 49 -22.53 -6.37 8.47
N SER B 50 -23.59 -5.62 8.23
CA SER B 50 -23.61 -4.20 8.46
C SER B 50 -24.88 -3.84 9.19
N ILE B 51 -24.82 -2.70 9.88
CA ILE B 51 -26.00 -2.14 10.54
C ILE B 51 -25.80 -0.65 10.62
N SER B 52 -26.89 0.09 10.35
CA SER B 52 -26.90 1.53 10.55
C SER B 52 -28.18 1.85 11.30
N SER B 53 -28.05 2.19 12.60
CA SER B 53 -29.22 2.48 13.41
C SER B 53 -29.94 3.76 12.97
N TYR B 54 -29.22 4.69 12.32
CA TYR B 54 -29.84 5.94 11.88
C TYR B 54 -30.95 5.68 10.87
N TYR B 55 -30.70 4.78 9.90
CA TYR B 55 -31.75 4.41 8.95
C TYR B 55 -32.46 3.11 9.32
N GLY B 56 -31.86 2.31 10.21
CA GLY B 56 -32.47 1.06 10.66
C GLY B 56 -32.36 -0.09 9.69
N TYR B 57 -31.41 -0.05 8.76
CA TYR B 57 -31.24 -1.11 7.79
C TYR B 57 -30.14 -2.08 8.25
N THR B 58 -30.33 -3.35 7.92
CA THR B 58 -29.42 -4.43 8.30
C THR B 58 -29.05 -5.21 7.03
N TYR B 59 -27.76 -5.19 6.68
CA TYR B 59 -27.23 -5.76 5.45
C TYR B 59 -26.36 -6.96 5.77
N TYR B 60 -26.65 -8.08 5.13
CA TYR B 60 -25.96 -9.35 5.38
C TYR B 60 -25.17 -9.78 4.15
N ALA B 61 -24.32 -10.76 4.35
CA ALA B 61 -23.62 -11.43 3.27
C ALA B 61 -24.33 -12.73 2.92
N ASP B 62 -24.15 -13.16 1.67
CA ASP B 62 -24.89 -14.31 1.18
C ASP B 62 -24.59 -15.57 1.98
N SER B 63 -23.32 -15.82 2.29
CA SER B 63 -22.99 -17.06 2.97
C SER B 63 -23.58 -17.12 4.38
N VAL B 64 -23.97 -15.98 4.95
CA VAL B 64 -24.50 -15.94 6.30
C VAL B 64 -25.95 -15.50 6.34
N LYS B 65 -26.57 -15.23 5.19
CA LYS B 65 -27.98 -14.80 5.20
C LYS B 65 -28.85 -15.86 5.85
N GLY B 66 -29.80 -15.42 6.68
CA GLY B 66 -30.71 -16.31 7.35
C GLY B 66 -30.18 -16.94 8.64
N ARG B 67 -28.86 -17.17 8.73
CA ARG B 67 -28.30 -17.83 9.91
C ARG B 67 -27.76 -16.85 10.94
N PHE B 68 -27.26 -15.70 10.53
CA PHE B 68 -26.71 -14.71 11.46
C PHE B 68 -27.64 -13.53 11.59
N THR B 69 -27.60 -12.86 12.74
CA THR B 69 -28.45 -11.72 13.03
C THR B 69 -27.59 -10.57 13.54
N ILE B 70 -27.66 -9.46 12.89
CA ILE B 70 -27.01 -8.28 13.43
C ILE B 70 -28.02 -7.55 14.29
N SER B 71 -27.53 -6.78 15.25
CA SER B 71 -28.40 -5.96 16.09
C SER B 71 -27.55 -4.92 16.82
N ALA B 72 -28.21 -3.93 17.40
CA ALA B 72 -27.49 -2.89 18.10
C ALA B 72 -28.40 -2.34 19.17
N ASP B 73 -27.80 -2.08 20.33
CA ASP B 73 -28.48 -1.46 21.46
C ASP B 73 -27.98 -0.03 21.54
N THR B 74 -28.86 0.92 21.23
CA THR B 74 -28.43 2.31 21.25
C THR B 74 -28.01 2.74 22.65
N SER B 75 -28.68 2.23 23.69
CA SER B 75 -28.38 2.66 25.07
C SER B 75 -27.02 2.15 25.55
N LYS B 76 -26.67 0.91 25.26
CA LYS B 76 -25.44 0.37 25.81
C LYS B 76 -24.23 0.67 24.92
N ASN B 77 -24.43 1.42 23.83
CA ASN B 77 -23.37 1.81 22.91
C ASN B 77 -22.64 0.58 22.41
N THR B 78 -23.37 -0.49 22.13
CA THR B 78 -22.80 -1.78 21.80
C THR B 78 -23.48 -2.40 20.58
N ALA B 79 -22.69 -3.05 19.72
CA ALA B 79 -23.24 -3.79 18.58
C ALA B 79 -23.08 -5.29 18.78
N TYR B 80 -23.97 -6.07 18.17
CA TYR B 80 -23.97 -7.51 18.39
C TYR B 80 -24.13 -8.28 17.10
N LEU B 81 -23.67 -9.52 17.10
CA LEU B 81 -23.91 -10.41 15.97
C LEU B 81 -24.31 -11.75 16.55
N GLN B 82 -25.55 -12.13 16.35
CA GLN B 82 -26.04 -13.40 16.86
C GLN B 82 -25.89 -14.46 15.77
N MET B 83 -25.12 -15.51 16.06
CA MET B 83 -24.84 -16.59 15.11
C MET B 83 -25.56 -17.89 15.50
N ASN B 84 -26.41 -18.40 14.59
CA ASN B 84 -27.12 -19.65 14.82
C ASN B 84 -26.86 -20.59 13.65
N SER B 85 -27.03 -21.90 13.91
CA SER B 85 -26.83 -22.96 12.92
C SER B 85 -25.44 -22.88 12.29
N LEU B 86 -24.44 -22.81 13.16
CA LEU B 86 -23.05 -22.59 12.74
C LEU B 86 -22.43 -23.85 12.13
N ARG B 87 -21.58 -23.65 11.13
CA ARG B 87 -20.87 -24.75 10.49
C ARG B 87 -19.38 -24.49 10.57
N ALA B 88 -18.61 -25.52 10.23
CA ALA B 88 -17.15 -25.43 10.34
C ALA B 88 -16.56 -24.29 9.51
N GLU B 89 -17.15 -24.01 8.32
CA GLU B 89 -16.65 -22.96 7.44
C GLU B 89 -16.73 -21.59 8.08
N ASP B 90 -17.49 -21.45 9.17
CA ASP B 90 -17.61 -20.19 9.89
C ASP B 90 -16.44 -19.95 10.83
N THR B 91 -15.53 -20.92 10.99
CA THR B 91 -14.42 -20.75 11.92
C THR B 91 -13.51 -19.63 11.44
N ALA B 92 -13.32 -18.63 12.29
CA ALA B 92 -12.55 -17.47 11.85
C ALA B 92 -12.40 -16.54 13.05
N VAL B 93 -11.58 -15.52 12.89
CA VAL B 93 -11.55 -14.41 13.82
C VAL B 93 -12.51 -13.33 13.34
N TYR B 94 -13.38 -12.85 14.25
CA TYR B 94 -14.40 -11.85 13.90
C TYR B 94 -13.99 -10.48 14.45
N TYR B 95 -14.06 -9.46 13.60
CA TYR B 95 -13.73 -8.07 13.94
C TYR B 95 -14.97 -7.19 13.81
N CYS B 96 -15.02 -6.07 14.53
CA CYS B 96 -16.05 -5.08 14.25
C CYS B 96 -15.37 -3.74 13.97
N ALA B 97 -15.96 -2.95 13.08
CA ALA B 97 -15.32 -1.70 12.71
C ALA B 97 -16.36 -0.64 12.39
N ARG B 98 -15.95 0.60 12.53
CA ARG B 98 -16.82 1.73 12.35
C ARG B 98 -16.70 2.25 10.93
N TYR B 99 -17.85 2.58 10.31
CA TYR B 99 -17.89 3.18 8.99
C TYR B 99 -17.55 2.22 7.85
N TYR B 100 -18.06 2.49 6.63
CA TYR B 100 -17.81 1.60 5.50
C TYR B 100 -16.34 1.61 5.10
N ALA B 101 -15.73 2.78 5.07
CA ALA B 101 -14.27 2.84 5.03
C ALA B 101 -13.80 2.65 6.46
N MET B 102 -13.66 1.40 6.89
CA MET B 102 -13.49 1.10 8.32
C MET B 102 -12.26 1.74 8.94
N ASP B 103 -12.44 2.71 9.83
CA ASP B 103 -11.30 3.47 10.34
C ASP B 103 -10.80 2.99 11.68
N TYR B 104 -11.68 2.59 12.61
CA TYR B 104 -11.30 2.07 13.91
C TYR B 104 -11.74 0.62 14.00
N TRP B 105 -10.82 -0.25 14.36
CA TRP B 105 -11.13 -1.67 14.40
C TRP B 105 -11.06 -2.19 15.83
N GLY B 106 -11.85 -3.22 16.10
CA GLY B 106 -11.72 -3.93 17.35
C GLY B 106 -10.46 -4.76 17.37
N GLN B 107 -10.22 -5.41 18.49
CA GLN B 107 -9.02 -6.22 18.57
C GLN B 107 -9.21 -7.62 18.00
N GLY B 108 -10.46 -8.06 17.82
CA GLY B 108 -10.74 -9.37 17.25
C GLY B 108 -10.97 -10.47 18.27
N THR B 109 -11.96 -11.33 18.01
CA THR B 109 -12.37 -12.42 18.89
C THR B 109 -12.54 -13.72 18.09
N LEU B 110 -12.03 -14.82 18.61
CA LEU B 110 -11.92 -16.05 17.83
C LEU B 110 -13.11 -16.99 18.03
N VAL B 111 -13.73 -17.42 16.93
CA VAL B 111 -14.87 -18.34 16.96
C VAL B 111 -14.47 -19.66 16.33
N THR B 112 -14.48 -20.74 17.11
CA THR B 112 -14.13 -22.06 16.60
C THR B 112 -15.40 -22.89 16.48
N VAL B 113 -15.65 -23.44 15.31
CA VAL B 113 -16.81 -24.27 15.09
C VAL B 113 -16.33 -25.66 14.72
N SER B 114 -16.42 -26.62 15.65
CA SER B 114 -16.12 -28.00 15.28
C SER B 114 -16.70 -28.96 16.31
N SER B 115 -16.77 -30.21 15.89
CA SER B 115 -17.15 -31.31 16.75
C SER B 115 -15.98 -31.84 17.56
N ALA B 116 -15.11 -30.96 18.06
CA ALA B 116 -13.95 -31.38 18.85
C ALA B 116 -14.24 -31.21 20.31
N SER B 117 -13.29 -31.60 21.16
CA SER B 117 -13.46 -31.52 22.60
C SER B 117 -12.31 -30.71 23.14
N THR B 118 -12.58 -29.74 24.02
CA THR B 118 -11.47 -28.99 24.61
C THR B 118 -10.57 -29.91 25.41
N LYS B 119 -9.28 -29.83 25.13
CA LYS B 119 -8.31 -30.71 25.78
C LYS B 119 -7.01 -29.93 25.88
N GLY B 120 -6.37 -30.02 27.04
CA GLY B 120 -5.07 -29.43 27.23
C GLY B 120 -4.01 -30.14 26.40
N PRO B 121 -2.95 -29.43 26.07
CA PRO B 121 -1.91 -30.03 25.24
C PRO B 121 -1.12 -31.07 25.99
N SER B 122 -0.65 -32.05 25.20
CA SER B 122 0.36 -33.01 25.62
C SER B 122 1.67 -32.41 25.16
N VAL B 123 2.64 -32.31 26.05
CA VAL B 123 3.93 -31.67 25.80
C VAL B 123 5.03 -32.71 25.83
N PHE B 124 5.76 -32.86 24.73
CA PHE B 124 6.87 -33.82 24.66
C PHE B 124 8.21 -33.14 24.36
N PRO B 125 9.30 -33.62 24.94
CA PRO B 125 10.57 -32.93 24.73
C PRO B 125 11.06 -33.23 23.32
N LEU B 126 11.68 -32.23 22.71
CA LEU B 126 12.50 -32.40 21.49
C LEU B 126 13.94 -32.45 21.98
N ALA B 127 14.35 -33.61 22.47
CA ALA B 127 15.58 -33.62 23.23
C ALA B 127 16.77 -33.37 22.32
N PRO B 128 17.73 -32.56 22.73
CA PRO B 128 18.93 -32.34 21.91
C PRO B 128 19.91 -33.49 22.07
N SER B 129 20.62 -33.81 20.98
CA SER B 129 21.73 -34.77 21.07
C SER B 129 22.62 -34.37 22.26
N SER B 130 23.20 -35.37 22.91
CA SER B 130 23.99 -35.06 24.09
C SER B 130 25.23 -34.21 23.75
N LYS B 131 25.74 -34.31 22.51
CA LYS B 131 26.83 -33.45 22.05
C LYS B 131 26.76 -33.24 20.52
N SER B 132 27.11 -32.02 20.08
CA SER B 132 27.58 -31.67 18.71
C SER B 132 26.55 -31.86 17.60
N THR B 133 26.87 -32.58 16.50
CA THR B 133 26.14 -32.93 15.27
C THR B 133 26.04 -31.74 14.30
N SER B 134 26.23 -30.51 14.77
CA SER B 134 25.93 -29.32 13.98
C SER B 134 26.88 -28.15 14.25
N GLY B 135 28.14 -28.41 14.57
CA GLY B 135 28.99 -27.32 15.02
C GLY B 135 28.87 -27.09 16.52
N GLY B 136 29.24 -25.87 16.92
CA GLY B 136 29.20 -25.49 18.32
C GLY B 136 27.81 -25.36 18.91
N THR B 137 26.77 -25.36 18.08
CA THR B 137 25.39 -25.09 18.50
C THR B 137 24.52 -26.35 18.45
N ALA B 138 23.55 -26.42 19.37
CA ALA B 138 22.57 -27.50 19.46
C ALA B 138 21.19 -26.90 19.58
N ALA B 139 20.18 -27.70 19.19
CA ALA B 139 18.79 -27.25 19.12
C ALA B 139 17.90 -28.22 19.88
N LEU B 140 17.04 -27.68 20.75
CA LEU B 140 16.11 -28.42 21.58
C LEU B 140 14.73 -27.78 21.44
N GLY B 141 13.70 -28.47 21.93
CA GLY B 141 12.39 -27.89 21.77
C GLY B 141 11.30 -28.63 22.51
N CYS B 142 10.06 -28.21 22.23
CA CYS B 142 8.85 -28.79 22.82
C CYS B 142 7.86 -29.12 21.72
N LEU B 143 7.31 -30.34 21.74
CA LEU B 143 6.22 -30.69 20.82
C LEU B 143 4.92 -30.50 21.60
N VAL B 144 4.02 -29.68 21.06
CA VAL B 144 2.72 -29.39 21.66
C VAL B 144 1.63 -30.06 20.83
N LYS B 145 1.31 -31.28 21.19
CA LYS B 145 0.49 -32.19 20.38
C LYS B 145 -0.93 -32.36 20.93
N ASP B 146 -1.89 -32.46 20.01
CA ASP B 146 -3.23 -32.92 20.32
C ASP B 146 -3.90 -32.03 21.38
N TYR B 147 -4.09 -30.78 21.02
CA TYR B 147 -4.85 -29.88 21.89
C TYR B 147 -5.96 -29.27 21.07
N PHE B 148 -6.92 -28.66 21.76
CA PHE B 148 -8.05 -28.02 21.10
C PHE B 148 -8.68 -27.06 22.09
N PRO B 149 -9.10 -25.86 21.70
CA PRO B 149 -8.90 -25.23 20.41
C PRO B 149 -7.68 -24.27 20.42
N GLU B 150 -7.42 -23.47 19.37
CA GLU B 150 -6.39 -22.47 19.53
C GLU B 150 -6.95 -21.44 20.51
N PRO B 151 -6.10 -20.64 21.16
CA PRO B 151 -4.67 -20.51 21.04
C PRO B 151 -3.91 -21.17 22.15
N VAL B 152 -2.61 -21.32 21.87
CA VAL B 152 -1.61 -21.80 22.81
C VAL B 152 -0.48 -20.79 22.74
N THR B 153 0.05 -20.39 23.90
CA THR B 153 1.26 -19.57 23.99
C THR B 153 2.40 -20.33 24.65
N VAL B 154 3.58 -20.18 24.09
CA VAL B 154 4.77 -20.85 24.59
C VAL B 154 5.79 -19.78 24.96
N SER B 155 6.56 -20.02 26.01
CA SER B 155 7.68 -19.19 26.35
C SER B 155 8.81 -20.12 26.76
N TRP B 156 10.04 -19.62 26.90
CA TRP B 156 11.12 -20.48 27.37
C TRP B 156 11.79 -19.85 28.57
N ASN B 157 12.05 -20.67 29.59
CA ASN B 157 12.63 -20.23 30.86
C ASN B 157 11.88 -19.05 31.51
N SER B 158 10.56 -19.14 31.56
CA SER B 158 9.70 -18.11 32.16
C SER B 158 9.86 -16.77 31.45
N GLY B 159 10.14 -16.82 30.15
CA GLY B 159 10.31 -15.62 29.35
C GLY B 159 11.73 -15.05 29.37
N ALA B 160 12.61 -15.61 30.20
CA ALA B 160 13.96 -15.07 30.35
C ALA B 160 14.80 -15.34 29.12
N LEU B 161 14.52 -16.43 28.42
CA LEU B 161 15.17 -16.78 27.17
C LEU B 161 14.27 -16.35 26.02
N THR B 162 14.68 -15.32 25.30
CA THR B 162 13.90 -14.83 24.18
C THR B 162 14.68 -14.80 22.89
N SER B 163 16.01 -14.73 22.94
CA SER B 163 16.81 -14.60 21.74
C SER B 163 16.96 -15.95 21.05
N GLY B 164 16.64 -15.99 19.76
CA GLY B 164 16.78 -17.22 19.05
C GLY B 164 15.69 -18.25 19.24
N VAL B 165 14.56 -17.89 19.74
CA VAL B 165 13.43 -18.83 19.87
C VAL B 165 12.64 -18.85 18.56
N HIS B 166 11.92 -19.94 18.31
CA HIS B 166 11.08 -20.03 17.11
C HIS B 166 9.85 -20.89 17.39
N THR B 167 8.71 -20.26 17.65
CA THR B 167 7.48 -21.02 17.90
C THR B 167 6.63 -21.05 16.62
N PHE B 168 6.31 -22.25 16.14
CA PHE B 168 5.63 -22.37 14.88
C PHE B 168 4.11 -22.21 15.02
N PRO B 169 3.44 -21.82 13.95
CA PRO B 169 1.98 -21.90 13.92
C PRO B 169 1.50 -23.33 14.05
N ALA B 170 0.34 -23.48 14.66
CA ALA B 170 -0.20 -24.80 14.85
C ALA B 170 -0.75 -25.35 13.54
N VAL B 171 -0.69 -26.68 13.40
CA VAL B 171 -1.22 -27.35 12.22
C VAL B 171 -2.36 -28.23 12.65
N LEU B 172 -3.48 -28.15 11.93
CA LEU B 172 -4.73 -28.86 12.26
C LEU B 172 -4.72 -30.29 11.74
N GLN B 173 -4.44 -31.25 12.62
CA GLN B 173 -4.20 -32.60 12.15
C GLN B 173 -5.49 -33.25 11.71
N SER B 174 -5.33 -34.37 11.02
CA SER B 174 -6.45 -35.18 10.58
C SER B 174 -7.29 -35.64 11.75
N SER B 175 -6.69 -35.75 12.95
CA SER B 175 -7.44 -36.13 14.15
C SER B 175 -8.41 -35.06 14.58
N GLY B 176 -8.33 -33.87 14.01
CA GLY B 176 -9.17 -32.75 14.40
C GLY B 176 -8.58 -31.86 15.48
N LEU B 177 -7.47 -32.27 16.08
CA LEU B 177 -6.77 -31.49 17.09
C LEU B 177 -5.60 -30.73 16.46
N TYR B 178 -5.08 -29.75 17.20
CA TYR B 178 -3.96 -28.95 16.78
C TYR B 178 -2.69 -29.52 17.40
N SER B 179 -1.61 -29.33 16.68
CA SER B 179 -0.26 -29.67 17.08
C SER B 179 0.61 -28.47 16.75
N LEU B 180 1.62 -28.25 17.57
CA LEU B 180 2.65 -27.31 17.17
C LEU B 180 3.94 -27.70 17.87
N SER B 181 5.04 -27.09 17.44
CA SER B 181 6.38 -27.29 18.01
C SER B 181 6.99 -25.93 18.31
N SER B 182 7.82 -25.90 19.34
CA SER B 182 8.60 -24.71 19.66
C SER B 182 10.03 -25.15 19.87
N VAL B 183 11.00 -24.41 19.30
CA VAL B 183 12.42 -24.76 19.28
C VAL B 183 13.28 -23.53 19.59
N VAL B 184 14.45 -23.81 20.14
CA VAL B 184 15.43 -22.76 20.42
C VAL B 184 16.83 -23.35 20.23
N THR B 185 17.74 -22.53 19.72
CA THR B 185 19.12 -22.95 19.56
C THR B 185 19.92 -22.33 20.70
N VAL B 186 20.85 -23.11 21.25
CA VAL B 186 21.75 -22.65 22.31
C VAL B 186 23.12 -23.30 22.13
N PRO B 187 24.15 -22.68 22.68
CA PRO B 187 25.47 -23.32 22.70
C PRO B 187 25.48 -24.69 23.38
N SER B 188 26.14 -25.66 22.74
CA SER B 188 26.19 -27.03 23.27
C SER B 188 26.93 -27.10 24.57
N SER B 189 27.89 -26.20 24.78
CA SER B 189 28.63 -26.20 26.04
C SER B 189 27.75 -25.85 27.23
N SER B 190 26.59 -25.22 26.99
CA SER B 190 25.63 -24.88 28.04
C SER B 190 24.69 -26.01 28.40
N LEU B 191 24.67 -27.10 27.63
CA LEU B 191 23.68 -28.16 27.88
C LEU B 191 23.83 -28.74 29.28
N GLY B 192 25.08 -28.92 29.72
CA GLY B 192 25.31 -29.48 31.04
C GLY B 192 24.85 -28.58 32.17
N THR B 193 25.08 -27.28 32.04
CA THR B 193 24.89 -26.36 33.17
C THR B 193 23.50 -25.74 33.21
N GLN B 194 23.13 -25.03 32.15
CA GLN B 194 21.88 -24.28 32.09
C GLN B 194 20.68 -25.21 31.89
N THR B 195 19.64 -25.03 32.70
CA THR B 195 18.42 -25.81 32.54
C THR B 195 17.50 -25.12 31.53
N TYR B 196 16.74 -25.92 30.78
CA TYR B 196 15.87 -25.39 29.74
C TYR B 196 14.45 -25.92 29.92
N ILE B 197 13.54 -25.02 30.27
CA ILE B 197 12.15 -25.33 30.59
C ILE B 197 11.26 -24.55 29.63
N CYS B 198 10.38 -25.25 28.92
CA CYS B 198 9.43 -24.54 28.08
C CYS B 198 8.08 -24.48 28.79
N ASN B 199 7.42 -23.35 28.65
CA ASN B 199 6.20 -23.05 29.35
C ASN B 199 5.08 -22.98 28.32
N VAL B 200 4.40 -24.09 28.12
CA VAL B 200 3.20 -24.09 27.29
C VAL B 200 2.02 -23.59 28.13
N ASN B 201 1.16 -22.78 27.53
CA ASN B 201 0.10 -22.13 28.28
C ASN B 201 -1.16 -22.09 27.44
N HIS B 202 -2.17 -22.85 27.85
CA HIS B 202 -3.42 -23.05 27.12
C HIS B 202 -4.60 -22.55 27.97
N LYS B 203 -4.89 -21.27 27.84
CA LYS B 203 -6.01 -20.65 28.55
C LYS B 203 -7.35 -21.33 28.31
N PRO B 204 -7.68 -21.82 27.10
CA PRO B 204 -9.00 -22.48 26.89
C PRO B 204 -9.32 -23.75 27.68
N SER B 205 -8.39 -24.24 28.49
CA SER B 205 -8.68 -25.32 29.42
C SER B 205 -8.09 -25.02 30.80
N ASN B 206 -7.62 -23.80 31.01
CA ASN B 206 -6.89 -23.37 32.21
C ASN B 206 -5.72 -24.30 32.56
N THR B 207 -4.93 -24.67 31.55
CA THR B 207 -3.84 -25.61 31.67
C THR B 207 -2.54 -24.90 31.37
N LYS B 208 -1.50 -25.21 32.14
CA LYS B 208 -0.17 -24.65 31.89
C LYS B 208 0.83 -25.76 32.17
N VAL B 209 1.40 -26.32 31.11
CA VAL B 209 2.37 -27.40 31.23
C VAL B 209 3.74 -26.76 31.24
N ASP B 210 4.64 -27.26 32.07
CA ASP B 210 6.02 -26.77 32.16
C ASP B 210 6.89 -27.98 31.92
N LYS B 211 7.64 -28.01 30.83
CA LYS B 211 8.45 -29.17 30.47
C LYS B 211 9.90 -28.78 30.64
N LYS B 212 10.64 -29.57 31.41
CA LYS B 212 12.09 -29.46 31.52
C LYS B 212 12.63 -30.34 30.41
N VAL B 213 13.26 -29.74 29.43
CA VAL B 213 13.87 -30.50 28.34
C VAL B 213 15.29 -30.84 28.73
N GLU B 214 15.59 -32.13 28.77
CA GLU B 214 16.91 -32.55 29.21
C GLU B 214 17.61 -33.24 28.05
N PRO B 215 18.93 -33.06 27.94
CA PRO B 215 19.68 -33.73 26.85
C PRO B 215 19.60 -35.24 26.94
N LYS B 216 19.47 -35.88 25.80
CA LYS B 216 19.33 -37.33 25.73
C LYS B 216 20.72 -37.95 25.71
N SER B 217 20.83 -39.18 26.20
CA SER B 217 22.15 -39.86 26.25
C SER B 217 22.26 -41.16 25.43
N ASP C 1 -22.37 -9.36 -6.84
CA ASP C 1 -21.13 -9.27 -6.07
C ASP C 1 -19.92 -8.85 -6.93
N ILE C 2 -19.38 -7.66 -6.63
CA ILE C 2 -18.20 -7.16 -7.32
C ILE C 2 -16.96 -7.92 -6.86
N GLN C 3 -16.03 -8.11 -7.79
CA GLN C 3 -14.77 -8.81 -7.53
C GLN C 3 -13.65 -7.79 -7.51
N MET C 4 -12.78 -7.88 -6.50
CA MET C 4 -11.56 -7.08 -6.45
C MET C 4 -10.40 -8.01 -6.68
N THR C 5 -9.61 -7.75 -7.71
CA THR C 5 -8.53 -8.67 -8.05
C THR C 5 -7.22 -7.97 -7.75
N GLN C 6 -6.68 -8.28 -6.57
CA GLN C 6 -5.42 -7.73 -6.10
C GLN C 6 -4.27 -8.52 -6.69
N SER C 7 -3.34 -7.81 -7.30
CA SER C 7 -2.13 -8.30 -7.89
C SER C 7 -1.00 -7.42 -7.39
N PRO C 8 0.14 -7.99 -6.98
CA PRO C 8 0.37 -9.43 -6.93
C PRO C 8 -0.10 -10.08 -5.63
N SER C 9 -0.12 -11.41 -5.59
CA SER C 9 -0.36 -12.08 -4.32
C SER C 9 0.74 -11.77 -3.33
N SER C 10 1.99 -11.75 -3.80
CA SER C 10 3.10 -11.50 -2.91
C SER C 10 4.22 -10.84 -3.68
N LEU C 11 4.97 -9.97 -3.00
CA LEU C 11 6.14 -9.39 -3.65
C LEU C 11 7.23 -9.12 -2.63
N SER C 12 8.47 -9.36 -3.01
CA SER C 12 9.58 -9.10 -2.12
C SER C 12 10.40 -7.92 -2.61
N ALA C 13 10.68 -6.98 -1.70
CA ALA C 13 11.40 -5.76 -2.01
C ALA C 13 12.32 -5.39 -0.86
N SER C 14 13.17 -4.40 -1.09
CA SER C 14 14.11 -3.97 -0.07
C SER C 14 13.73 -2.61 0.47
N VAL C 15 14.40 -2.25 1.57
CA VAL C 15 14.09 -0.99 2.21
C VAL C 15 14.47 0.13 1.26
N GLY C 16 13.58 1.08 1.09
CA GLY C 16 13.80 2.22 0.24
C GLY C 16 13.21 2.10 -1.14
N ASP C 17 12.88 0.90 -1.58
CA ASP C 17 12.32 0.73 -2.91
C ASP C 17 10.93 1.33 -2.98
N ARG C 18 10.55 1.77 -4.17
CA ARG C 18 9.17 2.16 -4.45
C ARG C 18 8.38 0.91 -4.80
N VAL C 19 7.21 0.78 -4.17
CA VAL C 19 6.40 -0.43 -4.26
C VAL C 19 5.03 -0.05 -4.78
N THR C 20 4.44 -0.88 -5.63
CA THR C 20 3.14 -0.59 -6.23
C THR C 20 2.25 -1.82 -6.23
N ILE C 21 1.08 -1.72 -5.60
CA ILE C 21 0.08 -2.78 -5.59
C ILE C 21 -1.14 -2.33 -6.39
N THR C 22 -1.65 -3.19 -7.24
CA THR C 22 -2.79 -2.87 -8.06
C THR C 22 -3.97 -3.69 -7.62
N CYS C 23 -5.15 -3.11 -7.72
CA CYS C 23 -6.40 -3.78 -7.45
C CYS C 23 -7.36 -3.33 -8.54
N ARG C 24 -7.85 -4.28 -9.33
CA ARG C 24 -8.76 -3.99 -10.43
C ARG C 24 -10.13 -4.56 -10.12
N ALA C 25 -11.15 -3.70 -10.17
CA ALA C 25 -12.50 -4.11 -9.84
C ALA C 25 -13.22 -4.56 -11.09
N SER C 26 -14.18 -5.48 -10.91
CA SER C 26 -14.89 -6.03 -12.06
C SER C 26 -15.96 -5.11 -12.58
N GLN C 27 -16.06 -3.91 -12.04
CA GLN C 27 -17.08 -2.96 -12.43
C GLN C 27 -16.58 -1.60 -11.95
N SER C 28 -17.10 -0.54 -12.58
CA SER C 28 -16.85 0.79 -12.07
C SER C 28 -17.32 0.88 -10.62
N VAL C 29 -16.41 1.23 -9.72
CA VAL C 29 -16.77 1.42 -8.32
C VAL C 29 -16.62 2.88 -7.89
N SER C 30 -16.60 3.82 -8.83
CA SER C 30 -16.51 5.26 -8.50
C SER C 30 -15.26 5.51 -7.67
N SER C 31 -15.37 6.03 -6.46
CA SER C 31 -14.21 6.23 -5.61
C SER C 31 -14.32 5.43 -4.32
N ALA C 32 -15.33 4.57 -4.24
CA ALA C 32 -15.59 3.80 -3.04
C ALA C 32 -14.55 2.70 -2.84
N VAL C 33 -13.30 3.10 -2.67
CA VAL C 33 -12.21 2.14 -2.50
C VAL C 33 -11.36 2.57 -1.30
N ALA C 34 -10.96 1.59 -0.50
CA ALA C 34 -10.08 1.84 0.63
C ALA C 34 -8.97 0.78 0.66
N TRP C 35 -7.81 1.17 1.16
CA TRP C 35 -6.68 0.26 1.31
C TRP C 35 -6.35 0.10 2.78
N TYR C 36 -6.03 -1.14 3.20
CA TYR C 36 -5.77 -1.48 4.60
C TYR C 36 -4.46 -2.24 4.76
N GLN C 37 -3.82 -2.04 5.92
CA GLN C 37 -2.59 -2.71 6.32
C GLN C 37 -2.85 -3.63 7.51
N GLN C 38 -2.30 -4.83 7.49
CA GLN C 38 -2.48 -5.75 8.61
C GLN C 38 -1.15 -6.42 8.96
N LYS C 39 -0.52 -6.00 10.05
CA LYS C 39 0.62 -6.79 10.48
C LYS C 39 0.15 -8.07 11.17
N PRO C 40 0.91 -9.16 11.08
CA PRO C 40 0.43 -10.41 11.66
C PRO C 40 0.17 -10.24 13.15
N GLY C 41 -0.92 -10.85 13.60
CA GLY C 41 -1.37 -10.75 14.97
C GLY C 41 -2.31 -9.58 15.24
N LYS C 42 -1.97 -8.40 14.72
CA LYS C 42 -2.77 -7.21 14.89
C LYS C 42 -3.96 -7.26 13.95
N ALA C 43 -4.88 -6.30 14.09
CA ALA C 43 -6.04 -6.11 13.25
C ALA C 43 -5.70 -5.20 12.07
N PRO C 44 -6.53 -5.16 11.03
CA PRO C 44 -6.27 -4.25 9.91
C PRO C 44 -6.25 -2.80 10.32
N LYS C 45 -5.62 -1.99 9.49
CA LYS C 45 -5.47 -0.56 9.74
C LYS C 45 -5.76 0.20 8.46
N LEU C 46 -6.64 1.19 8.54
CA LEU C 46 -7.04 1.95 7.37
C LEU C 46 -5.89 2.85 6.93
N LEU C 47 -5.62 2.89 5.64
CA LEU C 47 -4.59 3.75 5.04
C LEU C 47 -5.14 4.80 4.09
N ILE C 48 -5.95 4.37 3.12
CA ILE C 48 -6.47 5.25 2.09
C ILE C 48 -7.97 5.10 2.03
N TYR C 49 -8.69 6.22 1.93
CA TYR C 49 -10.12 6.22 1.69
C TYR C 49 -10.42 7.13 0.50
N SER C 50 -11.56 6.87 -0.15
CA SER C 50 -11.93 7.52 -1.39
C SER C 50 -10.89 7.32 -2.46
N ALA C 51 -10.06 6.29 -2.25
CA ALA C 51 -9.15 5.74 -3.24
C ALA C 51 -7.98 6.67 -3.54
N SER C 52 -8.04 7.91 -3.03
CA SER C 52 -6.94 8.84 -3.23
C SER C 52 -6.67 9.73 -2.02
N SER C 53 -7.44 9.61 -0.93
CA SER C 53 -7.32 10.48 0.25
C SER C 53 -6.61 9.74 1.36
N LEU C 54 -5.63 10.40 1.95
CA LEU C 54 -4.81 9.79 2.99
C LEU C 54 -5.49 9.94 4.33
N TYR C 55 -5.66 8.82 5.03
CA TYR C 55 -6.23 8.86 6.36
C TYR C 55 -5.37 9.70 7.29
N SER C 56 -6.01 10.56 8.08
CA SER C 56 -5.23 11.48 8.88
C SER C 56 -4.41 10.73 9.92
N GLY C 57 -3.10 10.88 9.87
CA GLY C 57 -2.23 10.15 10.77
C GLY C 57 -1.44 9.07 10.09
N VAL C 58 -1.70 8.81 8.81
CA VAL C 58 -0.92 7.83 8.06
C VAL C 58 0.25 8.60 7.46
N PRO C 59 1.47 8.03 7.47
CA PRO C 59 2.61 8.73 6.87
C PRO C 59 2.35 9.01 5.40
N SER C 60 2.85 10.15 4.95
CA SER C 60 2.46 10.59 3.62
C SER C 60 3.12 9.78 2.51
N ARG C 61 4.09 8.92 2.83
CA ARG C 61 4.73 8.13 1.80
C ARG C 61 3.74 7.18 1.15
N PHE C 62 2.58 6.97 1.76
CA PHE C 62 1.51 6.21 1.13
C PHE C 62 0.65 7.13 0.29
N SER C 63 0.30 6.66 -0.90
CA SER C 63 -0.57 7.41 -1.78
C SER C 63 -1.44 6.42 -2.54
N GLY C 64 -2.63 6.85 -2.86
CA GLY C 64 -3.59 6.04 -3.60
C GLY C 64 -3.95 6.78 -4.86
N SER C 65 -4.16 6.03 -5.94
CA SER C 65 -4.46 6.62 -7.24
C SER C 65 -5.60 5.82 -7.86
N ARG C 66 -6.33 6.44 -8.78
CA ARG C 66 -7.34 5.72 -9.54
C ARG C 66 -7.15 6.01 -11.01
N SER C 67 -7.13 4.96 -11.82
CA SER C 67 -7.16 5.12 -13.27
C SER C 67 -8.31 4.24 -13.75
N GLY C 68 -9.51 4.81 -13.77
CA GLY C 68 -10.68 4.06 -14.16
C GLY C 68 -11.14 3.11 -13.07
N THR C 69 -10.90 1.83 -13.31
CA THR C 69 -11.21 0.75 -12.39
C THR C 69 -9.97 0.17 -11.75
N ASP C 70 -8.84 0.82 -11.96
CA ASP C 70 -7.53 0.33 -11.55
C ASP C 70 -7.11 1.19 -10.39
N PHE C 71 -7.11 0.62 -9.21
CA PHE C 71 -6.74 1.34 -8.02
C PHE C 71 -5.35 0.85 -7.60
N THR C 72 -4.47 1.80 -7.34
CA THR C 72 -3.10 1.52 -6.95
C THR C 72 -2.82 2.14 -5.60
N LEU C 73 -2.21 1.36 -4.73
CA LEU C 73 -1.57 1.84 -3.52
C LEU C 73 -0.10 1.93 -3.81
N THR C 74 0.53 3.04 -3.44
CA THR C 74 1.94 3.28 -3.76
C THR C 74 2.67 3.78 -2.54
N ILE C 75 3.86 3.24 -2.31
CA ILE C 75 4.71 3.68 -1.22
C ILE C 75 6.01 4.22 -1.81
N SER C 76 6.33 5.48 -1.50
CA SER C 76 7.47 6.13 -2.12
C SER C 76 8.77 5.45 -1.75
N SER C 77 8.97 5.17 -0.47
CA SER C 77 10.22 4.59 0.01
C SER C 77 9.90 3.65 1.17
N LEU C 78 9.90 2.36 0.88
CA LEU C 78 9.49 1.37 1.85
C LEU C 78 10.37 1.44 3.09
N GLN C 79 9.78 1.74 4.23
CA GLN C 79 10.35 1.76 5.58
C GLN C 79 10.22 0.39 6.23
N PRO C 80 11.04 0.02 7.24
CA PRO C 80 10.91 -1.32 7.83
C PRO C 80 9.56 -1.57 8.47
N GLU C 81 8.87 -0.53 8.92
CA GLU C 81 7.56 -0.70 9.54
C GLU C 81 6.47 -0.91 8.51
N ASP C 82 6.86 -1.06 7.24
CA ASP C 82 5.92 -1.19 6.14
C ASP C 82 5.82 -2.60 5.57
N PHE C 83 6.60 -3.55 6.07
CA PHE C 83 6.50 -4.92 5.61
C PHE C 83 5.32 -5.57 6.31
N ALA C 84 4.24 -5.78 5.57
CA ALA C 84 3.01 -6.35 6.11
C ALA C 84 2.14 -6.74 4.93
N THR C 85 0.91 -7.19 5.20
CA THR C 85 -0.01 -7.57 4.14
C THR C 85 -1.01 -6.44 3.91
N TYR C 86 -1.35 -6.18 2.65
CA TYR C 86 -2.23 -5.07 2.32
C TYR C 86 -3.45 -5.54 1.54
N TYR C 87 -4.61 -5.04 1.95
CA TYR C 87 -5.89 -5.39 1.37
C TYR C 87 -6.54 -4.17 0.75
N CYS C 88 -7.09 -4.32 -0.45
CA CYS C 88 -8.00 -3.32 -0.99
C CYS C 88 -9.42 -3.74 -0.67
N GLN C 89 -10.29 -2.75 -0.50
CA GLN C 89 -11.70 -2.99 -0.30
C GLN C 89 -12.52 -1.98 -1.09
N GLN C 90 -13.65 -2.43 -1.63
CA GLN C 90 -14.61 -1.56 -2.30
C GLN C 90 -15.89 -1.50 -1.46
N TYR C 91 -16.48 -0.31 -1.37
CA TYR C 91 -17.74 -0.12 -0.66
C TYR C 91 -18.72 0.67 -1.50
N TYR C 92 -18.81 0.35 -2.79
CA TYR C 92 -19.72 1.06 -3.67
C TYR C 92 -21.15 0.89 -3.18
N GLY C 93 -21.87 2.01 -3.12
CA GLY C 93 -23.27 2.00 -2.73
C GLY C 93 -23.55 1.97 -1.25
N TYR C 94 -22.51 1.88 -0.42
CA TYR C 94 -22.66 1.93 1.04
C TYR C 94 -23.75 0.98 1.51
N GLY C 95 -23.70 -0.24 1.02
CA GLY C 95 -24.66 -1.24 1.43
C GLY C 95 -25.66 -1.63 0.38
N GLY C 96 -25.74 -0.93 -0.75
CA GLY C 96 -26.63 -1.40 -1.78
C GLY C 96 -26.18 -2.75 -2.31
N TYR C 97 -24.87 -2.98 -2.32
CA TYR C 97 -24.24 -4.19 -2.81
C TYR C 97 -23.23 -4.70 -1.78
N PRO C 98 -22.93 -6.00 -1.77
CA PRO C 98 -22.07 -6.54 -0.70
C PRO C 98 -20.67 -5.96 -0.79
N ILE C 99 -20.02 -5.85 0.38
CA ILE C 99 -18.63 -5.41 0.47
C ILE C 99 -17.70 -6.57 0.13
N THR C 100 -16.72 -6.31 -0.73
CA THR C 100 -15.76 -7.31 -1.11
C THR C 100 -14.35 -6.76 -0.95
N PHE C 101 -13.40 -7.64 -0.65
CA PHE C 101 -12.01 -7.26 -0.44
C PHE C 101 -11.10 -7.82 -1.54
N GLY C 102 -9.95 -7.19 -1.68
CA GLY C 102 -8.91 -7.79 -2.47
C GLY C 102 -8.42 -9.05 -1.81
N GLN C 103 -7.69 -9.86 -2.56
CA GLN C 103 -7.24 -11.10 -1.96
C GLN C 103 -6.05 -10.91 -1.03
N GLY C 104 -5.46 -9.72 -1.00
CA GLY C 104 -4.34 -9.36 -0.16
C GLY C 104 -2.99 -9.45 -0.89
N THR C 105 -2.00 -8.70 -0.37
CA THR C 105 -0.64 -8.64 -0.94
C THR C 105 0.37 -8.54 0.20
N LYS C 106 1.07 -9.64 0.49
CA LYS C 106 2.09 -9.63 1.53
C LYS C 106 3.38 -9.05 0.99
N VAL C 107 3.93 -8.06 1.67
CA VAL C 107 5.22 -7.47 1.33
C VAL C 107 6.27 -8.00 2.30
N GLU C 108 7.35 -8.61 1.78
CA GLU C 108 8.38 -9.25 2.58
C GLU C 108 9.72 -8.60 2.30
N ILE C 109 10.70 -8.84 3.16
CA ILE C 109 12.00 -8.16 3.03
C ILE C 109 12.84 -8.98 2.06
N LYS C 110 13.54 -8.30 1.15
CA LYS C 110 14.47 -8.99 0.26
C LYS C 110 15.79 -9.23 0.99
N ARG C 111 16.40 -10.39 0.78
CA ARG C 111 17.58 -10.72 1.58
C ARG C 111 18.56 -11.63 0.79
N THR C 112 19.80 -11.71 1.28
CA THR C 112 20.75 -12.58 0.63
C THR C 112 20.41 -14.04 0.97
N VAL C 113 20.76 -14.96 0.08
CA VAL C 113 20.38 -16.37 0.26
C VAL C 113 21.10 -16.97 1.45
N ALA C 114 20.34 -17.66 2.31
CA ALA C 114 20.86 -18.34 3.50
C ALA C 114 20.50 -19.82 3.48
N ALA C 115 21.38 -20.59 3.95
CA ALA C 115 21.23 -22.04 3.94
C ALA C 115 20.66 -22.50 5.26
N PRO C 116 19.67 -23.39 5.22
CA PRO C 116 19.10 -23.93 6.46
C PRO C 116 20.11 -24.76 7.22
N SER C 117 20.02 -24.60 8.54
CA SER C 117 20.56 -25.53 9.52
C SER C 117 19.48 -26.60 9.74
N VAL C 118 19.77 -27.83 9.33
CA VAL C 118 18.77 -28.88 9.38
C VAL C 118 19.02 -29.73 10.61
N PHE C 119 17.99 -29.85 11.45
CA PHE C 119 18.00 -30.69 12.63
C PHE C 119 16.91 -31.71 12.53
N ILE C 120 17.15 -32.87 13.11
CA ILE C 120 16.15 -33.92 13.14
C ILE C 120 15.98 -34.38 14.59
N PHE C 121 14.73 -34.59 15.02
CA PHE C 121 14.40 -35.03 16.38
C PHE C 121 13.66 -36.35 16.37
N PRO C 122 14.15 -37.39 17.05
CA PRO C 122 13.36 -38.62 17.19
C PRO C 122 12.20 -38.44 18.17
N PRO C 123 11.14 -39.24 18.04
CA PRO C 123 10.06 -39.18 19.01
C PRO C 123 10.57 -39.49 20.39
N SER C 124 10.03 -38.78 21.36
CA SER C 124 10.43 -38.96 22.74
C SER C 124 9.89 -40.26 23.29
N ASP C 125 10.69 -40.89 24.15
CA ASP C 125 10.24 -42.12 24.76
C ASP C 125 8.96 -41.87 25.53
N GLU C 126 8.77 -40.65 26.02
CA GLU C 126 7.53 -40.38 26.72
C GLU C 126 6.34 -40.49 25.77
N GLN C 127 6.48 -39.96 24.54
CA GLN C 127 5.36 -40.01 23.60
C GLN C 127 5.15 -41.41 23.06
N LEU C 128 6.22 -42.17 22.91
CA LEU C 128 6.08 -43.51 22.38
C LEU C 128 5.26 -44.40 23.29
N LYS C 129 5.18 -44.08 24.59
CA LYS C 129 4.30 -44.80 25.50
C LYS C 129 2.82 -44.51 25.24
N SER C 130 2.47 -43.76 24.20
CA SER C 130 1.10 -43.42 23.90
C SER C 130 0.62 -43.95 22.56
N GLY C 131 1.46 -44.68 21.82
CA GLY C 131 1.05 -45.31 20.59
C GLY C 131 1.16 -44.48 19.33
N THR C 132 1.77 -43.29 19.38
CA THR C 132 1.95 -42.45 18.20
C THR C 132 3.34 -41.87 18.23
N ALA C 133 4.03 -41.86 17.09
CA ALA C 133 5.38 -41.30 17.01
C ALA C 133 5.39 -40.08 16.12
N SER C 134 5.87 -38.96 16.64
CA SER C 134 6.00 -37.74 15.86
C SER C 134 7.48 -37.44 15.63
N VAL C 135 7.89 -37.39 14.35
CA VAL C 135 9.26 -37.13 13.95
C VAL C 135 9.35 -35.73 13.35
N VAL C 136 10.26 -34.92 13.89
CA VAL C 136 10.34 -33.51 13.58
C VAL C 136 11.65 -33.23 12.84
N CYS C 137 11.54 -32.48 11.74
CA CYS C 137 12.68 -31.96 10.99
C CYS C 137 12.64 -30.44 11.04
N LEU C 138 13.75 -29.84 11.45
CA LEU C 138 13.80 -28.40 11.66
C LEU C 138 14.77 -27.77 10.65
N LEU C 139 14.33 -26.67 10.01
CA LEU C 139 15.13 -25.88 9.10
C LEU C 139 15.24 -24.50 9.74
N ASN C 140 16.44 -24.12 10.18
CA ASN C 140 16.56 -22.95 11.03
C ASN C 140 17.21 -21.78 10.30
N ASN C 141 16.46 -20.68 10.15
CA ASN C 141 16.96 -19.39 9.61
C ASN C 141 17.52 -19.52 8.19
N PHE C 142 16.65 -19.74 7.21
CA PHE C 142 17.09 -19.86 5.83
C PHE C 142 16.42 -18.80 4.95
N TYR C 143 16.88 -18.70 3.69
CA TYR C 143 16.29 -17.78 2.72
C TYR C 143 16.57 -18.25 1.29
N PRO C 144 15.56 -18.29 0.38
CA PRO C 144 14.16 -17.91 0.53
C PRO C 144 13.25 -18.99 1.14
N ARG C 145 11.93 -18.74 1.20
CA ARG C 145 10.97 -19.66 1.82
C ARG C 145 10.85 -20.97 1.07
N GLU C 146 11.02 -20.95 -0.25
CA GLU C 146 10.79 -22.14 -1.05
C GLU C 146 11.77 -23.21 -0.63
N ALA C 147 11.27 -24.40 -0.37
CA ALA C 147 12.09 -25.56 -0.04
C ALA C 147 11.24 -26.79 -0.28
N LYS C 148 11.90 -27.89 -0.61
CA LYS C 148 11.25 -29.17 -0.82
C LYS C 148 11.74 -30.11 0.28
N VAL C 149 10.90 -30.30 1.30
CA VAL C 149 11.23 -31.17 2.41
C VAL C 149 10.50 -32.48 2.21
N SER C 150 11.24 -33.59 2.30
CA SER C 150 10.70 -34.90 1.99
C SER C 150 11.09 -35.86 3.10
N TRP C 151 10.33 -36.94 3.24
CA TRP C 151 10.60 -37.93 4.26
C TRP C 151 10.91 -39.24 3.58
N TYR C 152 11.97 -39.90 4.03
CA TYR C 152 12.42 -41.18 3.49
C TYR C 152 12.60 -42.13 4.65
N VAL C 153 11.74 -43.15 4.74
CA VAL C 153 11.84 -44.17 5.79
C VAL C 153 12.40 -45.45 5.18
N ASP C 154 13.65 -45.75 5.52
CA ASP C 154 14.38 -46.87 4.92
C ASP C 154 14.35 -46.76 3.40
N ASN C 155 14.62 -45.53 2.93
CA ASN C 155 14.82 -45.13 1.53
C ASN C 155 13.55 -45.22 0.70
N ALA C 156 12.41 -45.42 1.34
CA ALA C 156 11.09 -45.36 0.69
C ALA C 156 10.48 -44.00 0.99
N LEU C 157 10.26 -43.22 -0.07
CA LEU C 157 9.77 -41.86 0.05
C LEU C 157 8.39 -41.83 0.70
N GLN C 158 8.30 -41.29 1.90
CA GLN C 158 7.01 -41.16 2.53
C GLN C 158 6.25 -40.02 1.90
N SER C 159 4.96 -40.24 1.69
CA SER C 159 4.08 -39.28 1.05
C SER C 159 2.71 -39.39 1.69
N GLY C 160 2.20 -38.28 2.25
CA GLY C 160 0.84 -38.18 2.77
C GLY C 160 0.74 -38.04 4.28
N ASN C 161 1.72 -38.57 5.02
CA ASN C 161 1.72 -38.62 6.48
C ASN C 161 2.60 -37.54 7.08
N SER C 162 2.61 -36.35 6.47
CA SER C 162 3.55 -35.30 6.83
C SER C 162 2.88 -33.93 6.83
N GLN C 163 3.20 -33.10 7.82
CA GLN C 163 2.62 -31.76 7.98
C GLN C 163 3.72 -30.75 8.25
N GLU C 164 3.58 -29.55 7.67
CA GLU C 164 4.62 -28.54 7.73
C GLU C 164 4.12 -27.18 8.25
N SER C 165 5.03 -26.44 8.90
CA SER C 165 4.78 -25.10 9.41
C SER C 165 5.95 -24.14 9.19
N VAL C 166 5.64 -22.90 8.79
CA VAL C 166 6.62 -21.87 8.45
C VAL C 166 6.37 -20.63 9.29
N THR C 167 7.44 -20.06 9.87
CA THR C 167 7.30 -18.87 10.70
C THR C 167 7.19 -17.61 9.84
N GLU C 168 6.78 -16.52 10.48
CA GLU C 168 6.84 -15.22 9.84
C GLU C 168 8.31 -14.83 9.71
N GLN C 169 8.60 -13.94 8.77
CA GLN C 169 9.98 -13.53 8.52
C GLN C 169 10.60 -12.97 9.79
N ASP C 170 11.85 -13.34 10.06
CA ASP C 170 12.48 -12.88 11.29
C ASP C 170 12.65 -11.38 11.30
N SER C 171 12.43 -10.76 12.46
CA SER C 171 12.51 -9.30 12.51
C SER C 171 13.93 -8.80 12.67
N LYS C 172 14.90 -9.67 12.95
CA LYS C 172 16.28 -9.28 13.17
C LYS C 172 17.16 -9.53 11.96
N ASP C 173 17.00 -10.69 11.30
CA ASP C 173 17.79 -11.06 10.12
C ASP C 173 17.01 -11.43 8.87
N SER C 174 15.69 -11.39 8.93
CA SER C 174 14.80 -11.61 7.78
C SER C 174 14.92 -13.00 7.17
N THR C 175 15.10 -14.01 8.01
CA THR C 175 15.18 -15.39 7.57
C THR C 175 13.95 -16.16 8.01
N TYR C 176 13.53 -17.09 7.18
CA TYR C 176 12.42 -17.96 7.49
C TYR C 176 12.92 -19.18 8.22
N SER C 177 12.03 -19.79 9.00
CA SER C 177 12.30 -21.03 9.73
C SER C 177 11.15 -21.99 9.51
N LEU C 178 11.47 -23.27 9.34
CA LEU C 178 10.47 -24.25 8.92
C LEU C 178 10.63 -25.55 9.72
N SER C 179 9.48 -26.22 9.91
CA SER C 179 9.40 -27.53 10.53
C SER C 179 8.53 -28.44 9.67
N SER C 180 8.97 -29.68 9.50
CA SER C 180 8.15 -30.72 8.88
C SER C 180 7.99 -31.85 9.90
N THR C 181 6.76 -32.25 10.13
CA THR C 181 6.42 -33.27 11.08
C THR C 181 5.92 -34.50 10.34
N LEU C 182 6.42 -35.67 10.73
CA LEU C 182 5.96 -36.95 10.20
C LEU C 182 5.26 -37.77 11.30
N THR C 183 3.96 -38.04 11.14
CA THR C 183 3.24 -38.82 12.15
C THR C 183 3.05 -40.26 11.69
N LEU C 184 3.46 -41.20 12.54
CA LEU C 184 3.24 -42.63 12.35
C LEU C 184 2.72 -43.28 13.63
N SER C 185 2.09 -44.43 13.48
CA SER C 185 1.74 -45.27 14.60
C SER C 185 2.98 -45.83 15.27
N LYS C 186 2.86 -46.15 16.57
CA LYS C 186 3.97 -46.74 17.32
C LYS C 186 4.42 -48.03 16.67
N ALA C 187 3.48 -48.83 16.18
CA ALA C 187 3.80 -50.09 15.51
C ALA C 187 4.62 -49.87 14.25
N ASP C 188 4.27 -48.86 13.43
CA ASP C 188 5.07 -48.58 12.22
C ASP C 188 6.49 -48.13 12.57
N TYR C 189 6.64 -47.22 13.54
CA TYR C 189 7.95 -46.68 13.87
C TYR C 189 8.89 -47.78 14.36
N GLU C 190 8.41 -48.63 15.27
CA GLU C 190 9.30 -49.62 15.84
C GLU C 190 9.76 -50.66 14.80
N LYS C 191 9.12 -50.71 13.63
CA LYS C 191 9.48 -51.71 12.62
C LYS C 191 10.36 -51.14 11.49
N HIS C 192 11.05 -50.03 11.73
CA HIS C 192 11.94 -49.48 10.71
C HIS C 192 13.19 -48.89 11.36
N LYS C 193 14.31 -48.88 10.63
CA LYS C 193 15.61 -48.53 11.19
C LYS C 193 16.06 -47.11 10.87
N VAL C 194 16.12 -46.76 9.60
CA VAL C 194 16.74 -45.53 9.17
C VAL C 194 15.65 -44.52 8.89
N TYR C 195 15.71 -43.38 9.56
CA TYR C 195 14.76 -42.28 9.37
C TYR C 195 15.52 -41.06 8.89
N ALA C 196 15.07 -40.46 7.79
CA ALA C 196 15.83 -39.40 7.14
C ALA C 196 14.92 -38.29 6.65
N CYS C 197 15.53 -37.11 6.57
CA CYS C 197 14.89 -35.86 6.17
C CYS C 197 15.70 -35.20 5.03
N GLU C 198 15.03 -34.84 3.94
CA GLU C 198 15.70 -34.26 2.78
C GLU C 198 15.25 -32.82 2.54
N VAL C 199 16.18 -31.87 2.53
CA VAL C 199 15.89 -30.46 2.28
C VAL C 199 16.51 -30.09 0.94
N THR C 200 15.70 -30.02 -0.11
CA THR C 200 16.23 -29.70 -1.43
C THR C 200 15.93 -28.24 -1.73
N GLN C 201 16.94 -27.49 -2.09
CA GLN C 201 16.76 -26.05 -2.25
C GLN C 201 17.71 -25.55 -3.32
N GLY C 202 17.16 -25.18 -4.47
CA GLY C 202 18.01 -24.84 -5.59
C GLY C 202 18.76 -26.06 -6.03
N THR C 203 20.09 -25.95 -6.05
CA THR C 203 21.01 -26.99 -6.52
C THR C 203 21.65 -27.80 -5.39
N THR C 204 21.15 -27.71 -4.16
CA THR C 204 21.76 -28.37 -3.02
C THR C 204 20.70 -29.17 -2.29
N SER C 205 21.10 -30.27 -1.64
CA SER C 205 20.17 -31.06 -0.81
C SER C 205 20.89 -31.54 0.45
N VAL C 206 20.66 -30.84 1.57
CA VAL C 206 21.14 -31.32 2.87
C VAL C 206 20.20 -32.43 3.32
N THR C 207 20.73 -33.51 3.86
CA THR C 207 19.91 -34.60 4.38
C THR C 207 20.39 -35.07 5.75
N LYS C 208 19.53 -34.87 6.78
CA LYS C 208 19.74 -35.29 8.16
C LYS C 208 18.97 -36.57 8.49
N SER C 209 19.54 -37.39 9.35
CA SER C 209 18.94 -38.70 9.58
C SER C 209 19.37 -39.24 10.94
N PHE C 210 18.77 -40.37 11.32
CA PHE C 210 19.18 -41.02 12.56
C PHE C 210 18.89 -42.51 12.50
N ASN C 211 19.55 -43.24 13.40
CA ASN C 211 19.28 -44.65 13.64
C ASN C 211 18.72 -44.92 15.04
N ARG C 212 17.66 -45.74 15.12
CA ARG C 212 17.01 -46.01 16.40
C ARG C 212 17.97 -46.58 17.44
N GLY C 213 18.96 -47.35 17.00
CA GLY C 213 20.06 -47.73 17.86
C GLY C 213 21.23 -46.75 17.76
N GLU C 214 21.10 -45.56 18.35
CA GLU C 214 22.20 -44.60 18.41
C GLU C 214 22.10 -43.82 19.73
N CYS C 215 23.07 -42.91 19.94
CA CYS C 215 23.19 -42.09 21.17
C CYS C 215 23.41 -42.96 22.42
N GLU D 1 -1.89 -0.81 -16.57
CA GLU D 1 -1.97 -1.22 -17.98
C GLU D 1 -3.41 -1.29 -18.43
N VAL D 2 -3.74 -0.52 -19.46
CA VAL D 2 -5.13 -0.51 -19.94
C VAL D 2 -5.43 -1.83 -20.66
N GLN D 3 -6.67 -2.31 -20.54
CA GLN D 3 -7.00 -3.60 -21.14
C GLN D 3 -8.48 -3.66 -21.51
N LEU D 4 -8.78 -4.23 -22.68
CA LEU D 4 -10.14 -4.40 -23.19
C LEU D 4 -10.41 -5.86 -23.47
N VAL D 5 -11.56 -6.33 -23.03
CA VAL D 5 -11.96 -7.73 -23.17
C VAL D 5 -13.32 -7.78 -23.86
N GLU D 6 -13.47 -8.71 -24.81
CA GLU D 6 -14.70 -8.81 -25.57
C GLU D 6 -15.42 -10.11 -25.28
N SER D 7 -16.71 -10.11 -25.51
CA SER D 7 -17.48 -11.35 -25.44
C SER D 7 -18.79 -11.18 -26.19
N GLY D 8 -19.38 -12.31 -26.57
CA GLY D 8 -20.66 -12.35 -27.23
C GLY D 8 -20.67 -13.07 -28.58
N GLY D 9 -19.52 -13.37 -29.17
CA GLY D 9 -19.51 -13.98 -30.48
C GLY D 9 -19.97 -15.43 -30.45
N GLY D 10 -20.24 -15.95 -31.64
CA GLY D 10 -20.71 -17.31 -31.79
C GLY D 10 -21.59 -17.40 -33.03
N LEU D 11 -22.28 -18.54 -33.14
CA LEU D 11 -23.24 -18.70 -34.21
C LEU D 11 -24.44 -17.81 -34.04
N VAL D 12 -25.03 -17.43 -35.16
CA VAL D 12 -26.34 -16.82 -35.21
C VAL D 12 -26.88 -17.05 -36.61
N GLN D 13 -28.12 -17.56 -36.68
CA GLN D 13 -28.72 -17.85 -37.96
C GLN D 13 -29.03 -16.54 -38.69
N PRO D 14 -29.00 -16.55 -40.02
CA PRO D 14 -29.25 -15.30 -40.75
C PRO D 14 -30.61 -14.74 -40.37
N GLY D 15 -30.64 -13.43 -40.16
CA GLY D 15 -31.77 -12.74 -39.59
C GLY D 15 -31.81 -12.74 -38.09
N GLY D 16 -30.78 -13.27 -37.43
CA GLY D 16 -30.75 -13.34 -35.99
C GLY D 16 -30.17 -12.11 -35.34
N SER D 17 -30.00 -12.20 -34.03
CA SER D 17 -29.51 -11.10 -33.21
C SER D 17 -28.44 -11.62 -32.26
N LEU D 18 -27.51 -10.73 -31.93
CA LEU D 18 -26.41 -11.00 -31.03
C LEU D 18 -25.92 -9.66 -30.49
N ARG D 19 -25.46 -9.67 -29.25
CA ARG D 19 -24.95 -8.46 -28.62
C ARG D 19 -23.52 -8.72 -28.19
N LEU D 20 -22.63 -7.81 -28.57
CA LEU D 20 -21.21 -7.92 -28.29
C LEU D 20 -20.82 -6.88 -27.26
N SER D 21 -19.87 -7.24 -26.38
CA SER D 21 -19.57 -6.46 -25.19
C SER D 21 -18.10 -6.14 -25.13
N CYS D 22 -17.78 -4.90 -24.77
CA CYS D 22 -16.39 -4.42 -24.65
C CYS D 22 -16.12 -3.88 -23.25
N ALA D 23 -15.61 -4.72 -22.37
CA ALA D 23 -15.37 -4.36 -20.97
C ALA D 23 -14.01 -3.71 -20.81
N ALA D 24 -13.98 -2.50 -20.30
CA ALA D 24 -12.74 -1.76 -20.21
C ALA D 24 -12.22 -1.72 -18.78
N SER D 25 -10.91 -1.50 -18.64
CA SER D 25 -10.31 -1.30 -17.33
C SER D 25 -9.04 -0.51 -17.53
N GLY D 26 -8.76 0.40 -16.62
CA GLY D 26 -7.61 1.27 -16.76
C GLY D 26 -7.95 2.67 -17.23
N PHE D 27 -9.21 2.92 -17.56
CA PHE D 27 -9.61 4.28 -17.91
C PHE D 27 -11.13 4.35 -17.86
N THR D 28 -11.64 5.57 -17.62
CA THR D 28 -13.07 5.81 -17.63
C THR D 28 -13.61 5.88 -19.06
N ILE D 29 -14.61 5.05 -19.36
CA ILE D 29 -15.07 4.91 -20.74
C ILE D 29 -15.95 6.08 -21.21
N TYR D 30 -16.58 6.83 -20.29
CA TYR D 30 -17.33 8.00 -20.73
C TYR D 30 -16.41 9.06 -21.31
N TYR D 31 -15.24 9.26 -20.69
CA TYR D 31 -14.39 10.35 -21.14
C TYR D 31 -13.71 10.06 -22.48
N SER D 32 -13.87 8.87 -23.04
CA SER D 32 -13.16 8.50 -24.26
C SER D 32 -14.10 8.03 -25.36
N SER D 33 -13.67 8.22 -26.60
CA SER D 33 -14.39 7.71 -27.76
C SER D 33 -14.03 6.26 -28.05
N MET D 34 -15.05 5.43 -28.26
CA MET D 34 -14.93 3.99 -28.48
C MET D 34 -15.43 3.60 -29.87
N HIS D 35 -14.73 2.67 -30.51
CA HIS D 35 -15.00 2.30 -31.88
C HIS D 35 -14.98 0.78 -32.04
N TRP D 36 -15.79 0.29 -32.97
CA TRP D 36 -15.85 -1.11 -33.36
C TRP D 36 -15.33 -1.25 -34.78
N VAL D 37 -14.42 -2.18 -35.00
CA VAL D 37 -13.83 -2.43 -36.30
C VAL D 37 -13.89 -3.93 -36.56
N ARG D 38 -14.38 -4.32 -37.73
CA ARG D 38 -14.48 -5.75 -38.04
C ARG D 38 -13.56 -6.11 -39.19
N GLN D 39 -13.15 -7.37 -39.21
CA GLN D 39 -12.24 -7.90 -40.22
C GLN D 39 -12.83 -9.19 -40.75
N ALA D 40 -13.40 -9.12 -41.94
CA ALA D 40 -13.97 -10.31 -42.54
C ALA D 40 -12.88 -11.35 -42.77
N PRO D 41 -13.19 -12.64 -42.65
CA PRO D 41 -12.14 -13.68 -42.82
C PRO D 41 -11.42 -13.56 -44.14
N GLY D 42 -10.11 -13.33 -44.06
CA GLY D 42 -9.21 -13.19 -45.19
C GLY D 42 -9.15 -11.82 -45.81
N LYS D 43 -9.88 -10.86 -45.28
CA LYS D 43 -9.93 -9.52 -45.86
C LYS D 43 -9.29 -8.52 -44.89
N GLY D 44 -9.42 -7.24 -45.23
CA GLY D 44 -8.89 -6.14 -44.43
C GLY D 44 -9.84 -5.68 -43.33
N LEU D 45 -9.54 -4.49 -42.80
CA LEU D 45 -10.29 -3.90 -41.70
C LEU D 45 -11.40 -2.95 -42.16
N GLU D 46 -12.50 -2.94 -41.42
CA GLU D 46 -13.66 -2.12 -41.76
C GLU D 46 -14.26 -1.51 -40.51
N TRP D 47 -14.41 -0.18 -40.49
CA TRP D 47 -14.99 0.50 -39.34
C TRP D 47 -16.50 0.33 -39.31
N VAL D 48 -17.05 -0.03 -38.15
CA VAL D 48 -18.48 -0.28 -38.04
C VAL D 48 -19.17 0.91 -37.38
N ALA D 49 -18.84 1.19 -36.12
CA ALA D 49 -19.55 2.22 -35.40
C ALA D 49 -18.62 2.85 -34.39
N SER D 50 -18.97 4.05 -33.93
CA SER D 50 -18.20 4.78 -32.93
C SER D 50 -19.16 5.32 -31.89
N ILE D 51 -18.65 5.63 -30.70
CA ILE D 51 -19.46 6.25 -29.66
C ILE D 51 -18.58 7.13 -28.80
N SER D 52 -19.06 8.32 -28.51
CA SER D 52 -18.36 9.19 -27.57
C SER D 52 -19.39 9.56 -26.52
N SER D 53 -19.23 8.98 -25.34
CA SER D 53 -20.20 9.17 -24.29
C SER D 53 -20.19 10.61 -23.78
N TYR D 54 -19.03 11.29 -23.85
CA TYR D 54 -18.92 12.65 -23.33
C TYR D 54 -19.79 13.63 -24.09
N TYR D 55 -19.82 13.54 -25.43
CA TYR D 55 -20.67 14.38 -26.25
C TYR D 55 -21.99 13.71 -26.59
N GLY D 56 -22.12 12.42 -26.32
CA GLY D 56 -23.38 11.72 -26.53
C GLY D 56 -23.76 11.39 -27.94
N TYR D 57 -22.79 11.34 -28.86
CA TYR D 57 -23.03 11.03 -30.25
C TYR D 57 -22.66 9.59 -30.57
N THR D 58 -23.37 8.99 -31.53
CA THR D 58 -23.11 7.63 -31.99
C THR D 58 -23.09 7.62 -33.51
N TYR D 59 -21.95 7.23 -34.09
CA TYR D 59 -21.73 7.24 -35.52
C TYR D 59 -21.52 5.83 -36.06
N TYR D 60 -22.31 5.47 -37.08
CA TYR D 60 -22.33 4.13 -37.68
C TYR D 60 -21.84 4.20 -39.12
N ALA D 61 -21.59 3.03 -39.71
CA ALA D 61 -21.28 2.95 -41.14
C ALA D 61 -22.54 2.65 -41.95
N ASP D 62 -22.51 2.97 -43.25
CA ASP D 62 -23.73 2.84 -44.04
C ASP D 62 -24.20 1.40 -44.07
N SER D 63 -23.27 0.46 -44.23
CA SER D 63 -23.66 -0.94 -44.39
C SER D 63 -24.35 -1.49 -43.16
N VAL D 64 -24.22 -0.82 -42.01
CA VAL D 64 -24.75 -1.32 -40.75
C VAL D 64 -25.85 -0.43 -40.16
N LYS D 65 -26.18 0.70 -40.80
CA LYS D 65 -27.19 1.58 -40.25
C LYS D 65 -28.53 0.87 -40.13
N GLY D 66 -29.25 1.15 -39.06
CA GLY D 66 -30.55 0.57 -38.85
C GLY D 66 -30.52 -0.81 -38.22
N ARG D 67 -29.46 -1.58 -38.46
CA ARG D 67 -29.32 -2.95 -37.98
C ARG D 67 -28.50 -3.11 -36.72
N PHE D 68 -27.50 -2.24 -36.53
CA PHE D 68 -26.62 -2.30 -35.38
C PHE D 68 -26.91 -1.14 -34.44
N THR D 69 -26.65 -1.35 -33.16
CA THR D 69 -26.84 -0.31 -32.15
C THR D 69 -25.61 -0.29 -31.25
N ILE D 70 -24.94 0.83 -31.20
CA ILE D 70 -23.83 1.00 -30.29
C ILE D 70 -24.38 1.64 -29.02
N SER D 71 -23.77 1.36 -27.88
CA SER D 71 -24.22 1.96 -26.65
C SER D 71 -23.10 1.79 -25.63
N ALA D 72 -23.31 2.35 -24.44
CA ALA D 72 -22.33 2.26 -23.37
C ALA D 72 -23.04 2.32 -22.03
N ASP D 73 -22.52 1.51 -21.09
CA ASP D 73 -22.99 1.51 -19.71
C ASP D 73 -21.90 2.13 -18.85
N THR D 74 -22.16 3.32 -18.27
CA THR D 74 -21.11 3.90 -17.46
C THR D 74 -20.86 3.05 -16.22
N SER D 75 -21.93 2.45 -15.66
CA SER D 75 -21.79 1.72 -14.39
C SER D 75 -20.93 0.47 -14.54
N LYS D 76 -21.03 -0.22 -15.68
CA LYS D 76 -20.24 -1.41 -15.93
C LYS D 76 -18.97 -1.15 -16.75
N ASN D 77 -18.69 0.11 -17.10
CA ASN D 77 -17.52 0.50 -17.92
C ASN D 77 -17.48 -0.29 -19.22
N THR D 78 -18.63 -0.56 -19.79
CA THR D 78 -18.71 -1.48 -20.90
C THR D 78 -19.41 -0.81 -22.06
N ALA D 79 -18.90 -1.05 -23.26
CA ALA D 79 -19.55 -0.61 -24.49
C ALA D 79 -20.11 -1.83 -25.18
N TYR D 80 -21.17 -1.63 -25.94
CA TYR D 80 -21.93 -2.72 -26.56
C TYR D 80 -22.16 -2.45 -28.03
N LEU D 81 -22.29 -3.54 -28.79
CA LEU D 81 -22.71 -3.44 -30.18
C LEU D 81 -23.84 -4.44 -30.34
N GLN D 82 -25.06 -3.93 -30.43
CA GLN D 82 -26.25 -4.76 -30.57
C GLN D 82 -26.46 -4.93 -32.08
N MET D 83 -26.35 -6.17 -32.55
CA MET D 83 -26.49 -6.48 -33.96
C MET D 83 -27.80 -7.22 -34.18
N ASN D 84 -28.64 -6.67 -35.07
CA ASN D 84 -29.90 -7.29 -35.44
C ASN D 84 -29.93 -7.49 -36.95
N SER D 85 -30.74 -8.46 -37.37
CA SER D 85 -30.93 -8.83 -38.78
C SER D 85 -29.58 -9.09 -39.45
N LEU D 86 -28.79 -9.96 -38.83
CA LEU D 86 -27.46 -10.19 -39.32
C LEU D 86 -27.53 -11.04 -40.59
N ARG D 87 -26.64 -10.79 -41.53
CA ARG D 87 -26.62 -11.59 -42.74
C ARG D 87 -25.25 -12.24 -42.89
N ALA D 88 -25.15 -13.18 -43.83
CA ALA D 88 -23.92 -13.94 -43.97
C ALA D 88 -22.70 -13.04 -44.19
N GLU D 89 -22.90 -11.90 -44.86
CA GLU D 89 -21.84 -10.91 -45.12
C GLU D 89 -21.30 -10.26 -43.84
N ASP D 90 -22.03 -10.35 -42.73
CA ASP D 90 -21.56 -9.79 -41.47
C ASP D 90 -20.58 -10.69 -40.75
N THR D 91 -20.32 -11.87 -41.27
CA THR D 91 -19.39 -12.77 -40.61
C THR D 91 -18.02 -12.13 -40.62
N ALA D 92 -17.43 -11.97 -39.45
CA ALA D 92 -16.13 -11.31 -39.33
C ALA D 92 -15.69 -11.46 -37.88
N VAL D 93 -14.41 -11.18 -37.62
CA VAL D 93 -13.97 -11.00 -36.24
C VAL D 93 -14.13 -9.53 -35.89
N TYR D 94 -14.79 -9.27 -34.77
CA TYR D 94 -15.11 -7.91 -34.36
C TYR D 94 -14.20 -7.46 -33.22
N TYR D 95 -13.66 -6.25 -33.36
CA TYR D 95 -12.76 -5.63 -32.39
C TYR D 95 -13.42 -4.36 -31.87
N CYS D 96 -13.02 -3.92 -30.66
CA CYS D 96 -13.35 -2.59 -30.13
C CYS D 96 -12.06 -1.87 -29.79
N ALA D 97 -12.05 -0.54 -29.92
CA ALA D 97 -10.79 0.17 -29.74
C ALA D 97 -11.00 1.55 -29.13
N ARG D 98 -9.98 2.04 -28.44
CA ARG D 98 -10.06 3.34 -27.79
C ARG D 98 -9.45 4.42 -28.67
N TYR D 99 -10.14 5.55 -28.78
CA TYR D 99 -9.67 6.72 -29.52
C TYR D 99 -9.63 6.50 -31.02
N TYR D 100 -9.70 7.60 -31.81
CA TYR D 100 -9.69 7.44 -33.26
C TYR D 100 -8.36 6.90 -33.76
N ALA D 101 -7.23 7.44 -33.27
CA ALA D 101 -5.95 6.78 -33.50
C ALA D 101 -5.93 5.64 -32.50
N MET D 102 -6.56 4.53 -32.89
CA MET D 102 -6.87 3.46 -31.96
C MET D 102 -5.62 2.83 -31.33
N ASP D 103 -5.41 3.02 -30.03
CA ASP D 103 -4.16 2.58 -29.42
C ASP D 103 -4.27 1.26 -28.69
N TYR D 104 -5.38 1.02 -27.99
CA TYR D 104 -5.60 -0.23 -27.26
C TYR D 104 -6.76 -0.96 -27.92
N TRP D 105 -6.55 -2.22 -28.29
CA TRP D 105 -7.54 -3.01 -29.01
C TRP D 105 -7.92 -4.23 -28.19
N GLY D 106 -9.13 -4.73 -28.38
CA GLY D 106 -9.49 -5.98 -27.74
C GLY D 106 -8.85 -7.16 -28.43
N GLN D 107 -9.04 -8.34 -27.86
CA GLN D 107 -8.46 -9.52 -28.50
C GLN D 107 -9.31 -9.98 -29.66
N GLY D 108 -10.54 -9.51 -29.75
CA GLY D 108 -11.39 -9.82 -30.88
C GLY D 108 -12.26 -11.03 -30.68
N THR D 109 -13.52 -10.95 -31.13
CA THR D 109 -14.48 -12.04 -31.00
C THR D 109 -15.11 -12.35 -32.35
N LEU D 110 -15.25 -13.64 -32.64
CA LEU D 110 -15.67 -14.06 -33.98
C LEU D 110 -17.17 -14.27 -34.00
N VAL D 111 -17.81 -13.66 -34.99
CA VAL D 111 -19.24 -13.75 -35.18
C VAL D 111 -19.44 -14.52 -36.48
N THR D 112 -20.08 -15.69 -36.42
CA THR D 112 -20.37 -16.46 -37.62
C THR D 112 -21.85 -16.39 -37.91
N VAL D 113 -22.22 -15.95 -39.12
CA VAL D 113 -23.61 -15.83 -39.54
C VAL D 113 -23.84 -16.85 -40.62
N SER D 114 -24.58 -17.91 -40.27
CA SER D 114 -24.90 -18.94 -41.23
C SER D 114 -26.11 -19.72 -40.74
N SER D 115 -26.76 -20.40 -41.69
CA SER D 115 -27.84 -21.32 -41.39
C SER D 115 -27.32 -22.71 -41.09
N ALA D 116 -26.11 -22.81 -40.55
CA ALA D 116 -25.47 -24.08 -40.27
C ALA D 116 -25.75 -24.48 -38.84
N SER D 117 -25.19 -25.61 -38.44
CA SER D 117 -25.35 -26.13 -37.10
C SER D 117 -24.00 -26.52 -36.51
N THR D 118 -23.77 -26.15 -35.25
CA THR D 118 -22.53 -26.53 -34.60
C THR D 118 -22.39 -28.04 -34.64
N LYS D 119 -21.23 -28.48 -35.08
CA LYS D 119 -20.95 -29.90 -35.21
C LYS D 119 -19.47 -30.07 -34.95
N GLY D 120 -19.14 -31.07 -34.15
CA GLY D 120 -17.77 -31.40 -33.88
C GLY D 120 -17.11 -32.06 -35.06
N PRO D 121 -15.80 -31.87 -35.18
CA PRO D 121 -15.08 -32.39 -36.33
C PRO D 121 -14.96 -33.89 -36.28
N SER D 122 -14.96 -34.50 -37.47
CA SER D 122 -14.55 -35.89 -37.66
C SER D 122 -13.10 -35.90 -38.09
N VAL D 123 -12.29 -36.70 -37.39
CA VAL D 123 -10.85 -36.71 -37.55
C VAL D 123 -10.43 -38.04 -38.17
N PHE D 124 -9.76 -37.97 -39.32
CA PHE D 124 -9.29 -39.13 -40.05
C PHE D 124 -7.77 -39.12 -40.21
N PRO D 125 -7.13 -40.29 -40.11
CA PRO D 125 -5.67 -40.33 -40.21
C PRO D 125 -5.20 -40.20 -41.66
N LEU D 126 -4.10 -39.46 -41.83
CA LEU D 126 -3.32 -39.46 -43.07
C LEU D 126 -2.11 -40.37 -42.88
N ALA D 127 -2.35 -41.67 -42.93
CA ALA D 127 -1.34 -42.62 -42.52
C ALA D 127 -0.22 -42.71 -43.56
N PRO D 128 1.06 -42.74 -43.13
CA PRO D 128 2.17 -43.04 -44.06
C PRO D 128 2.52 -44.53 -44.09
N SER D 129 2.76 -45.20 -45.23
CA SER D 129 3.23 -46.59 -45.14
C SER D 129 4.55 -46.80 -45.86
N SER D 130 4.55 -46.69 -47.19
CA SER D 130 5.66 -46.97 -48.11
C SER D 130 5.75 -46.00 -49.29
N LYS D 131 4.68 -45.23 -49.57
CA LYS D 131 4.72 -44.08 -50.48
C LYS D 131 5.37 -42.88 -49.82
N SER D 132 5.26 -42.81 -48.49
CA SER D 132 6.13 -41.96 -47.68
C SER D 132 7.56 -42.48 -47.67
N THR D 133 7.76 -43.80 -47.85
CA THR D 133 9.10 -44.34 -47.95
C THR D 133 9.66 -43.81 -49.27
N SER D 134 9.91 -42.50 -49.29
CA SER D 134 10.45 -41.81 -50.46
C SER D 134 11.39 -40.75 -49.83
N GLY D 135 12.68 -41.10 -49.79
CA GLY D 135 13.70 -40.39 -49.01
C GLY D 135 13.73 -40.90 -47.56
N GLY D 136 14.66 -40.33 -46.80
CA GLY D 136 14.77 -40.77 -45.40
C GLY D 136 13.59 -40.37 -44.52
N THR D 137 12.74 -39.49 -45.02
CA THR D 137 11.66 -38.88 -44.26
C THR D 137 10.32 -39.38 -44.78
N ALA D 138 9.33 -39.41 -43.89
CA ALA D 138 7.96 -39.78 -44.21
C ALA D 138 7.00 -38.74 -43.65
N ALA D 139 5.78 -38.65 -44.19
CA ALA D 139 4.83 -37.60 -43.81
C ALA D 139 3.47 -38.17 -43.40
N LEU D 140 2.97 -37.72 -42.24
CA LEU D 140 1.69 -38.13 -41.68
C LEU D 140 0.89 -36.91 -41.24
N GLY D 141 -0.40 -37.14 -40.98
CA GLY D 141 -1.23 -36.03 -40.56
C GLY D 141 -2.62 -36.44 -40.13
N CYS D 142 -3.48 -35.43 -39.92
CA CYS D 142 -4.88 -35.58 -39.53
C CYS D 142 -5.80 -34.74 -40.40
N LEU D 143 -6.87 -35.36 -40.92
CA LEU D 143 -7.91 -34.64 -41.66
C LEU D 143 -9.05 -34.30 -40.71
N VAL D 144 -9.37 -33.01 -40.59
CA VAL D 144 -10.41 -32.47 -39.72
C VAL D 144 -11.58 -32.04 -40.61
N LYS D 145 -12.56 -32.92 -40.80
CA LYS D 145 -13.57 -32.72 -41.83
C LYS D 145 -14.93 -32.41 -41.20
N ASP D 146 -15.66 -31.50 -41.84
CA ASP D 146 -17.08 -31.28 -41.55
C ASP D 146 -17.31 -30.88 -40.08
N TYR D 147 -16.77 -29.72 -39.71
CA TYR D 147 -17.02 -29.13 -38.41
C TYR D 147 -17.54 -27.71 -38.59
N PHE D 148 -18.20 -27.22 -37.55
CA PHE D 148 -18.81 -25.90 -37.54
C PHE D 148 -18.97 -25.51 -36.08
N PRO D 149 -18.70 -24.25 -35.70
CA PRO D 149 -18.09 -23.24 -36.56
C PRO D 149 -16.59 -23.19 -36.34
N GLU D 150 -15.95 -22.16 -36.86
CA GLU D 150 -14.58 -21.98 -36.47
C GLU D 150 -14.53 -21.45 -35.05
N PRO D 151 -13.39 -21.59 -34.36
CA PRO D 151 -12.09 -22.10 -34.73
C PRO D 151 -11.81 -23.48 -34.17
N VAL D 152 -10.82 -24.15 -34.75
CA VAL D 152 -10.30 -25.43 -34.30
C VAL D 152 -8.79 -25.30 -34.20
N THR D 153 -8.21 -25.79 -33.12
CA THR D 153 -6.78 -25.79 -32.88
C THR D 153 -6.24 -27.23 -32.88
N VAL D 154 -5.07 -27.44 -33.51
CA VAL D 154 -4.46 -28.77 -33.56
C VAL D 154 -3.10 -28.74 -32.89
N SER D 155 -2.76 -29.82 -32.21
CA SER D 155 -1.47 -30.05 -31.58
C SER D 155 -1.07 -31.48 -31.88
N TRP D 156 0.19 -31.82 -31.60
CA TRP D 156 0.69 -33.16 -31.84
C TRP D 156 1.37 -33.66 -30.58
N ASN D 157 1.08 -34.90 -30.20
CA ASN D 157 1.63 -35.49 -28.98
C ASN D 157 1.42 -34.61 -27.77
N SER D 158 0.25 -33.99 -27.70
CA SER D 158 -0.11 -33.09 -26.60
C SER D 158 0.88 -31.92 -26.52
N GLY D 159 1.32 -31.47 -27.69
CA GLY D 159 2.25 -30.36 -27.81
C GLY D 159 3.73 -30.73 -27.74
N ALA D 160 4.07 -31.99 -27.47
CA ALA D 160 5.46 -32.39 -27.37
C ALA D 160 6.15 -32.37 -28.71
N LEU D 161 5.40 -32.60 -29.80
CA LEU D 161 5.90 -32.53 -31.15
C LEU D 161 5.48 -31.18 -31.75
N THR D 162 6.43 -30.28 -31.94
CA THR D 162 6.08 -29.01 -32.52
C THR D 162 6.87 -28.68 -33.75
N SER D 163 8.09 -29.20 -33.88
CA SER D 163 8.90 -28.87 -35.04
C SER D 163 8.42 -29.69 -36.23
N GLY D 164 8.22 -29.00 -37.34
CA GLY D 164 7.75 -29.62 -38.56
C GLY D 164 6.26 -29.79 -38.67
N VAL D 165 5.50 -29.16 -37.82
CA VAL D 165 4.06 -29.21 -37.90
C VAL D 165 3.57 -28.17 -38.91
N HIS D 166 2.47 -28.46 -39.57
CA HIS D 166 1.93 -27.53 -40.57
C HIS D 166 0.43 -27.67 -40.53
N THR D 167 -0.26 -26.77 -39.83
CA THR D 167 -1.72 -26.79 -39.72
C THR D 167 -2.31 -25.79 -40.71
N PHE D 168 -3.09 -26.24 -41.57
CA PHE D 168 -3.53 -25.36 -42.65
C PHE D 168 -4.71 -24.49 -42.26
N PRO D 169 -4.92 -23.38 -42.97
CA PRO D 169 -6.17 -22.64 -42.82
C PRO D 169 -7.39 -23.47 -43.20
N ALA D 170 -8.49 -23.21 -42.50
CA ALA D 170 -9.72 -23.92 -42.80
C ALA D 170 -10.21 -23.49 -44.18
N VAL D 171 -10.91 -24.41 -44.84
CA VAL D 171 -11.56 -24.15 -46.11
C VAL D 171 -13.04 -24.40 -45.94
N LEU D 172 -13.86 -23.49 -46.44
CA LEU D 172 -15.32 -23.57 -46.28
C LEU D 172 -15.91 -24.43 -47.40
N GLN D 173 -16.28 -25.68 -47.08
CA GLN D 173 -16.66 -26.58 -48.15
C GLN D 173 -18.01 -26.24 -48.75
N SER D 174 -18.26 -26.85 -49.90
CA SER D 174 -19.54 -26.71 -50.59
C SER D 174 -20.71 -27.12 -49.71
N SER D 175 -20.44 -28.02 -48.74
CA SER D 175 -21.40 -28.52 -47.76
C SER D 175 -21.82 -27.48 -46.71
N GLY D 176 -21.14 -26.35 -46.62
CA GLY D 176 -21.41 -25.34 -45.61
C GLY D 176 -20.60 -25.47 -44.33
N LEU D 177 -19.87 -26.56 -44.17
CA LEU D 177 -19.01 -26.78 -43.02
C LEU D 177 -17.56 -26.41 -43.33
N TYR D 178 -16.75 -26.33 -42.30
CA TYR D 178 -15.33 -26.03 -42.41
C TYR D 178 -14.54 -27.33 -42.43
N SER D 179 -13.44 -27.34 -43.18
CA SER D 179 -12.55 -28.48 -43.24
C SER D 179 -11.11 -27.97 -43.17
N LEU D 180 -10.24 -28.70 -42.48
CA LEU D 180 -8.81 -28.39 -42.49
C LEU D 180 -8.03 -29.66 -42.18
N SER D 181 -6.75 -29.64 -42.51
CA SER D 181 -5.84 -30.76 -42.26
C SER D 181 -4.53 -30.28 -41.65
N SER D 182 -3.96 -31.09 -40.76
CA SER D 182 -2.67 -30.82 -40.10
C SER D 182 -1.71 -31.99 -40.32
N VAL D 183 -0.47 -31.65 -40.67
CA VAL D 183 0.56 -32.61 -41.10
C VAL D 183 1.87 -32.30 -40.41
N VAL D 184 2.68 -33.34 -40.28
CA VAL D 184 4.00 -33.25 -39.69
C VAL D 184 4.93 -34.21 -40.44
N THR D 185 6.18 -33.82 -40.59
CA THR D 185 7.18 -34.69 -41.22
C THR D 185 8.10 -35.28 -40.15
N VAL D 186 8.41 -36.57 -40.26
CA VAL D 186 9.32 -37.22 -39.32
C VAL D 186 10.14 -38.25 -40.05
N PRO D 187 11.29 -38.62 -39.49
CA PRO D 187 12.06 -39.73 -40.08
C PRO D 187 11.23 -41.00 -40.16
N SER D 188 11.36 -41.69 -41.31
CA SER D 188 10.59 -42.89 -41.57
C SER D 188 10.96 -43.98 -40.57
N SER D 189 12.21 -43.95 -40.10
CA SER D 189 12.70 -44.94 -39.15
C SER D 189 12.02 -44.84 -37.80
N SER D 190 11.41 -43.70 -37.50
CA SER D 190 10.68 -43.51 -36.26
C SER D 190 9.28 -44.08 -36.31
N LEU D 191 8.81 -44.50 -37.48
CA LEU D 191 7.42 -44.92 -37.61
C LEU D 191 7.08 -46.12 -36.72
N GLY D 192 7.98 -47.10 -36.65
CA GLY D 192 7.70 -48.26 -35.82
C GLY D 192 7.71 -47.93 -34.34
N THR D 193 8.61 -47.04 -33.90
CA THR D 193 8.80 -46.87 -32.47
C THR D 193 7.94 -45.76 -31.89
N GLN D 194 8.15 -44.52 -32.31
CA GLN D 194 7.50 -43.38 -31.68
C GLN D 194 6.03 -43.34 -32.10
N THR D 195 5.13 -43.14 -31.13
CA THR D 195 3.71 -42.96 -31.44
C THR D 195 3.39 -41.49 -31.71
N TYR D 196 2.43 -41.26 -32.62
CA TYR D 196 2.07 -39.92 -33.09
C TYR D 196 0.56 -39.76 -32.94
N ILE D 197 0.13 -38.90 -32.04
CA ILE D 197 -1.29 -38.66 -31.75
C ILE D 197 -1.53 -37.19 -32.01
N CYS D 198 -2.54 -36.87 -32.82
CA CYS D 198 -2.86 -35.47 -32.99
C CYS D 198 -4.04 -35.12 -32.09
N ASN D 199 -3.99 -33.95 -31.47
CA ASN D 199 -4.95 -33.52 -30.49
C ASN D 199 -5.73 -32.37 -31.11
N VAL D 200 -6.83 -32.71 -31.78
CA VAL D 200 -7.78 -31.71 -32.29
C VAL D 200 -8.69 -31.26 -31.17
N ASN D 201 -8.96 -29.96 -31.09
CA ASN D 201 -9.72 -29.37 -30.01
C ASN D 201 -10.67 -28.31 -30.53
N HIS D 202 -11.97 -28.59 -30.44
CA HIS D 202 -13.04 -27.72 -30.94
C HIS D 202 -13.86 -27.21 -29.74
N LYS D 203 -13.43 -26.09 -29.15
CA LYS D 203 -14.18 -25.51 -28.06
C LYS D 203 -15.63 -25.17 -28.43
N PRO D 204 -15.96 -24.71 -29.66
CA PRO D 204 -17.37 -24.37 -29.93
C PRO D 204 -18.38 -25.52 -29.81
N SER D 205 -17.95 -26.74 -29.58
CA SER D 205 -18.86 -27.83 -29.25
C SER D 205 -18.35 -28.61 -28.06
N ASN D 206 -17.37 -28.06 -27.35
CA ASN D 206 -16.72 -28.66 -26.20
C ASN D 206 -16.25 -30.08 -26.50
N THR D 207 -15.61 -30.23 -27.66
CA THR D 207 -15.14 -31.50 -28.20
C THR D 207 -13.61 -31.47 -28.29
N LYS D 208 -12.98 -32.60 -27.99
CA LYS D 208 -11.54 -32.78 -28.13
C LYS D 208 -11.31 -34.18 -28.65
N VAL D 209 -10.92 -34.30 -29.91
CA VAL D 209 -10.62 -35.58 -30.55
C VAL D 209 -9.12 -35.83 -30.49
N ASP D 210 -8.73 -37.03 -30.06
CA ASP D 210 -7.34 -37.45 -30.02
C ASP D 210 -7.27 -38.69 -30.89
N LYS D 211 -6.60 -38.58 -32.05
CA LYS D 211 -6.43 -39.69 -32.99
C LYS D 211 -4.97 -40.11 -33.05
N LYS D 212 -4.71 -41.40 -32.87
CA LYS D 212 -3.39 -42.01 -33.09
C LYS D 212 -3.29 -42.40 -34.56
N VAL D 213 -2.39 -41.74 -35.28
CA VAL D 213 -2.14 -42.05 -36.69
C VAL D 213 -1.08 -43.15 -36.80
N GLU D 214 -1.47 -44.26 -37.41
CA GLU D 214 -0.65 -45.45 -37.41
C GLU D 214 -0.21 -45.81 -38.83
N PRO D 215 1.01 -46.32 -38.99
CA PRO D 215 1.49 -46.71 -40.31
C PRO D 215 0.57 -47.72 -40.95
N LYS D 216 0.33 -47.55 -42.25
CA LYS D 216 -0.53 -48.43 -43.03
C LYS D 216 0.25 -49.65 -43.51
N SER D 217 -0.49 -50.70 -43.85
CA SER D 217 0.12 -51.92 -44.34
C SER D 217 -0.32 -52.23 -45.77
N ASP E 1 -17.37 8.84 -48.88
CA ASP E 1 -16.33 8.11 -48.15
C ASP E 1 -14.94 8.24 -48.76
N ILE E 2 -14.00 8.78 -48.00
CA ILE E 2 -12.65 8.92 -48.51
C ILE E 2 -12.08 7.54 -48.76
N GLN E 3 -11.32 7.39 -49.83
CA GLN E 3 -10.73 6.11 -50.17
C GLN E 3 -9.26 6.16 -49.80
N MET E 4 -8.79 5.12 -49.13
CA MET E 4 -7.37 4.96 -48.84
C MET E 4 -6.80 3.88 -49.75
N THR E 5 -5.84 4.28 -50.57
CA THR E 5 -5.28 3.45 -51.63
C THR E 5 -3.85 3.08 -51.25
N GLN E 6 -3.69 1.91 -50.66
CA GLN E 6 -2.40 1.46 -50.20
C GLN E 6 -1.64 0.79 -51.33
N SER E 7 -0.41 1.23 -51.56
CA SER E 7 0.39 0.59 -52.58
C SER E 7 1.74 0.24 -51.96
N PRO E 8 2.27 -0.94 -52.24
CA PRO E 8 1.60 -1.96 -53.07
C PRO E 8 0.66 -2.81 -52.24
N SER E 9 -0.11 -3.67 -52.91
CA SER E 9 -0.91 -4.64 -52.17
C SER E 9 -0.03 -5.56 -51.35
N SER E 10 1.11 -5.98 -51.91
CA SER E 10 2.03 -6.84 -51.20
C SER E 10 3.43 -6.63 -51.75
N LEU E 11 4.44 -6.79 -50.89
CA LEU E 11 5.83 -6.67 -51.32
C LEU E 11 6.72 -7.63 -50.55
N SER E 12 7.77 -8.12 -51.24
CA SER E 12 8.78 -9.02 -50.68
C SER E 12 10.08 -8.29 -50.45
N ALA E 13 10.67 -8.49 -49.28
CA ALA E 13 11.90 -7.84 -48.88
C ALA E 13 12.73 -8.82 -48.06
N SER E 14 13.96 -8.45 -47.74
CA SER E 14 14.87 -9.24 -46.93
C SER E 14 15.15 -8.52 -45.61
N VAL E 15 15.79 -9.23 -44.70
CA VAL E 15 16.17 -8.61 -43.44
C VAL E 15 17.21 -7.52 -43.73
N GLY E 16 16.99 -6.35 -43.15
CA GLY E 16 17.89 -5.23 -43.29
C GLY E 16 17.48 -4.22 -44.34
N ASP E 17 16.56 -4.59 -45.22
CA ASP E 17 16.16 -3.73 -46.32
C ASP E 17 15.37 -2.50 -45.86
N ARG E 18 15.51 -1.42 -46.62
CA ARG E 18 14.66 -0.25 -46.44
C ARG E 18 13.36 -0.50 -47.19
N VAL E 19 12.24 -0.27 -46.52
CA VAL E 19 10.94 -0.56 -47.10
C VAL E 19 10.06 0.67 -46.97
N THR E 20 9.29 0.98 -48.03
CA THR E 20 8.41 2.15 -48.02
C THR E 20 7.05 1.78 -48.57
N ILE E 21 6.00 2.03 -47.77
CA ILE E 21 4.61 1.78 -48.12
C ILE E 21 3.91 3.12 -48.29
N THR E 22 3.11 3.26 -49.34
CA THR E 22 2.44 4.51 -49.67
C THR E 22 0.92 4.35 -49.47
N CYS E 23 0.28 5.44 -49.04
CA CYS E 23 -1.17 5.50 -48.89
C CYS E 23 -1.63 6.87 -49.38
N ARG E 24 -2.50 6.89 -50.38
CA ARG E 24 -3.00 8.13 -50.97
C ARG E 24 -4.48 8.31 -50.67
N ALA E 25 -4.84 9.49 -50.18
CA ALA E 25 -6.21 9.84 -49.86
C ALA E 25 -6.89 10.52 -51.04
N SER E 26 -8.22 10.42 -51.08
CA SER E 26 -9.00 11.06 -52.14
C SER E 26 -9.24 12.54 -51.90
N GLN E 27 -8.76 13.10 -50.78
CA GLN E 27 -8.86 14.54 -50.52
C GLN E 27 -7.88 14.90 -49.41
N SER E 28 -7.60 16.20 -49.31
CA SER E 28 -6.74 16.72 -48.25
C SER E 28 -7.31 16.39 -46.88
N VAL E 29 -6.61 15.56 -46.10
CA VAL E 29 -7.08 15.17 -44.78
C VAL E 29 -6.16 15.70 -43.67
N SER E 30 -5.38 16.72 -43.98
CA SER E 30 -4.48 17.35 -43.00
C SER E 30 -3.54 16.25 -42.51
N SER E 31 -3.50 15.95 -41.22
CA SER E 31 -2.56 14.96 -40.69
C SER E 31 -3.22 13.75 -40.05
N ALA E 32 -4.55 13.64 -40.12
CA ALA E 32 -5.30 12.59 -39.39
C ALA E 32 -5.12 11.22 -40.04
N VAL E 33 -3.90 10.71 -40.00
CA VAL E 33 -3.57 9.41 -40.58
C VAL E 33 -2.82 8.58 -39.55
N ALA E 34 -3.17 7.30 -39.45
CA ALA E 34 -2.51 6.42 -38.51
C ALA E 34 -2.15 5.13 -39.19
N TRP E 35 -1.04 4.55 -38.77
CA TRP E 35 -0.58 3.30 -39.34
C TRP E 35 -0.61 2.20 -38.28
N TYR E 36 -0.95 0.98 -38.70
CA TYR E 36 -1.11 -0.14 -37.81
C TYR E 36 -0.33 -1.33 -38.37
N GLN E 37 0.18 -2.16 -37.48
CA GLN E 37 0.82 -3.42 -37.84
C GLN E 37 -0.07 -4.55 -37.35
N GLN E 38 -0.28 -5.58 -38.16
CA GLN E 38 -1.10 -6.69 -37.67
C GLN E 38 -0.45 -8.04 -38.00
N LYS E 39 0.14 -8.67 -36.98
CA LYS E 39 0.57 -10.05 -37.16
C LYS E 39 -0.66 -10.94 -37.15
N PRO E 40 -0.65 -12.03 -37.91
CA PRO E 40 -1.84 -12.89 -38.00
C PRO E 40 -2.28 -13.43 -36.66
N GLY E 41 -3.58 -13.44 -36.46
CA GLY E 41 -4.14 -13.92 -35.20
C GLY E 41 -4.35 -12.90 -34.14
N LYS E 42 -3.36 -12.04 -33.90
CA LYS E 42 -3.48 -10.99 -32.92
C LYS E 42 -4.31 -9.83 -33.48
N ALA E 43 -4.55 -8.85 -32.66
CA ALA E 43 -5.22 -7.64 -33.07
C ALA E 43 -4.21 -6.70 -33.71
N PRO E 44 -4.67 -5.65 -34.39
CA PRO E 44 -3.76 -4.60 -34.88
C PRO E 44 -3.01 -3.87 -33.76
N LYS E 45 -1.95 -3.17 -34.14
CA LYS E 45 -1.09 -2.46 -33.20
C LYS E 45 -0.74 -1.09 -33.77
N LEU E 46 -0.98 -0.03 -33.01
CA LEU E 46 -0.69 1.32 -33.50
C LEU E 46 0.82 1.55 -33.58
N LEU E 47 1.26 2.09 -34.72
CA LEU E 47 2.65 2.45 -34.97
C LEU E 47 2.86 3.94 -35.10
N ILE E 48 2.09 4.60 -35.97
CA ILE E 48 2.22 6.03 -36.24
C ILE E 48 0.84 6.66 -36.08
N TYR E 49 0.79 7.81 -35.40
CA TYR E 49 -0.43 8.59 -35.30
C TYR E 49 -0.12 10.01 -35.71
N SER E 50 -1.14 10.73 -36.17
CA SER E 50 -0.99 12.07 -36.74
C SER E 50 -0.02 12.08 -37.90
N ALA E 51 0.13 10.90 -38.52
CA ALA E 51 0.79 10.66 -39.79
C ALA E 51 2.31 10.77 -39.74
N SER E 52 2.84 11.32 -38.65
CA SER E 52 4.28 11.42 -38.50
C SER E 52 4.79 11.17 -37.09
N SER E 53 3.92 10.88 -36.12
CA SER E 53 4.31 10.78 -34.71
C SER E 53 4.46 9.33 -34.32
N LEU E 54 5.59 9.02 -33.70
CA LEU E 54 5.90 7.64 -33.33
C LEU E 54 5.22 7.31 -32.02
N TYR E 55 4.38 6.30 -32.03
CA TYR E 55 3.69 5.87 -30.83
C TYR E 55 4.66 5.39 -29.78
N SER E 56 4.43 5.83 -28.55
CA SER E 56 5.31 5.50 -27.44
C SER E 56 5.29 3.99 -27.24
N GLY E 57 6.46 3.38 -27.36
CA GLY E 57 6.55 1.94 -27.29
C GLY E 57 6.81 1.29 -28.63
N VAL E 58 6.81 2.05 -29.71
CA VAL E 58 7.14 1.50 -31.03
C VAL E 58 8.65 1.65 -31.24
N PRO E 59 9.33 0.65 -31.83
CA PRO E 59 10.77 0.81 -32.14
C PRO E 59 10.99 1.93 -33.15
N SER E 60 12.10 2.64 -32.98
CA SER E 60 12.27 3.88 -33.74
C SER E 60 12.62 3.67 -35.21
N ARG E 61 12.89 2.43 -35.65
CA ARG E 61 13.15 2.16 -37.06
C ARG E 61 11.93 2.44 -37.95
N PHE E 62 10.76 2.57 -37.32
CA PHE E 62 9.54 2.96 -38.02
C PHE E 62 9.42 4.47 -38.02
N SER E 63 9.05 5.04 -39.16
CA SER E 63 8.85 6.47 -39.27
C SER E 63 7.74 6.71 -40.28
N GLY E 64 7.04 7.82 -40.10
CA GLY E 64 5.97 8.20 -41.00
C GLY E 64 6.18 9.61 -41.52
N SER E 65 5.76 9.84 -42.76
CA SER E 65 5.87 11.16 -43.36
C SER E 65 4.59 11.46 -44.16
N ARG E 66 4.34 12.75 -44.37
CA ARG E 66 3.25 13.23 -45.22
C ARG E 66 3.81 14.24 -46.22
N SER E 67 3.44 14.08 -47.50
CA SER E 67 3.71 15.07 -48.54
C SER E 67 2.38 15.38 -49.23
N GLY E 68 1.64 16.34 -48.69
CA GLY E 68 0.33 16.70 -49.22
C GLY E 68 -0.74 15.70 -48.84
N THR E 69 -1.20 14.92 -49.81
CA THR E 69 -2.15 13.84 -49.57
C THR E 69 -1.51 12.47 -49.70
N ASP E 70 -0.17 12.40 -49.79
CA ASP E 70 0.57 11.16 -50.02
C ASP E 70 1.32 10.82 -48.74
N PHE E 71 0.85 9.79 -48.02
CA PHE E 71 1.41 9.37 -46.74
C PHE E 71 2.21 8.08 -46.92
N THR E 72 3.44 8.09 -46.43
CA THR E 72 4.36 6.98 -46.57
C THR E 72 4.78 6.50 -45.18
N LEU E 73 4.78 5.19 -44.99
CA LEU E 73 5.38 4.54 -43.83
C LEU E 73 6.68 3.91 -44.28
N THR E 74 7.72 4.06 -43.49
CA THR E 74 9.04 3.60 -43.87
C THR E 74 9.68 2.88 -42.70
N ILE E 75 10.40 1.81 -43.01
CA ILE E 75 11.24 1.11 -42.05
C ILE E 75 12.68 1.19 -42.52
N SER E 76 13.57 1.75 -41.68
CA SER E 76 14.94 1.99 -42.17
C SER E 76 15.66 0.67 -42.43
N SER E 77 15.56 -0.30 -41.52
CA SER E 77 16.27 -1.57 -41.67
C SER E 77 15.36 -2.69 -41.15
N LEU E 78 14.77 -3.45 -42.08
CA LEU E 78 13.73 -4.42 -41.76
C LEU E 78 14.24 -5.52 -40.82
N GLN E 79 13.68 -5.59 -39.64
CA GLN E 79 13.91 -6.62 -38.63
C GLN E 79 12.97 -7.80 -38.83
N PRO E 80 13.33 -9.00 -38.34
CA PRO E 80 12.45 -10.16 -38.57
C PRO E 80 11.06 -10.02 -37.94
N GLU E 81 10.94 -9.28 -36.85
CA GLU E 81 9.67 -9.06 -36.15
C GLU E 81 8.79 -8.06 -36.87
N ASP E 82 9.18 -7.63 -38.07
CA ASP E 82 8.44 -6.62 -38.80
C ASP E 82 7.66 -7.17 -39.97
N PHE E 83 7.74 -8.47 -40.21
CA PHE E 83 7.01 -9.07 -41.31
C PHE E 83 5.58 -9.34 -40.87
N ALA E 84 4.65 -8.55 -41.40
CA ALA E 84 3.25 -8.65 -41.07
C ALA E 84 2.49 -7.81 -42.08
N THR E 85 1.19 -7.63 -41.89
CA THR E 85 0.38 -6.79 -42.76
C THR E 85 0.22 -5.42 -42.13
N TYR E 86 0.31 -4.38 -42.94
CA TYR E 86 0.28 -3.01 -42.44
C TYR E 86 -0.88 -2.26 -43.06
N TYR E 87 -1.62 -1.54 -42.24
CA TYR E 87 -2.79 -0.80 -42.69
C TYR E 87 -2.59 0.69 -42.40
N CYS E 88 -2.98 1.54 -43.35
CA CYS E 88 -3.15 2.97 -43.11
C CYS E 88 -4.62 3.23 -42.82
N GLN E 89 -4.88 4.24 -42.00
CA GLN E 89 -6.23 4.63 -41.65
C GLN E 89 -6.29 6.14 -41.57
N GLN E 90 -7.42 6.71 -41.97
CA GLN E 90 -7.68 8.14 -41.81
C GLN E 90 -8.83 8.36 -40.84
N TYR E 91 -8.70 9.36 -39.98
CA TYR E 91 -9.72 9.74 -39.00
C TYR E 91 -10.01 11.21 -39.10
N TYR E 92 -10.12 11.70 -40.33
CA TYR E 92 -10.32 13.11 -40.58
C TYR E 92 -11.61 13.61 -39.94
N GLY E 93 -11.51 14.75 -39.29
CA GLY E 93 -12.69 15.32 -38.68
C GLY E 93 -13.05 14.75 -37.34
N TYR E 94 -12.30 13.75 -36.87
CA TYR E 94 -12.52 13.16 -35.55
C TYR E 94 -13.99 12.79 -35.36
N GLY E 95 -14.54 12.13 -36.38
CA GLY E 95 -15.91 11.64 -36.35
C GLY E 95 -16.88 12.34 -37.27
N GLY E 96 -16.52 13.47 -37.87
CA GLY E 96 -17.40 14.13 -38.82
C GLY E 96 -17.65 13.35 -40.10
N TYR E 97 -16.67 12.55 -40.52
CA TYR E 97 -16.68 11.76 -41.74
C TYR E 97 -16.29 10.34 -41.38
N PRO E 98 -16.68 9.35 -42.20
CA PRO E 98 -16.49 7.95 -41.83
C PRO E 98 -15.03 7.55 -41.76
N ILE E 99 -14.75 6.60 -40.89
CA ILE E 99 -13.41 6.03 -40.79
C ILE E 99 -13.23 5.04 -41.93
N THR E 100 -12.15 5.20 -42.67
CA THR E 100 -11.84 4.30 -43.77
C THR E 100 -10.42 3.78 -43.63
N PHE E 101 -10.23 2.52 -44.00
CA PHE E 101 -8.92 1.89 -43.90
C PHE E 101 -8.37 1.62 -45.29
N GLY E 102 -7.05 1.57 -45.36
CA GLY E 102 -6.41 1.09 -46.56
C GLY E 102 -6.67 -0.38 -46.74
N GLN E 103 -6.42 -0.86 -47.95
CA GLN E 103 -6.67 -2.25 -48.28
C GLN E 103 -5.58 -3.17 -47.76
N GLY E 104 -4.54 -2.61 -47.17
CA GLY E 104 -3.53 -3.45 -46.57
C GLY E 104 -2.33 -3.66 -47.49
N THR E 105 -1.20 -4.02 -46.88
CA THR E 105 0.04 -4.27 -47.60
C THR E 105 0.74 -5.43 -46.91
N LYS E 106 0.66 -6.63 -47.46
CA LYS E 106 1.30 -7.75 -46.79
C LYS E 106 2.78 -7.72 -47.10
N VAL E 107 3.59 -7.71 -46.05
CA VAL E 107 5.04 -7.74 -46.15
C VAL E 107 5.48 -9.16 -45.88
N GLU E 108 6.21 -9.75 -46.83
CA GLU E 108 6.67 -11.14 -46.76
C GLU E 108 8.17 -11.19 -47.00
N ILE E 109 8.76 -12.31 -46.70
CA ILE E 109 10.21 -12.46 -46.84
C ILE E 109 10.60 -12.91 -48.24
N LYS E 110 11.68 -12.31 -48.77
CA LYS E 110 12.31 -12.73 -50.02
C LYS E 110 13.25 -13.90 -49.73
N ARG E 111 13.25 -14.89 -50.64
CA ARG E 111 13.99 -16.13 -50.43
C ARG E 111 14.33 -16.79 -51.77
N THR E 112 15.31 -17.70 -51.73
CA THR E 112 15.66 -18.50 -52.89
C THR E 112 14.65 -19.59 -53.17
N VAL E 113 14.52 -19.95 -54.44
CA VAL E 113 13.53 -20.94 -54.85
C VAL E 113 13.90 -22.29 -54.26
N ALA E 114 12.88 -22.98 -53.75
CA ALA E 114 12.95 -24.29 -53.13
C ALA E 114 11.94 -25.25 -53.76
N ALA E 115 12.31 -26.50 -53.78
CA ALA E 115 11.40 -27.44 -54.42
C ALA E 115 10.45 -28.02 -53.39
N PRO E 116 9.15 -28.08 -53.66
CA PRO E 116 8.24 -28.81 -52.75
C PRO E 116 8.49 -30.30 -52.75
N SER E 117 8.52 -30.88 -51.57
CA SER E 117 8.44 -32.33 -51.39
C SER E 117 6.97 -32.71 -51.35
N VAL E 118 6.55 -33.49 -52.32
CA VAL E 118 5.15 -33.77 -52.59
C VAL E 118 4.76 -35.11 -51.99
N PHE E 119 3.67 -35.13 -51.24
CA PHE E 119 3.11 -36.36 -50.70
C PHE E 119 1.67 -36.48 -51.13
N ILE E 120 1.22 -37.70 -51.35
CA ILE E 120 -0.16 -37.95 -51.75
C ILE E 120 -0.74 -38.97 -50.80
N PHE E 121 -1.95 -38.70 -50.30
CA PHE E 121 -2.62 -39.54 -49.33
C PHE E 121 -3.92 -40.11 -49.88
N PRO E 122 -4.09 -41.42 -49.89
CA PRO E 122 -5.39 -41.98 -50.24
C PRO E 122 -6.39 -41.69 -49.14
N PRO E 123 -7.68 -41.68 -49.44
CA PRO E 123 -8.64 -41.54 -48.37
C PRO E 123 -8.45 -42.72 -47.44
N SER E 124 -8.66 -42.48 -46.16
CA SER E 124 -8.53 -43.52 -45.16
C SER E 124 -9.68 -44.52 -45.24
N ASP E 125 -9.39 -45.79 -44.91
CA ASP E 125 -10.46 -46.77 -44.86
C ASP E 125 -11.55 -46.36 -43.89
N GLU E 126 -11.20 -45.61 -42.84
CA GLU E 126 -12.24 -45.19 -41.90
C GLU E 126 -13.25 -44.28 -42.56
N GLN E 127 -12.80 -43.37 -43.41
CA GLN E 127 -13.71 -42.43 -44.06
C GLN E 127 -14.58 -43.08 -45.13
N LEU E 128 -14.06 -44.11 -45.81
CA LEU E 128 -14.83 -44.75 -46.87
C LEU E 128 -16.09 -45.41 -46.37
N LYS E 129 -16.13 -45.78 -45.09
CA LYS E 129 -17.32 -46.33 -44.43
C LYS E 129 -18.39 -45.28 -44.21
N SER E 130 -18.19 -44.05 -44.69
CA SER E 130 -19.16 -42.99 -44.51
C SER E 130 -19.66 -42.39 -45.81
N GLY E 131 -19.32 -42.97 -46.96
CA GLY E 131 -19.87 -42.55 -48.24
C GLY E 131 -19.19 -41.37 -48.90
N THR E 132 -18.05 -40.92 -48.37
CA THR E 132 -17.31 -39.83 -48.95
C THR E 132 -15.82 -40.16 -48.93
N ALA E 133 -15.11 -39.86 -50.02
CA ALA E 133 -13.67 -40.06 -50.11
C ALA E 133 -12.97 -38.73 -50.33
N SER E 134 -12.01 -38.41 -49.48
CA SER E 134 -11.21 -37.20 -49.62
C SER E 134 -9.79 -37.60 -49.95
N VAL E 135 -9.30 -37.14 -51.10
CA VAL E 135 -7.94 -37.39 -51.51
C VAL E 135 -7.13 -36.11 -51.31
N VAL E 136 -6.02 -36.21 -50.58
CA VAL E 136 -5.25 -35.07 -50.13
C VAL E 136 -3.90 -35.06 -50.81
N CYS E 137 -3.50 -33.90 -51.35
CA CYS E 137 -2.19 -33.66 -51.96
C CYS E 137 -1.43 -32.62 -51.16
N LEU E 138 -0.18 -32.94 -50.82
CA LEU E 138 0.61 -32.07 -49.97
C LEU E 138 1.84 -31.55 -50.71
N LEU E 139 2.07 -30.24 -50.62
CA LEU E 139 3.24 -29.58 -51.16
C LEU E 139 3.98 -29.00 -49.96
N ASN E 140 5.17 -29.49 -49.66
CA ASN E 140 5.85 -29.18 -48.41
C ASN E 140 7.07 -28.28 -48.57
N ASN E 141 7.03 -27.10 -47.97
CA ASN E 141 8.17 -26.19 -47.83
C ASN E 141 8.78 -25.78 -49.19
N PHE E 142 8.01 -24.99 -49.93
CA PHE E 142 8.45 -24.54 -51.24
C PHE E 142 8.55 -23.02 -51.32
N TYR E 143 9.11 -22.54 -52.43
CA TYR E 143 9.20 -21.11 -52.71
C TYR E 143 9.30 -20.91 -54.22
N PRO E 144 8.52 -19.98 -54.78
CA PRO E 144 7.56 -19.09 -54.14
C PRO E 144 6.17 -19.72 -53.94
N ARG E 145 5.18 -18.90 -53.56
CA ARG E 145 3.81 -19.37 -53.33
C ARG E 145 3.15 -19.86 -54.60
N GLU E 146 3.51 -19.29 -55.77
CA GLU E 146 2.82 -19.61 -57.01
C GLU E 146 3.04 -21.06 -57.39
N ALA E 147 1.96 -21.75 -57.72
CA ALA E 147 1.99 -23.14 -58.16
C ALA E 147 0.67 -23.44 -58.85
N LYS E 148 0.68 -24.46 -59.67
CA LYS E 148 -0.52 -24.95 -60.32
C LYS E 148 -0.70 -26.39 -59.85
N VAL E 149 -1.65 -26.64 -58.96
CA VAL E 149 -1.91 -28.02 -58.56
C VAL E 149 -3.15 -28.46 -59.31
N SER E 150 -3.07 -29.61 -59.96
CA SER E 150 -4.18 -30.11 -60.76
C SER E 150 -4.36 -31.60 -60.45
N TRP E 151 -5.57 -32.08 -60.66
CA TRP E 151 -5.93 -33.45 -60.32
C TRP E 151 -6.26 -34.26 -61.56
N TYR E 152 -5.71 -35.47 -61.62
CA TYR E 152 -5.90 -36.35 -62.76
C TYR E 152 -6.34 -37.71 -62.24
N VAL E 153 -7.60 -38.07 -62.49
CA VAL E 153 -8.17 -39.36 -62.12
C VAL E 153 -8.26 -40.19 -63.38
N ASP E 154 -7.41 -41.20 -63.48
CA ASP E 154 -7.26 -42.00 -64.70
C ASP E 154 -7.01 -41.09 -65.90
N ASN E 155 -6.13 -40.11 -65.69
CA ASN E 155 -5.64 -39.17 -66.68
C ASN E 155 -6.72 -38.19 -67.16
N ALA E 156 -7.88 -38.15 -66.51
CA ALA E 156 -8.91 -37.16 -66.82
C ALA E 156 -8.80 -36.00 -65.83
N LEU E 157 -8.48 -34.81 -66.34
CA LEU E 157 -8.23 -33.67 -65.48
C LEU E 157 -9.51 -33.29 -64.74
N GLN E 158 -9.50 -33.49 -63.42
CA GLN E 158 -10.63 -33.09 -62.61
C GLN E 158 -10.66 -31.58 -62.46
N SER E 159 -11.86 -31.03 -62.52
CA SER E 159 -12.08 -29.60 -62.44
C SER E 159 -13.40 -29.41 -61.69
N GLY E 160 -13.35 -28.64 -60.58
CA GLY E 160 -14.51 -28.26 -59.80
C GLY E 160 -14.55 -28.85 -58.41
N ASN E 161 -13.96 -30.03 -58.23
CA ASN E 161 -14.07 -30.78 -56.99
C ASN E 161 -12.83 -30.69 -56.13
N SER E 162 -12.15 -29.57 -56.16
CA SER E 162 -10.86 -29.45 -55.51
C SER E 162 -10.80 -28.15 -54.75
N GLN E 163 -10.12 -28.20 -53.62
CA GLN E 163 -9.95 -27.07 -52.72
C GLN E 163 -8.50 -26.99 -52.30
N GLU E 164 -7.99 -25.77 -52.17
CA GLU E 164 -6.59 -25.56 -51.83
C GLU E 164 -6.48 -24.70 -50.60
N SER E 165 -5.43 -24.93 -49.82
CA SER E 165 -5.15 -24.13 -48.64
C SER E 165 -3.66 -23.84 -48.55
N VAL E 166 -3.29 -22.60 -48.24
CA VAL E 166 -1.90 -22.15 -48.24
C VAL E 166 -1.56 -21.58 -46.86
N THR E 167 -0.44 -22.01 -46.28
CA THR E 167 -0.03 -21.51 -44.97
C THR E 167 0.66 -20.16 -45.08
N GLU E 168 0.73 -19.46 -43.95
CA GLU E 168 1.53 -18.26 -43.90
C GLU E 168 2.99 -18.67 -44.00
N GLN E 169 3.83 -17.70 -44.37
CA GLN E 169 5.26 -17.98 -44.54
C GLN E 169 5.89 -18.48 -43.26
N ASP E 170 6.68 -19.55 -43.39
CA ASP E 170 7.29 -20.19 -42.23
C ASP E 170 8.24 -19.26 -41.48
N SER E 171 8.21 -19.35 -40.15
CA SER E 171 9.05 -18.46 -39.34
C SER E 171 10.50 -18.90 -39.29
N LYS E 172 10.84 -20.12 -39.71
CA LYS E 172 12.20 -20.64 -39.61
C LYS E 172 12.96 -20.62 -40.93
N ASP E 173 12.31 -21.01 -42.04
CA ASP E 173 12.95 -21.04 -43.37
C ASP E 173 12.24 -20.23 -44.44
N SER E 174 11.17 -19.51 -44.10
CA SER E 174 10.48 -18.60 -45.02
C SER E 174 9.92 -19.33 -46.22
N THR E 175 9.37 -20.52 -46.00
CA THR E 175 8.77 -21.31 -47.06
C THR E 175 7.27 -21.46 -46.85
N TYR E 176 6.53 -21.52 -47.95
CA TYR E 176 5.10 -21.76 -47.94
C TYR E 176 4.83 -23.26 -48.00
N SER E 177 3.63 -23.65 -47.55
CA SER E 177 3.12 -25.01 -47.69
C SER E 177 1.66 -24.97 -48.13
N LEU E 178 1.29 -25.93 -48.97
CA LEU E 178 0.00 -25.93 -49.62
C LEU E 178 -0.61 -27.33 -49.54
N SER E 179 -1.94 -27.39 -49.49
CA SER E 179 -2.69 -28.64 -49.52
C SER E 179 -3.79 -28.47 -50.55
N SER E 180 -3.95 -29.45 -51.43
CA SER E 180 -5.04 -29.48 -52.40
C SER E 180 -5.80 -30.75 -52.15
N THR E 181 -7.11 -30.60 -51.93
CA THR E 181 -7.99 -31.69 -51.54
C THR E 181 -9.00 -31.98 -52.64
N LEU E 182 -9.20 -33.26 -52.93
CA LEU E 182 -10.18 -33.73 -53.90
C LEU E 182 -11.33 -34.41 -53.17
N THR E 183 -12.54 -33.90 -53.32
CA THR E 183 -13.70 -34.51 -52.68
C THR E 183 -14.52 -35.27 -53.71
N LEU E 184 -14.70 -36.57 -53.47
CA LEU E 184 -15.55 -37.40 -54.30
C LEU E 184 -16.49 -38.24 -53.45
N SER E 185 -17.57 -38.64 -54.07
CA SER E 185 -18.42 -39.65 -53.46
C SER E 185 -17.69 -40.98 -53.42
N LYS E 186 -18.07 -41.83 -52.46
CA LYS E 186 -17.48 -43.15 -52.38
C LYS E 186 -17.71 -43.92 -53.67
N ALA E 187 -18.89 -43.78 -54.24
CA ALA E 187 -19.16 -44.42 -55.51
C ALA E 187 -18.21 -43.94 -56.61
N ASP E 188 -17.94 -42.62 -56.71
CA ASP E 188 -17.00 -42.16 -57.73
C ASP E 188 -15.60 -42.71 -57.49
N TYR E 189 -15.14 -42.69 -56.23
CA TYR E 189 -13.75 -43.08 -55.95
C TYR E 189 -13.53 -44.56 -56.25
N GLU E 190 -14.45 -45.42 -55.83
CA GLU E 190 -14.16 -46.85 -55.99
C GLU E 190 -14.17 -47.30 -57.45
N LYS E 191 -14.68 -46.50 -58.39
CA LYS E 191 -14.80 -46.92 -59.78
C LYS E 191 -13.67 -46.40 -60.66
N HIS E 192 -12.53 -46.06 -60.07
CA HIS E 192 -11.35 -45.59 -60.79
C HIS E 192 -10.12 -46.17 -60.10
N LYS E 193 -9.01 -46.30 -60.86
CA LYS E 193 -7.82 -47.00 -60.39
C LYS E 193 -6.68 -46.06 -59.98
N VAL E 194 -6.26 -45.17 -60.87
CA VAL E 194 -5.06 -44.38 -60.68
C VAL E 194 -5.46 -42.97 -60.28
N TYR E 195 -4.94 -42.51 -59.14
CA TYR E 195 -5.18 -41.17 -58.65
C TYR E 195 -3.86 -40.44 -58.57
N ALA E 196 -3.80 -39.26 -59.20
CA ALA E 196 -2.54 -38.55 -59.39
C ALA E 196 -2.69 -37.06 -59.10
N CYS E 197 -1.57 -36.48 -58.68
CA CYS E 197 -1.47 -35.07 -58.35
C CYS E 197 -0.28 -34.45 -59.08
N GLU E 198 -0.50 -33.34 -59.83
CA GLU E 198 0.55 -32.73 -60.65
C GLU E 198 0.84 -31.31 -60.17
N VAL E 199 2.09 -31.07 -59.79
CA VAL E 199 2.55 -29.80 -59.23
C VAL E 199 3.49 -29.17 -60.25
N THR E 200 2.97 -28.18 -60.97
CA THR E 200 3.68 -27.46 -62.02
C THR E 200 4.16 -26.15 -61.44
N GLN E 201 5.45 -25.90 -61.53
CA GLN E 201 6.01 -24.68 -60.95
C GLN E 201 7.15 -24.24 -61.85
N GLY E 202 6.93 -23.16 -62.60
CA GLY E 202 7.90 -22.78 -63.62
C GLY E 202 7.95 -23.81 -64.71
N THR E 203 9.14 -24.36 -64.98
CA THR E 203 9.35 -25.26 -66.09
C THR E 203 9.34 -26.73 -65.70
N THR E 204 8.88 -27.06 -64.50
CA THR E 204 8.95 -28.42 -63.97
C THR E 204 7.57 -28.84 -63.49
N SER E 205 7.27 -30.14 -63.52
CA SER E 205 5.99 -30.69 -63.04
C SER E 205 6.24 -32.02 -62.33
N VAL E 206 6.21 -32.03 -61.00
CA VAL E 206 6.27 -33.28 -60.26
C VAL E 206 4.88 -33.90 -60.22
N THR E 207 4.76 -35.22 -60.38
CA THR E 207 3.47 -35.91 -60.31
C THR E 207 3.55 -37.13 -59.39
N LYS E 208 2.83 -37.06 -58.25
CA LYS E 208 2.72 -38.18 -57.32
C LYS E 208 1.38 -38.87 -57.53
N SER E 209 1.36 -40.19 -57.31
CA SER E 209 0.18 -40.97 -57.65
C SER E 209 0.13 -42.21 -56.77
N PHE E 210 -1.01 -42.88 -56.84
CA PHE E 210 -1.16 -44.15 -56.15
C PHE E 210 -2.19 -44.98 -56.90
N ASN E 211 -2.16 -46.28 -56.63
CA ASN E 211 -3.14 -47.21 -57.16
C ASN E 211 -4.04 -47.69 -56.02
N ARG E 212 -5.35 -47.72 -56.26
CA ARG E 212 -6.28 -48.06 -55.18
C ARG E 212 -5.97 -49.43 -54.60
N GLY E 213 -5.57 -50.37 -55.46
CA GLY E 213 -4.99 -51.63 -55.00
C GLY E 213 -3.47 -51.64 -54.91
N GLU E 214 -2.91 -50.93 -53.94
CA GLU E 214 -1.48 -50.95 -53.67
C GLU E 214 -1.30 -50.70 -52.17
N CYS E 215 -0.05 -50.68 -51.71
CA CYS E 215 0.22 -50.44 -50.29
C CYS E 215 1.67 -50.13 -49.99
N LYS F 5 14.37 10.21 8.21
CA LYS F 5 15.78 9.87 8.22
C LYS F 5 16.43 10.31 9.55
N GLU F 6 17.51 9.66 9.96
CA GLU F 6 18.25 10.02 11.16
C GLU F 6 19.63 10.56 10.77
N VAL F 7 20.06 11.64 11.42
CA VAL F 7 21.36 12.28 11.19
C VAL F 7 22.13 12.32 12.49
N VAL F 8 23.30 11.67 12.52
CA VAL F 8 24.09 11.55 13.74
C VAL F 8 25.04 12.74 13.86
N LEU F 9 25.11 13.33 15.07
CA LEU F 9 26.06 14.41 15.34
C LEU F 9 27.28 13.98 16.16
N LEU F 10 27.27 12.78 16.74
CA LEU F 10 28.40 12.28 17.53
C LEU F 10 28.25 10.77 17.64
N ASP F 11 29.35 10.05 17.41
CA ASP F 11 29.36 8.58 17.54
C ASP F 11 30.71 8.20 18.16
N PHE F 12 30.68 7.74 19.41
CA PHE F 12 31.92 7.42 20.10
C PHE F 12 32.64 6.24 19.46
N ALA F 13 31.88 5.23 19.01
CA ALA F 13 32.48 4.05 18.40
C ALA F 13 33.25 4.40 17.12
N ALA F 14 32.70 5.28 16.29
CA ALA F 14 33.39 5.70 15.08
C ALA F 14 34.66 6.48 15.40
N ALA F 15 34.61 7.40 16.37
CA ALA F 15 35.79 8.17 16.71
C ALA F 15 36.91 7.28 17.24
N GLY F 16 36.54 6.27 18.04
CA GLY F 16 37.51 5.35 18.59
C GLY F 16 38.46 6.04 19.54
N GLY F 17 37.90 6.81 20.50
CA GLY F 17 38.75 7.45 21.49
C GLY F 17 39.61 8.59 20.97
N GLU F 18 39.37 9.07 19.74
CA GLU F 18 40.11 10.23 19.24
C GLU F 18 39.64 11.51 19.92
N LEU F 19 38.35 11.62 20.21
CA LEU F 19 37.81 12.81 20.89
C LEU F 19 38.34 12.85 22.31
N GLY F 20 39.22 13.81 22.60
CA GLY F 20 39.73 13.96 23.95
C GLY F 20 38.82 14.78 24.85
N TRP F 21 37.70 14.17 25.26
CA TRP F 21 36.71 14.87 26.08
C TRP F 21 37.34 15.32 27.39
N LEU F 22 36.93 16.50 27.85
CA LEU F 22 37.51 17.04 29.07
C LEU F 22 36.96 16.27 30.27
N THR F 23 37.85 15.92 31.21
CA THR F 23 37.54 15.08 32.35
C THR F 23 37.75 15.82 33.66
N HIS F 24 36.74 15.78 34.52
CA HIS F 24 36.75 16.37 35.84
C HIS F 24 36.58 15.29 36.90
N PRO F 25 37.34 15.35 38.01
CA PRO F 25 38.52 16.21 38.14
C PRO F 25 39.71 15.62 37.37
N TYR F 26 40.70 16.44 37.01
CA TYR F 26 41.86 15.96 36.25
C TYR F 26 42.57 14.90 37.07
N GLY F 27 42.58 13.66 36.59
CA GLY F 27 43.08 12.54 37.37
C GLY F 27 42.08 12.11 38.43
N LYS F 28 42.09 10.82 38.74
CA LYS F 28 41.19 10.23 39.75
C LYS F 28 39.72 10.38 39.34
N GLY F 29 39.43 10.06 38.06
CA GLY F 29 38.06 10.08 37.57
C GLY F 29 37.82 9.34 36.26
N TRP F 30 37.09 9.97 35.35
CA TRP F 30 36.90 9.44 34.00
C TRP F 30 38.18 9.54 33.17
N ASP F 31 38.66 8.42 32.60
CA ASP F 31 39.81 8.44 31.70
C ASP F 31 39.63 7.34 30.65
N LEU F 32 40.31 7.52 29.50
CA LEU F 32 40.20 6.59 28.37
C LEU F 32 41.15 5.39 28.53
N MET F 33 40.63 4.20 28.18
CA MET F 33 41.37 2.95 28.21
C MET F 33 40.99 2.10 26.99
N GLN F 34 41.82 1.09 26.70
CA GLN F 34 41.56 0.08 25.67
C GLN F 34 41.04 -1.21 26.32
N ASN F 35 40.25 -1.95 25.56
CA ASN F 35 39.46 -3.06 26.07
C ASN F 35 39.55 -4.25 25.11
N ILE F 36 38.57 -5.15 25.19
CA ILE F 36 38.59 -6.43 24.48
C ILE F 36 38.52 -6.18 22.97
N MET F 37 39.67 -6.37 22.30
CA MET F 37 39.86 -6.00 20.91
C MET F 37 39.95 -7.21 19.97
N ASP F 39 40.94 -8.61 16.95
CA ASP F 39 40.24 -7.71 16.03
C ASP F 39 40.96 -6.37 15.92
N MET F 40 40.31 -5.31 16.37
CA MET F 40 40.87 -3.96 16.37
C MET F 40 40.65 -3.33 17.74
N PRO F 41 41.51 -2.39 18.15
CA PRO F 41 41.39 -1.79 19.48
C PRO F 41 40.03 -1.13 19.69
N ILE F 42 39.44 -1.37 20.87
CA ILE F 42 38.14 -0.83 21.24
C ILE F 42 38.34 0.05 22.46
N TYR F 43 37.99 1.33 22.33
CA TYR F 43 38.16 2.30 23.40
C TYR F 43 36.89 2.45 24.21
N MET F 44 37.05 2.96 25.44
CA MET F 44 35.95 3.09 26.37
C MET F 44 36.33 4.07 27.46
N TYR F 45 35.39 4.95 27.84
CA TYR F 45 35.56 5.85 28.98
C TYR F 45 35.07 5.14 30.24
N SER F 46 35.96 5.00 31.24
CA SER F 46 35.64 4.24 32.43
C SER F 46 36.14 4.97 33.67
N VAL F 47 35.61 4.57 34.82
CA VAL F 47 36.02 5.14 36.11
C VAL F 47 35.70 4.13 37.21
N CYS F 48 36.58 4.02 38.23
CA CYS F 48 36.31 3.06 39.32
C CYS F 48 36.85 3.57 40.66
N ASN F 49 36.00 4.28 41.41
CA ASN F 49 36.30 4.80 42.75
C ASN F 49 35.27 4.24 43.74
N VAL F 50 35.62 3.20 44.49
CA VAL F 50 34.63 2.67 45.42
C VAL F 50 34.65 3.28 46.82
N MET F 51 35.84 3.46 47.41
CA MET F 51 35.91 3.75 48.84
C MET F 51 35.14 5.01 49.25
N SER F 52 35.56 6.20 48.82
CA SER F 52 34.76 7.36 49.14
C SER F 52 33.92 7.73 47.92
N ASP F 56 31.61 12.53 42.76
CA ASP F 56 31.03 13.56 41.91
C ASP F 56 31.88 13.75 40.64
N ASN F 57 32.13 12.63 39.93
CA ASN F 57 32.91 12.63 38.70
C ASN F 57 32.07 12.98 37.46
N TRP F 58 32.51 13.99 36.70
CA TRP F 58 31.79 14.49 35.55
C TRP F 58 32.66 14.33 34.30
N LEU F 59 32.00 14.14 33.15
CA LEU F 59 32.67 13.96 31.86
C LEU F 59 31.86 14.68 30.78
N ARG F 60 32.48 15.69 30.18
CA ARG F 60 31.79 16.52 29.15
C ARG F 60 32.27 16.17 27.74
N THR F 61 31.37 16.24 26.78
CA THR F 61 31.65 15.97 25.38
C THR F 61 31.98 17.29 24.72
N ASN F 62 32.10 17.28 23.40
CA ASN F 62 32.51 18.47 22.69
C ASN F 62 31.32 19.39 22.47
N TRP F 63 31.61 20.62 22.05
CA TRP F 63 30.55 21.58 21.71
C TRP F 63 29.94 21.19 20.38
N VAL F 64 28.95 20.31 20.41
CA VAL F 64 28.29 19.86 19.19
C VAL F 64 27.42 20.99 18.63
N TYR F 65 27.64 21.32 17.35
CA TYR F 65 26.89 22.38 16.69
C TYR F 65 25.45 21.93 16.43
N ARG F 66 24.50 22.69 16.97
CA ARG F 66 23.09 22.30 16.86
C ARG F 66 22.64 22.30 15.41
N GLY F 67 23.08 23.29 14.64
CA GLY F 67 22.54 23.41 13.30
C GLY F 67 21.07 23.73 13.42
N GLU F 68 20.25 22.95 12.74
CA GLU F 68 18.81 23.18 12.70
C GLU F 68 18.02 22.23 13.59
N ALA F 69 18.68 21.39 14.39
CA ALA F 69 17.97 20.36 15.11
C ALA F 69 17.06 20.98 16.17
N GLU F 70 15.99 20.26 16.47
CA GLU F 70 15.08 20.67 17.53
C GLU F 70 14.98 19.64 18.65
N ARG F 71 14.95 18.35 18.32
CA ARG F 71 14.95 17.29 19.32
C ARG F 71 16.07 16.31 19.00
N ILE F 72 16.94 16.07 19.97
CA ILE F 72 18.06 15.16 19.84
C ILE F 72 17.77 13.91 20.65
N PHE F 73 18.34 12.79 20.20
CA PHE F 73 18.13 11.48 20.82
C PHE F 73 19.48 10.92 21.24
N ILE F 74 19.57 10.41 22.47
CA ILE F 74 20.81 9.89 23.01
C ILE F 74 20.67 8.38 23.19
N GLU F 75 21.51 7.63 22.50
CA GLU F 75 21.58 6.18 22.61
C GLU F 75 22.86 5.85 23.36
N LEU F 76 22.73 5.15 24.48
CA LEU F 76 23.84 4.84 25.35
C LEU F 76 24.04 3.33 25.41
N LYS F 77 25.29 2.90 25.27
CA LYS F 77 25.67 1.52 25.52
C LYS F 77 26.76 1.53 26.59
N PHE F 78 26.54 0.81 27.69
CA PHE F 78 27.42 0.93 28.84
C PHE F 78 27.40 -0.35 29.65
N THR F 79 28.42 -0.53 30.47
CA THR F 79 28.46 -1.63 31.43
C THR F 79 28.91 -1.13 32.79
N VAL F 80 28.48 -1.85 33.83
CA VAL F 80 28.75 -1.50 35.22
C VAL F 80 28.93 -2.82 35.97
N ARG F 81 29.55 -2.74 37.14
CA ARG F 81 29.74 -3.87 38.04
C ARG F 81 28.90 -3.67 39.30
N ASP F 82 28.76 -4.75 40.07
CA ASP F 82 27.93 -4.74 41.27
C ASP F 82 28.74 -4.20 42.46
N CYS F 83 28.09 -3.38 43.29
CA CYS F 83 28.76 -2.75 44.43
C CYS F 83 29.18 -3.74 45.51
N ASN F 84 28.80 -5.02 45.37
CA ASN F 84 29.23 -6.07 46.28
C ASN F 84 30.09 -7.14 45.61
N SER F 85 30.11 -7.19 44.27
CA SER F 85 31.05 -8.08 43.59
C SER F 85 32.48 -7.66 43.88
N PHE F 86 32.73 -6.35 43.90
CA PHE F 86 34.05 -5.81 44.25
C PHE F 86 34.09 -5.35 45.71
N ALA F 90 28.90 -1.41 49.35
CA ALA F 90 27.82 -0.69 50.03
C ALA F 90 28.30 0.70 50.51
N SER F 91 29.44 0.75 51.19
CA SER F 91 29.97 2.00 51.70
C SER F 91 30.40 2.90 50.55
N SER F 92 29.73 4.06 50.45
CA SER F 92 29.98 5.05 49.39
C SER F 92 30.11 4.43 47.99
N CYS F 93 29.04 3.77 47.56
CA CYS F 93 29.08 2.95 46.35
C CYS F 93 27.69 2.92 45.73
N LYS F 94 27.58 3.19 44.43
CA LYS F 94 26.29 3.13 43.76
C LYS F 94 26.38 2.54 42.35
N THR F 96 24.38 3.87 39.52
CA THR F 96 23.70 4.71 38.55
C THR F 96 24.61 5.87 38.13
N PHE F 97 24.30 6.49 36.99
CA PHE F 97 25.02 7.66 36.49
C PHE F 97 24.03 8.59 35.82
N ASN F 98 24.33 9.89 35.85
CA ASN F 98 23.41 10.92 35.39
C ASN F 98 23.97 11.60 34.14
N LEU F 99 23.09 11.85 33.17
CA LEU F 99 23.46 12.61 31.98
C LEU F 99 22.93 14.02 32.11
N TYR F 100 23.70 14.98 31.61
CA TYR F 100 23.41 16.41 31.69
C TYR F 100 23.54 17.01 30.29
N TYR F 101 23.24 18.30 30.18
CA TYR F 101 23.32 19.00 28.90
C TYR F 101 23.38 20.50 29.17
N ALA F 102 24.09 21.21 28.30
CA ALA F 102 24.22 22.65 28.41
C ALA F 102 23.71 23.30 27.13
N GLU F 103 22.78 24.24 27.28
CA GLU F 103 22.22 24.95 26.14
C GLU F 103 22.99 26.27 26.04
N SER F 104 24.19 26.17 25.46
CA SER F 104 25.07 27.32 25.26
C SER F 104 25.06 27.76 23.80
N ASP F 105 25.77 28.87 23.53
CA ASP F 105 25.84 29.45 22.20
C ASP F 105 27.25 29.65 21.66
N LEU F 106 28.26 29.57 22.51
CA LEU F 106 29.65 29.67 22.10
C LEU F 106 30.37 28.52 22.78
N ASP F 107 31.44 28.05 22.15
CA ASP F 107 32.22 26.98 22.76
C ASP F 107 32.98 27.57 23.94
N TYR F 108 32.49 27.33 25.15
CA TYR F 108 33.12 27.88 26.33
C TYR F 108 34.58 27.49 26.38
N GLY F 109 34.86 26.22 26.08
CA GLY F 109 36.22 25.71 26.00
C GLY F 109 36.54 24.96 27.26
N THR F 110 37.47 25.51 28.03
CA THR F 110 37.90 24.90 29.27
C THR F 110 37.34 25.70 30.45
N ASN F 111 36.03 25.61 30.64
CA ASN F 111 35.37 26.36 31.71
C ASN F 111 34.57 25.46 32.65
N PHE F 112 33.64 24.66 32.13
CA PHE F 112 32.89 23.66 32.91
C PHE F 112 32.29 24.21 34.21
N GLN F 113 31.27 25.07 34.06
CA GLN F 113 30.49 25.53 35.21
C GLN F 113 29.37 24.53 35.46
N LYS F 114 29.64 23.52 36.30
CA LYS F 114 28.67 22.47 36.61
C LYS F 114 27.47 22.98 37.41
N ARG F 115 27.56 24.17 38.00
CA ARG F 115 26.47 24.67 38.84
C ARG F 115 25.19 24.81 38.04
N LEU F 116 25.31 25.08 36.74
CA LEU F 116 24.18 25.25 35.83
C LEU F 116 24.37 24.32 34.63
N PHE F 117 23.87 23.09 34.76
CA PHE F 117 24.02 22.13 33.67
C PHE F 117 22.77 21.26 33.47
N THR F 118 21.66 21.55 34.15
CA THR F 118 20.30 21.09 33.80
C THR F 118 20.24 19.60 33.47
N LYS F 119 20.42 18.78 34.52
CA LYS F 119 20.41 17.32 34.41
C LYS F 119 19.30 16.81 33.50
N ILE F 120 19.67 15.86 32.62
CA ILE F 120 18.70 15.23 31.72
C ILE F 120 17.84 14.23 32.48
N ASP F 121 18.46 13.17 33.01
CA ASP F 121 17.77 12.12 33.73
C ASP F 121 18.82 11.16 34.28
N THR F 122 18.56 10.64 35.47
CA THR F 122 19.46 9.66 36.10
C THR F 122 19.34 8.31 35.39
N ILE F 123 20.31 8.01 34.50
CA ILE F 123 20.29 6.71 33.80
C ILE F 123 20.59 5.60 34.80
N ALA F 124 19.93 4.47 34.64
CA ALA F 124 20.15 3.34 35.52
C ALA F 124 20.55 2.12 34.70
N PRO F 125 21.31 1.20 35.28
CA PRO F 125 21.73 0.01 34.54
C PRO F 125 20.57 -0.93 34.27
N ASP F 126 20.83 -1.93 33.42
CA ASP F 126 19.85 -2.94 33.08
C ASP F 126 20.43 -4.37 33.13
N GLU F 127 21.73 -4.51 33.39
CA GLU F 127 22.41 -5.81 33.52
C GLU F 127 23.75 -5.55 34.21
N ILE F 128 24.19 -6.50 35.04
CA ILE F 128 25.34 -6.35 35.93
C ILE F 128 26.36 -7.44 35.58
N THR F 129 27.64 -7.07 35.51
CA THR F 129 28.70 -8.06 35.28
C THR F 129 29.34 -8.53 36.60
N VAL F 130 30.38 -9.36 36.47
CA VAL F 130 31.06 -9.99 37.61
C VAL F 130 32.45 -10.47 37.14
N LEU F 141 26.41 -4.79 26.27
CA LEU F 141 26.26 -3.63 27.13
C LEU F 141 24.77 -3.25 27.22
N ASN F 142 24.43 -2.39 28.17
CA ASN F 142 23.03 -2.05 28.37
C ASN F 142 22.67 -0.92 27.41
N VAL F 143 21.72 -1.18 26.52
CA VAL F 143 21.37 -0.23 25.47
C VAL F 143 20.06 0.43 25.89
N GLU F 144 20.20 1.59 26.55
CA GLU F 144 19.06 2.42 26.94
C GLU F 144 19.21 3.79 26.27
N GLU F 145 18.12 4.29 25.69
CA GLU F 145 18.12 5.52 24.90
C GLU F 145 17.08 6.49 25.44
N ARG F 146 17.43 7.78 25.49
CA ARG F 146 16.57 8.86 26.00
C ARG F 146 16.72 10.08 25.07
N SER F 147 16.05 11.18 25.44
CA SER F 147 16.00 12.39 24.61
C SER F 147 15.76 13.60 25.50
N VAL F 148 15.94 14.80 24.95
CA VAL F 148 15.75 16.04 25.70
C VAL F 148 14.77 16.95 24.99
N GLY F 149 14.18 17.88 25.76
CA GLY F 149 13.25 18.87 25.26
C GLY F 149 13.81 19.74 24.15
N PRO F 150 12.99 20.67 23.63
CA PRO F 150 13.37 21.37 22.39
C PRO F 150 14.63 22.21 22.57
N LEU F 151 15.56 22.04 21.65
CA LEU F 151 16.86 22.67 21.70
C LEU F 151 16.80 23.94 20.87
N THR F 152 17.19 25.06 21.47
CA THR F 152 17.02 26.34 20.81
C THR F 152 18.29 27.18 20.75
N ARG F 153 19.42 26.66 21.21
CA ARG F 153 20.67 27.42 21.23
C ARG F 153 21.65 26.96 20.14
N LYS F 154 22.52 27.87 19.71
CA LYS F 154 23.43 27.59 18.61
C LYS F 154 24.37 26.44 18.94
N GLY F 155 24.70 26.26 20.22
CA GLY F 155 25.55 25.18 20.68
C GLY F 155 24.83 24.19 21.57
N PHE F 156 25.58 23.16 21.96
CA PHE F 156 24.98 22.08 22.72
C PHE F 156 26.06 21.20 23.34
N TYR F 157 25.87 20.83 24.61
CA TYR F 157 26.81 20.05 25.40
C TYR F 157 26.13 18.84 25.98
N LEU F 158 26.90 17.78 26.22
CA LEU F 158 26.36 16.62 26.90
C LEU F 158 27.39 16.17 27.92
N ALA F 159 26.91 15.66 29.05
CA ALA F 159 27.79 15.29 30.15
C ALA F 159 27.34 13.96 30.76
N PHE F 160 28.20 13.40 31.60
CA PHE F 160 27.89 12.19 32.37
C PHE F 160 28.40 12.37 33.80
N GLN F 161 27.53 12.11 34.78
CA GLN F 161 27.87 12.27 36.19
C GLN F 161 27.89 10.91 36.86
N ASP F 162 28.83 10.71 37.77
CA ASP F 162 29.04 9.43 38.44
C ASP F 162 28.95 9.59 39.96
N ILE F 163 27.96 8.94 40.56
CA ILE F 163 27.83 8.85 42.01
C ILE F 163 28.16 7.44 42.49
N GLY F 164 28.90 6.69 41.68
CA GLY F 164 29.16 5.29 41.97
C GLY F 164 30.56 4.82 41.61
N ALA F 165 30.74 3.50 41.48
CA ALA F 165 32.01 2.89 41.14
C ALA F 165 31.87 1.88 40.00
N CYS F 166 32.97 1.72 39.26
CA CYS F 166 33.15 0.70 38.21
C CYS F 166 32.03 0.74 37.17
N VAL F 167 32.07 1.81 36.37
CA VAL F 167 31.20 1.97 35.21
C VAL F 167 32.09 2.13 34.00
N ALA F 168 31.62 1.65 32.85
CA ALA F 168 32.36 1.77 31.59
C ALA F 168 31.39 2.15 30.50
N LEU F 169 31.66 3.26 29.81
CA LEU F 169 30.78 3.79 28.79
C LEU F 169 31.37 3.44 27.42
N LEU F 170 30.56 2.79 26.59
CA LEU F 170 31.04 2.17 25.35
C LEU F 170 30.57 2.88 24.09
N SER F 171 29.24 3.04 23.88
CA SER F 171 28.72 3.65 22.66
C SER F 171 27.85 4.83 23.03
N VAL F 172 28.27 6.02 22.61
CA VAL F 172 27.51 7.27 22.75
C VAL F 172 27.21 7.75 21.35
N ARG F 173 25.94 7.67 20.97
CA ARG F 173 25.44 8.15 19.69
C ARG F 173 24.36 9.19 19.94
N VAL F 174 24.51 10.36 19.32
CA VAL F 174 23.53 11.44 19.42
C VAL F 174 23.04 11.79 18.01
N TYR F 175 21.74 11.66 17.78
CA TYR F 175 21.18 11.86 16.46
C TYR F 175 19.84 12.56 16.55
N TYR F 176 19.45 13.20 15.46
CA TYR F 176 18.13 13.79 15.32
C TYR F 176 17.48 13.21 14.09
N LYS F 177 16.15 13.35 14.00
CA LYS F 177 15.40 12.85 12.87
C LYS F 177 14.92 14.01 12.01
N LYS F 178 14.94 13.83 10.70
CA LYS F 178 14.37 14.80 9.79
C LYS F 178 13.66 14.05 8.67
N CYS F 179 12.65 14.70 8.11
CA CYS F 179 11.77 14.15 7.09
C CYS F 179 12.45 14.21 5.73
N PRO F 180 12.51 13.12 4.99
CA PRO F 180 13.24 13.11 3.70
C PRO F 180 12.47 13.85 2.63
N GLU F 181 13.16 14.16 1.51
CA GLU F 181 12.42 14.72 0.37
C GLU F 181 11.35 13.72 -0.02
N LEU F 182 10.22 14.25 -0.46
CA LEU F 182 9.17 13.41 -0.98
C LEU F 182 8.37 14.25 -1.93
N LEU F 183 7.67 13.57 -2.82
CA LEU F 183 6.89 14.23 -3.85
C LEU F 183 5.42 13.85 -3.65
N GLN F 184 4.62 14.75 -3.07
CA GLN F 184 3.20 14.51 -2.84
C GLN F 184 2.36 15.54 -3.59
N GLY F 185 1.29 15.08 -4.24
CA GLY F 185 0.37 16.01 -4.87
C GLY F 185 1.01 16.90 -5.91
N LEU F 186 1.90 16.33 -6.73
CA LEU F 186 2.55 17.06 -7.81
C LEU F 186 3.42 18.22 -7.30
N ALA F 187 3.93 18.09 -6.07
CA ALA F 187 4.81 19.10 -5.50
C ALA F 187 5.98 18.41 -4.80
N HIS F 188 7.12 19.09 -4.81
CA HIS F 188 8.35 18.55 -4.27
C HIS F 188 8.61 19.19 -2.92
N PHE F 189 8.72 18.37 -1.88
CA PHE F 189 8.99 18.81 -0.51
C PHE F 189 10.43 18.52 -0.15
N PRO F 190 11.16 19.53 0.32
CA PRO F 190 12.58 19.35 0.63
C PRO F 190 12.75 18.66 1.97
N GLU F 191 14.01 18.26 2.24
CA GLU F 191 14.35 17.66 3.51
C GLU F 191 14.12 18.66 4.66
N THR F 192 13.28 18.29 5.61
CA THR F 192 12.88 19.22 6.65
C THR F 192 13.17 18.63 8.03
N ILE F 193 13.76 19.44 8.90
CA ILE F 193 14.07 19.03 10.27
C ILE F 193 12.79 18.83 11.07
N ALA F 194 12.71 17.72 11.81
CA ALA F 194 11.51 17.41 12.60
C ALA F 194 11.29 18.35 13.78
N SER F 196 9.79 19.50 17.24
CA SER F 196 10.38 18.88 18.42
C SER F 196 9.38 18.19 19.33
N ASP F 197 8.37 18.94 19.75
CA ASP F 197 7.42 18.42 20.71
C ASP F 197 6.19 17.96 19.95
N ALA F 198 5.64 16.82 20.36
CA ALA F 198 4.57 16.20 19.60
C ALA F 198 3.40 17.15 19.35
N PRO F 199 2.89 17.89 20.37
CA PRO F 199 1.84 18.88 20.07
C PRO F 199 2.45 20.05 19.31
N SER F 200 2.23 20.08 17.98
CA SER F 200 2.96 21.00 17.12
C SER F 200 2.32 20.98 15.74
N LEU F 201 2.39 22.14 15.07
CA LEU F 201 1.85 22.30 13.73
C LEU F 201 2.93 22.24 12.66
N ALA F 202 3.92 23.14 12.70
CA ALA F 202 5.04 23.15 11.75
C ALA F 202 4.66 22.82 10.31
N THR F 203 3.82 23.65 9.69
CA THR F 203 3.41 23.44 8.30
C THR F 203 4.56 23.78 7.35
N VAL F 204 4.82 22.93 6.35
CA VAL F 204 5.90 23.14 5.36
C VAL F 204 5.32 23.10 3.95
N ALA F 205 5.66 24.11 3.15
CA ALA F 205 5.10 24.26 1.81
C ALA F 205 5.98 23.60 0.76
N GLY F 206 5.32 23.01 -0.25
CA GLY F 206 6.01 22.38 -1.36
C GLY F 206 6.02 23.28 -2.58
N THR F 207 6.95 23.02 -3.48
CA THR F 207 7.05 23.75 -4.73
C THR F 207 6.56 22.88 -5.88
N CYS F 208 5.69 23.46 -6.72
CA CYS F 208 5.14 22.73 -7.84
C CYS F 208 6.25 22.24 -8.75
N VAL F 209 6.11 21.01 -9.25
CA VAL F 209 7.04 20.44 -10.22
C VAL F 209 6.88 21.20 -11.54
N ASP F 210 7.80 20.99 -12.47
CA ASP F 210 7.78 21.71 -13.74
C ASP F 210 6.44 21.50 -14.44
N HIS F 211 5.87 22.58 -14.96
CA HIS F 211 4.59 22.62 -15.66
C HIS F 211 3.41 22.27 -14.76
N ALA F 212 3.64 22.15 -13.47
CA ALA F 212 2.56 22.01 -12.51
C ALA F 212 2.30 23.35 -11.85
N VAL F 213 1.04 23.66 -11.58
CA VAL F 213 0.71 24.95 -10.98
C VAL F 213 -0.36 24.78 -9.92
N VAL F 214 -0.28 25.61 -8.89
CA VAL F 214 -1.31 25.61 -7.86
C VAL F 214 -2.60 26.17 -8.45
N PRO F 215 -3.76 25.53 -8.21
CA PRO F 215 -5.01 26.07 -8.73
C PRO F 215 -5.22 27.48 -8.18
N PRO F 216 -5.78 28.37 -8.99
CA PRO F 216 -6.09 29.73 -8.51
C PRO F 216 -6.87 29.79 -7.19
N GLY F 217 -8.06 29.18 -7.12
CA GLY F 217 -8.84 29.09 -5.90
C GLY F 217 -8.65 27.79 -5.13
N GLY F 218 -7.43 27.53 -4.66
CA GLY F 218 -7.14 26.28 -4.01
C GLY F 218 -5.99 26.44 -3.05
N GLU F 219 -5.92 25.53 -2.08
CA GLU F 219 -4.86 25.56 -1.09
C GLU F 219 -3.51 25.22 -1.74
N GLU F 220 -2.46 25.85 -1.22
CA GLU F 220 -1.10 25.50 -1.60
C GLU F 220 -0.69 24.21 -0.91
N PRO F 221 0.22 23.45 -1.51
CA PRO F 221 0.64 22.18 -0.90
C PRO F 221 1.33 22.45 0.43
N ARG F 222 0.83 21.80 1.49
CA ARG F 222 1.33 21.96 2.84
C ARG F 222 1.51 20.58 3.46
N MET F 223 2.63 20.37 4.19
CA MET F 223 2.85 19.14 4.95
C MET F 223 3.42 19.47 6.32
N HIS F 224 3.16 18.59 7.30
CA HIS F 224 3.67 18.76 8.66
C HIS F 224 4.61 17.60 8.96
N CYS F 225 5.78 17.94 9.47
CA CYS F 225 6.81 16.95 9.75
C CYS F 225 6.86 16.78 11.26
N ALA F 226 6.59 15.56 11.72
CA ALA F 226 6.47 15.30 13.14
C ALA F 226 7.75 14.70 13.67
N VAL F 227 7.86 14.64 14.99
CA VAL F 227 9.07 14.13 15.62
C VAL F 227 9.32 12.67 15.23
N ASP F 228 8.30 11.98 14.74
CA ASP F 228 8.46 10.60 14.36
C ASP F 228 9.17 10.43 13.02
N GLY F 229 9.68 11.52 12.46
CA GLY F 229 10.35 11.48 11.15
C GLY F 229 9.46 11.08 10.00
N GLU F 230 8.24 11.58 10.00
CA GLU F 230 7.19 11.19 9.08
C GLU F 230 6.48 12.44 8.57
N TRP F 231 6.14 12.47 7.29
CA TRP F 231 5.29 13.52 6.77
C TRP F 231 3.85 13.12 7.04
N LEU F 232 3.04 14.06 7.48
CA LEU F 232 1.69 13.74 7.91
C LEU F 232 0.71 14.80 7.45
N VAL F 233 -0.55 14.39 7.33
CA VAL F 233 -1.68 15.29 7.08
C VAL F 233 -1.36 16.27 5.96
N PRO F 234 -1.35 15.82 4.72
CA PRO F 234 -1.16 16.75 3.62
C PRO F 234 -2.38 17.64 3.42
N ILE F 235 -2.13 18.93 3.20
CA ILE F 235 -3.17 19.90 2.87
C ILE F 235 -2.86 20.49 1.49
N GLY F 236 -3.88 20.54 0.65
CA GLY F 236 -3.74 21.11 -0.67
C GLY F 236 -3.02 20.19 -1.63
N GLN F 237 -2.95 20.66 -2.88
CA GLN F 237 -2.34 19.91 -3.96
C GLN F 237 -2.06 20.85 -5.13
N CYS F 238 -0.88 20.67 -5.74
CA CYS F 238 -0.60 21.31 -7.02
C CYS F 238 -1.36 20.59 -8.11
N LEU F 239 -1.50 21.26 -9.25
CA LEU F 239 -2.25 20.70 -10.36
C LEU F 239 -1.43 20.77 -11.65
N CYS F 240 -1.53 19.69 -12.45
CA CYS F 240 -0.99 19.67 -13.80
C CYS F 240 -1.68 20.76 -14.60
N GLN F 241 -0.89 21.55 -15.32
CA GLN F 241 -1.42 22.77 -15.92
C GLN F 241 -2.16 22.52 -17.22
N ALA F 242 -2.61 23.63 -17.84
CA ALA F 242 -3.29 23.56 -19.13
C ALA F 242 -2.31 23.11 -20.21
N GLY F 243 -2.79 22.22 -21.09
CA GLY F 243 -1.95 21.59 -22.10
C GLY F 243 -1.16 20.40 -21.60
N TYR F 244 -1.30 20.04 -20.33
CA TYR F 244 -0.51 18.97 -19.71
C TYR F 244 -1.42 18.05 -18.90
N GLU F 245 -0.94 16.81 -18.71
CA GLU F 245 -1.68 15.81 -17.96
C GLU F 245 -0.78 15.06 -16.98
N LYS F 246 -1.40 14.54 -15.93
CA LYS F 246 -0.69 13.85 -14.85
C LYS F 246 -0.24 12.49 -15.31
N VAL F 247 1.07 12.23 -15.23
CA VAL F 247 1.67 10.93 -15.53
C VAL F 247 2.57 10.51 -14.37
N GLU F 248 2.35 9.30 -13.85
CA GLU F 248 3.01 8.85 -12.63
C GLU F 248 2.80 9.92 -11.57
N ASP F 249 3.82 10.72 -11.29
CA ASP F 249 3.63 11.91 -10.47
C ASP F 249 4.47 13.06 -11.04
N ALA F 250 4.39 13.25 -12.37
CA ALA F 250 4.98 14.40 -13.04
C ALA F 250 4.06 14.84 -14.16
N CYS F 251 4.26 16.08 -14.60
CA CYS F 251 3.42 16.66 -15.63
C CYS F 251 4.05 16.47 -17.01
N GLN F 252 3.27 15.97 -17.95
CA GLN F 252 3.74 15.63 -19.28
C GLN F 252 2.79 16.23 -20.31
N ALA F 253 3.36 16.72 -21.42
CA ALA F 253 2.56 17.41 -22.41
C ALA F 253 1.58 16.46 -23.10
N CYS F 254 0.42 17.01 -23.47
CA CYS F 254 -0.60 16.20 -24.19
C CYS F 254 0.00 15.70 -25.51
N SER F 255 -0.26 14.45 -25.86
CA SER F 255 0.21 13.91 -27.13
C SER F 255 -0.49 14.59 -28.30
N PRO F 256 0.14 14.60 -29.48
CA PRO F 256 -0.50 15.23 -30.64
C PRO F 256 -1.84 14.59 -30.95
N GLY F 257 -2.80 15.42 -31.33
CA GLY F 257 -4.16 14.97 -31.45
C GLY F 257 -4.94 14.99 -30.16
N PHE F 258 -4.36 15.52 -29.10
CA PHE F 258 -5.04 15.62 -27.83
C PHE F 258 -4.84 17.03 -27.29
N PHE F 259 -5.79 17.49 -26.47
CA PHE F 259 -5.76 18.84 -25.94
C PHE F 259 -6.20 18.86 -24.48
N LYS F 260 -5.75 19.90 -23.77
CA LYS F 260 -6.19 20.16 -22.40
C LYS F 260 -6.28 21.68 -22.21
N PHE F 261 -7.53 22.19 -22.19
CA PHE F 261 -7.75 23.65 -22.15
C PHE F 261 -7.50 24.26 -20.77
N GLU F 262 -8.00 23.62 -19.70
CA GLU F 262 -7.99 24.15 -18.33
C GLU F 262 -6.98 23.38 -17.50
N ALA F 263 -6.63 23.96 -16.36
CA ALA F 263 -5.75 23.30 -15.40
C ALA F 263 -6.58 22.46 -14.41
N SER F 264 -6.51 21.13 -14.52
CA SER F 264 -7.29 20.24 -13.66
C SER F 264 -6.48 18.97 -13.41
N GLU F 265 -7.11 17.99 -12.78
CA GLU F 265 -6.50 16.67 -12.63
C GLU F 265 -6.87 15.74 -13.78
N SER F 266 -7.83 16.12 -14.63
CA SER F 266 -8.32 15.22 -15.66
C SER F 266 -7.23 14.98 -16.70
N PRO F 267 -7.27 13.85 -17.40
CA PRO F 267 -6.30 13.62 -18.47
C PRO F 267 -6.62 14.50 -19.65
N CYS F 268 -5.71 14.43 -20.63
CA CYS F 268 -5.91 15.22 -21.86
C CYS F 268 -7.09 14.63 -22.62
N LEU F 269 -7.91 15.49 -23.21
CA LEU F 269 -9.05 15.07 -23.99
C LEU F 269 -8.70 14.94 -25.47
N GLU F 270 -9.40 14.03 -26.15
CA GLU F 270 -9.28 13.95 -27.59
C GLU F 270 -9.95 15.14 -28.25
N CYS F 271 -9.38 15.58 -29.38
CA CYS F 271 -9.98 16.67 -30.09
C CYS F 271 -11.40 16.30 -30.50
N PRO F 272 -12.30 17.24 -30.50
CA PRO F 272 -13.70 16.93 -30.78
C PRO F 272 -14.00 16.86 -32.28
N GLU F 273 -15.28 16.79 -32.63
CA GLU F 273 -15.66 16.70 -34.03
C GLU F 273 -15.15 17.90 -34.82
N HIS F 274 -14.83 17.66 -36.09
CA HIS F 274 -14.41 18.70 -37.05
C HIS F 274 -13.26 19.56 -36.53
N THR F 275 -12.20 18.90 -36.06
CA THR F 275 -11.02 19.60 -35.60
C THR F 275 -9.75 18.93 -36.15
N LEU F 276 -8.75 19.74 -36.46
CA LEU F 276 -7.51 19.25 -37.01
C LEU F 276 -6.60 18.69 -35.92
N PRO F 277 -5.79 17.68 -36.25
CA PRO F 277 -4.89 17.10 -35.24
C PRO F 277 -4.03 18.17 -34.60
N SER F 278 -4.05 18.18 -33.30
CA SER F 278 -3.34 19.18 -32.52
C SER F 278 -1.86 18.81 -32.43
N PRO F 279 -0.99 19.79 -32.20
CA PRO F 279 0.43 19.52 -31.99
C PRO F 279 0.67 19.05 -30.56
N GLU F 280 1.93 18.72 -30.28
CA GLU F 280 2.28 18.21 -28.95
C GLU F 280 1.96 19.25 -27.89
N GLY F 281 1.37 18.79 -26.79
CA GLY F 281 1.06 19.67 -25.67
C GLY F 281 0.06 20.76 -25.99
N ALA F 282 -0.92 20.44 -26.84
CA ALA F 282 -1.82 21.46 -27.34
C ALA F 282 -2.78 21.95 -26.27
N THR F 283 -3.10 23.23 -26.34
CA THR F 283 -4.16 23.75 -25.50
C THR F 283 -5.52 23.63 -26.15
N SER F 284 -5.59 23.61 -27.49
CA SER F 284 -6.83 23.48 -28.24
C SER F 284 -6.54 23.04 -29.66
N CYS F 285 -7.48 22.34 -30.27
CA CYS F 285 -7.35 21.93 -31.65
C CYS F 285 -8.13 22.91 -32.53
N GLU F 286 -7.47 23.41 -33.58
CA GLU F 286 -8.10 24.38 -34.48
C GLU F 286 -9.20 23.72 -35.27
N CYS F 287 -10.25 24.49 -35.56
CA CYS F 287 -11.37 23.92 -36.29
C CYS F 287 -10.93 23.52 -37.71
N GLU F 288 -11.78 22.69 -38.32
CA GLU F 288 -11.43 22.00 -39.57
C GLU F 288 -11.78 22.80 -40.83
N GLU F 289 -11.05 23.91 -41.03
CA GLU F 289 -11.03 24.57 -42.35
C GLU F 289 -12.38 24.66 -43.04
N GLY F 290 -13.28 25.50 -42.54
CA GLY F 290 -14.69 25.32 -42.82
C GLY F 290 -15.43 25.49 -41.51
N PHE F 291 -15.75 24.39 -40.84
CA PHE F 291 -16.41 24.46 -39.54
C PHE F 291 -15.64 25.41 -38.62
N PHE F 292 -16.40 26.22 -37.86
CA PHE F 292 -15.84 27.30 -37.05
C PHE F 292 -16.22 27.15 -35.59
N ARG F 293 -15.60 28.00 -34.79
CA ARG F 293 -15.72 27.98 -33.34
C ARG F 293 -16.54 29.19 -32.91
N ALA F 294 -17.58 28.94 -32.12
CA ALA F 294 -18.44 30.03 -31.67
C ALA F 294 -17.65 30.96 -30.75
N PRO F 295 -17.79 32.29 -30.92
CA PRO F 295 -16.99 33.21 -30.08
C PRO F 295 -17.24 33.04 -28.58
N GLN F 296 -18.50 32.87 -28.17
CA GLN F 296 -18.83 32.72 -26.75
C GLN F 296 -18.54 31.31 -26.22
N ASP F 297 -18.53 30.31 -27.07
CA ASP F 297 -18.36 28.93 -26.65
C ASP F 297 -16.90 28.66 -26.30
N PRO F 298 -16.64 27.72 -25.39
CA PRO F 298 -15.25 27.39 -25.04
C PRO F 298 -14.60 26.59 -26.15
N ALA F 299 -13.26 26.55 -26.12
CA ALA F 299 -12.49 25.87 -27.15
C ALA F 299 -12.46 24.35 -26.99
N SER F 300 -13.30 23.77 -26.14
CA SER F 300 -13.39 22.32 -25.98
C SER F 300 -14.55 21.67 -26.73
N MET F 301 -15.60 22.42 -27.06
CA MET F 301 -16.74 21.85 -27.75
C MET F 301 -16.45 21.68 -29.25
N PRO F 302 -17.19 20.80 -29.93
CA PRO F 302 -17.00 20.64 -31.37
C PRO F 302 -17.36 21.91 -32.14
N CYS F 303 -17.00 21.93 -33.42
CA CYS F 303 -17.25 23.06 -34.30
C CYS F 303 -18.54 22.87 -35.13
N THR F 304 -19.01 23.97 -35.70
CA THR F 304 -20.19 24.00 -36.54
C THR F 304 -19.86 24.73 -37.84
N LEU F 305 -20.60 24.42 -38.92
CA LEU F 305 -20.23 24.91 -40.26
C LEU F 305 -20.59 26.37 -40.55
N VAL F 306 -21.89 26.66 -40.65
CA VAL F 306 -22.44 27.95 -41.07
C VAL F 306 -21.77 28.48 -42.33
N PRO F 307 -22.08 27.95 -43.51
CA PRO F 307 -21.44 28.41 -44.76
C PRO F 307 -21.76 29.87 -45.10
I IOD G . -7.19 42.52 50.12
CL CL H . -15.13 26.86 31.18
NA NA I . 2.09 32.86 58.91
NA NA J . -1.08 40.55 60.07
CL CL K . 17.48 -13.64 25.80
CL CL L . 11.13 -15.63 14.27
NA NA M . 2.06 -34.05 15.71
I IOD N . -14.62 3.57 -14.26
CL CL O . 1.60 2.54 9.18
C1 EDO P . 9.18 -36.10 -29.45
O1 EDO P . 9.64 -36.17 -30.80
C2 EDO P . 7.71 -36.50 -29.44
O2 EDO P . 6.96 -35.52 -30.15
I IOD Q . 2.46 -47.06 -33.50
NA NA R . -12.69 -28.67 -25.77
I IOD S . 17.67 -13.77 -51.60
CL CL T . 6.67 -3.92 -34.19
CL CL U . 14.99 0.00 -34.13
CL CL V . 5.99 -28.38 -67.73
I IOD W . 7.28 9.83 5.01
CL CL X . -9.74 19.97 -20.95
CL CL Y . 1.89 12.95 -6.55
CL CL Z . -20.46 16.16 -39.00
#